data_3T1S
# 
_entry.id   3T1S 
# 
_audit_conform.dict_name       mmcif_pdbx.dic 
_audit_conform.dict_version    5.379 
_audit_conform.dict_location   http://mmcif.pdb.org/dictionaries/ascii/mmcif_pdbx.dic 
# 
loop_
_database_2.database_id 
_database_2.database_code 
_database_2.pdbx_database_accession 
_database_2.pdbx_DOI 
PDB   3T1S         pdb_00003t1s 10.2210/pdb3t1s/pdb 
RCSB  RCSB066928   ?            ?                   
WWPDB D_1000066928 ?            ?                   
# 
loop_
_pdbx_database_related.db_name 
_pdbx_database_related.db_id 
_pdbx_database_related.details 
_pdbx_database_related.content_type 
PDB 3T12 . unspecified 
PDB 3T1O . unspecified 
PDB 3T1Q . unspecified 
PDB 3T1R . unspecified 
PDB 3T1T . unspecified 
PDB 3T1V . unspecified 
PDB 3T1X . unspecified 
# 
_pdbx_database_status.status_code                     REL 
_pdbx_database_status.entry_id                        3T1S 
_pdbx_database_status.recvd_initial_deposition_date   2011-07-22 
_pdbx_database_status.deposit_site                    RCSB 
_pdbx_database_status.process_site                    RCSB 
_pdbx_database_status.status_code_sf                  REL 
_pdbx_database_status.status_code_mr                  ? 
_pdbx_database_status.SG_entry                        ? 
_pdbx_database_status.status_code_cs                  ? 
_pdbx_database_status.pdb_format_compatible           Y 
_pdbx_database_status.status_code_nmr_data            ? 
_pdbx_database_status.methods_development_category    ? 
# 
loop_
_audit_author.name 
_audit_author.pdbx_ordinal 
'Miertzschke, M.'  1 
'Vetter, I.R.'     2 
'Koerner, C.'      3 
'Wittinghofer, A.' 4 
# 
_citation.id                        primary 
_citation.title                     
'Structural analysis of the Ras-like G protein MglA and its cognate GAP MglB and implications for bacterial polarity.' 
_citation.journal_abbrev            'Embo J.' 
_citation.journal_volume            30 
_citation.page_first                4185 
_citation.page_last                 4197 
_citation.year                      2011 
_citation.journal_id_ASTM           EMJODG 
_citation.country                   UK 
_citation.journal_id_ISSN           0261-4189 
_citation.journal_id_CSD            0897 
_citation.book_publisher            ? 
_citation.pdbx_database_id_PubMed   21847100 
_citation.pdbx_database_id_DOI      10.1038/emboj.2011.291 
# 
loop_
_citation_author.citation_id 
_citation_author.name 
_citation_author.ordinal 
_citation_author.identifier_ORCID 
primary 'Miertzschke, M.'      1 ? 
primary 'Koerner, C.'          2 ? 
primary 'Vetter, I.R.'         3 ? 
primary 'Keilberg, D.'         4 ? 
primary 'Hot, E.'              5 ? 
primary 'Leonardy, S.'         6 ? 
primary 'Sogaard-Andersen, L.' 7 ? 
primary 'Wittinghofer, A.'     8 ? 
# 
_cell.entry_id           3T1S 
_cell.length_a           36.150 
_cell.length_b           36.150 
_cell.length_c           308.770 
_cell.angle_alpha        90.00 
_cell.angle_beta         90.00 
_cell.angle_gamma        120.00 
_cell.Z_PDB              12 
_cell.pdbx_unique_axis   ? 
_cell.length_a_esd       ? 
_cell.length_b_esd       ? 
_cell.length_c_esd       ? 
_cell.angle_alpha_esd    ? 
_cell.angle_beta_esd     ? 
_cell.angle_gamma_esd    ? 
# 
_symmetry.entry_id                         3T1S 
_symmetry.space_group_name_H-M             'P 65 2 2' 
_symmetry.pdbx_full_space_group_name_H-M   ? 
_symmetry.cell_setting                     ? 
_symmetry.Int_Tables_number                179 
_symmetry.space_group_name_Hall            ? 
# 
loop_
_entity.id 
_entity.type 
_entity.src_method 
_entity.pdbx_description 
_entity.formula_weight 
_entity.pdbx_number_of_molecules 
_entity.pdbx_ec 
_entity.pdbx_mutation 
_entity.pdbx_fragment 
_entity.details 
1 polymer man 'Gliding protein MglB' 14700.823 1  ? ? 'MglB GAP amino acid 6-139' ? 
2 water   nat water                  18.015    61 ? ? ?                           ? 
# 
_entity_poly.entity_id                      1 
_entity_poly.type                           'polypeptide(L)' 
_entity_poly.nstd_linkage                   no 
_entity_poly.nstd_monomer                   no 
_entity_poly.pdbx_seq_one_letter_code       
;GSLVLYGAPYERAVEVLEETLRETGARYALLIDRKGFVLAHKEALWAPKPPPLDTLATLVASNAAATQALAKLLGEARFQ
EEVHQGERMGLYVDEAGEHALLVLVFDETAPLGKVKLHGKRAAEALARIAEEALAN
;
_entity_poly.pdbx_seq_one_letter_code_can   
;GSLVLYGAPYERAVEVLEETLRETGARYALLIDRKGFVLAHKEALWAPKPPPLDTLATLVASNAAATQALAKLLGEARFQ
EEVHQGERMGLYVDEAGEHALLVLVFDETAPLGKVKLHGKRAAEALARIAEEALAN
;
_entity_poly.pdbx_strand_id                 A 
_entity_poly.pdbx_target_identifier         ? 
# 
loop_
_entity_poly_seq.entity_id 
_entity_poly_seq.num 
_entity_poly_seq.mon_id 
_entity_poly_seq.hetero 
1 1   GLY n 
1 2   SER n 
1 3   LEU n 
1 4   VAL n 
1 5   LEU n 
1 6   TYR n 
1 7   GLY n 
1 8   ALA n 
1 9   PRO n 
1 10  TYR n 
1 11  GLU n 
1 12  ARG n 
1 13  ALA n 
1 14  VAL n 
1 15  GLU n 
1 16  VAL n 
1 17  LEU n 
1 18  GLU n 
1 19  GLU n 
1 20  THR n 
1 21  LEU n 
1 22  ARG n 
1 23  GLU n 
1 24  THR n 
1 25  GLY n 
1 26  ALA n 
1 27  ARG n 
1 28  TYR n 
1 29  ALA n 
1 30  LEU n 
1 31  LEU n 
1 32  ILE n 
1 33  ASP n 
1 34  ARG n 
1 35  LYS n 
1 36  GLY n 
1 37  PHE n 
1 38  VAL n 
1 39  LEU n 
1 40  ALA n 
1 41  HIS n 
1 42  LYS n 
1 43  GLU n 
1 44  ALA n 
1 45  LEU n 
1 46  TRP n 
1 47  ALA n 
1 48  PRO n 
1 49  LYS n 
1 50  PRO n 
1 51  PRO n 
1 52  PRO n 
1 53  LEU n 
1 54  ASP n 
1 55  THR n 
1 56  LEU n 
1 57  ALA n 
1 58  THR n 
1 59  LEU n 
1 60  VAL n 
1 61  ALA n 
1 62  SER n 
1 63  ASN n 
1 64  ALA n 
1 65  ALA n 
1 66  ALA n 
1 67  THR n 
1 68  GLN n 
1 69  ALA n 
1 70  LEU n 
1 71  ALA n 
1 72  LYS n 
1 73  LEU n 
1 74  LEU n 
1 75  GLY n 
1 76  GLU n 
1 77  ALA n 
1 78  ARG n 
1 79  PHE n 
1 80  GLN n 
1 81  GLU n 
1 82  GLU n 
1 83  VAL n 
1 84  HIS n 
1 85  GLN n 
1 86  GLY n 
1 87  GLU n 
1 88  ARG n 
1 89  MET n 
1 90  GLY n 
1 91  LEU n 
1 92  TYR n 
1 93  VAL n 
1 94  ASP n 
1 95  GLU n 
1 96  ALA n 
1 97  GLY n 
1 98  GLU n 
1 99  HIS n 
1 100 ALA n 
1 101 LEU n 
1 102 LEU n 
1 103 VAL n 
1 104 LEU n 
1 105 VAL n 
1 106 PHE n 
1 107 ASP n 
1 108 GLU n 
1 109 THR n 
1 110 ALA n 
1 111 PRO n 
1 112 LEU n 
1 113 GLY n 
1 114 LYS n 
1 115 VAL n 
1 116 LYS n 
1 117 LEU n 
1 118 HIS n 
1 119 GLY n 
1 120 LYS n 
1 121 ARG n 
1 122 ALA n 
1 123 ALA n 
1 124 GLU n 
1 125 ALA n 
1 126 LEU n 
1 127 ALA n 
1 128 ARG n 
1 129 ILE n 
1 130 ALA n 
1 131 GLU n 
1 132 GLU n 
1 133 ALA n 
1 134 LEU n 
1 135 ALA n 
1 136 ASN n 
# 
_entity_src_gen.entity_id                          1 
_entity_src_gen.pdbx_src_id                        1 
_entity_src_gen.pdbx_alt_source_flag               sample 
_entity_src_gen.pdbx_seq_type                      ? 
_entity_src_gen.pdbx_beg_seq_num                   ? 
_entity_src_gen.pdbx_end_seq_num                   ? 
_entity_src_gen.gene_src_common_name               ? 
_entity_src_gen.gene_src_genus                     ? 
_entity_src_gen.pdbx_gene_src_gene                 TTHA1131 
_entity_src_gen.gene_src_species                   ? 
_entity_src_gen.gene_src_strain                    HB8 
_entity_src_gen.gene_src_tissue                    ? 
_entity_src_gen.gene_src_tissue_fraction           ? 
_entity_src_gen.gene_src_details                   ? 
_entity_src_gen.pdbx_gene_src_fragment             ? 
_entity_src_gen.pdbx_gene_src_scientific_name      'Thermus thermophilus' 
_entity_src_gen.pdbx_gene_src_ncbi_taxonomy_id     300852 
_entity_src_gen.pdbx_gene_src_variant              ? 
_entity_src_gen.pdbx_gene_src_cell_line            ? 
_entity_src_gen.pdbx_gene_src_atcc                 ? 
_entity_src_gen.pdbx_gene_src_organ                ? 
_entity_src_gen.pdbx_gene_src_organelle            ? 
_entity_src_gen.pdbx_gene_src_cell                 ? 
_entity_src_gen.pdbx_gene_src_cellular_location    ? 
_entity_src_gen.host_org_common_name               ? 
_entity_src_gen.pdbx_host_org_scientific_name      'Escherichia coli' 
_entity_src_gen.pdbx_host_org_ncbi_taxonomy_id     511693 
_entity_src_gen.host_org_genus                     ? 
_entity_src_gen.pdbx_host_org_gene                 ? 
_entity_src_gen.pdbx_host_org_organ                ? 
_entity_src_gen.host_org_species                   ? 
_entity_src_gen.pdbx_host_org_tissue               ? 
_entity_src_gen.pdbx_host_org_tissue_fraction      ? 
_entity_src_gen.pdbx_host_org_strain               'BL21 Codon Plus RIL' 
_entity_src_gen.pdbx_host_org_variant              ? 
_entity_src_gen.pdbx_host_org_cell_line            ? 
_entity_src_gen.pdbx_host_org_atcc                 ? 
_entity_src_gen.pdbx_host_org_culture_collection   ? 
_entity_src_gen.pdbx_host_org_cell                 ? 
_entity_src_gen.pdbx_host_org_organelle            ? 
_entity_src_gen.pdbx_host_org_cellular_location    ? 
_entity_src_gen.pdbx_host_org_vector_type          Plasmid 
_entity_src_gen.pdbx_host_org_vector               ? 
_entity_src_gen.host_org_details                   ? 
_entity_src_gen.expression_system_id               ? 
_entity_src_gen.plasmid_name                       pGexET 
_entity_src_gen.plasmid_details                    ? 
_entity_src_gen.pdbx_description                   ? 
# 
_struct_ref.id                         1 
_struct_ref.db_name                    UNP 
_struct_ref.db_code                    Q5SJ83_THET8 
_struct_ref.pdbx_db_accession          Q5SJ83 
_struct_ref.entity_id                  1 
_struct_ref.pdbx_seq_one_letter_code   
;LVLYGAPYERAVEVLEETLRETGARYALLIDRKGFVLAHKEALWAPKPPPLDTLATLVAGNAAATQALAKLLGEARFQEE
VHQGERMGLYVDEAGEHALLVLVFDETAPLGKVKLHGKRAAEALARIAEEALAN
;
_struct_ref.pdbx_align_begin           6 
_struct_ref.pdbx_db_isoform            ? 
# 
_struct_ref_seq.align_id                      1 
_struct_ref_seq.ref_id                        1 
_struct_ref_seq.pdbx_PDB_id_code              3T1S 
_struct_ref_seq.pdbx_strand_id                A 
_struct_ref_seq.seq_align_beg                 3 
_struct_ref_seq.pdbx_seq_align_beg_ins_code   ? 
_struct_ref_seq.seq_align_end                 136 
_struct_ref_seq.pdbx_seq_align_end_ins_code   ? 
_struct_ref_seq.pdbx_db_accession             Q5SJ83 
_struct_ref_seq.db_align_beg                  6 
_struct_ref_seq.pdbx_db_align_beg_ins_code    ? 
_struct_ref_seq.db_align_end                  139 
_struct_ref_seq.pdbx_db_align_end_ins_code    ? 
_struct_ref_seq.pdbx_auth_seq_align_beg       6 
_struct_ref_seq.pdbx_auth_seq_align_end       139 
# 
loop_
_struct_ref_seq_dif.align_id 
_struct_ref_seq_dif.pdbx_pdb_id_code 
_struct_ref_seq_dif.mon_id 
_struct_ref_seq_dif.pdbx_pdb_strand_id 
_struct_ref_seq_dif.seq_num 
_struct_ref_seq_dif.pdbx_pdb_ins_code 
_struct_ref_seq_dif.pdbx_seq_db_name 
_struct_ref_seq_dif.pdbx_seq_db_accession_code 
_struct_ref_seq_dif.db_mon_id 
_struct_ref_seq_dif.pdbx_seq_db_seq_num 
_struct_ref_seq_dif.details 
_struct_ref_seq_dif.pdbx_auth_seq_num 
_struct_ref_seq_dif.pdbx_ordinal 
1 3T1S GLY A 1  ? UNP Q5SJ83 ?   ?  'expression tag' 4  1 
1 3T1S SER A 2  ? UNP Q5SJ83 ?   ?  'expression tag' 5  2 
1 3T1S SER A 62 ? UNP Q5SJ83 GLY 65 variant          65 3 
# 
loop_
_chem_comp.id 
_chem_comp.type 
_chem_comp.mon_nstd_flag 
_chem_comp.name 
_chem_comp.pdbx_synonyms 
_chem_comp.formula 
_chem_comp.formula_weight 
ALA 'L-peptide linking' y ALANINE         ? 'C3 H7 N O2'     89.093  
ARG 'L-peptide linking' y ARGININE        ? 'C6 H15 N4 O2 1' 175.209 
ASN 'L-peptide linking' y ASPARAGINE      ? 'C4 H8 N2 O3'    132.118 
ASP 'L-peptide linking' y 'ASPARTIC ACID' ? 'C4 H7 N O4'     133.103 
GLN 'L-peptide linking' y GLUTAMINE       ? 'C5 H10 N2 O3'   146.144 
GLU 'L-peptide linking' y 'GLUTAMIC ACID' ? 'C5 H9 N O4'     147.129 
GLY 'peptide linking'   y GLYCINE         ? 'C2 H5 N O2'     75.067  
HIS 'L-peptide linking' y HISTIDINE       ? 'C6 H10 N3 O2 1' 156.162 
HOH non-polymer         . WATER           ? 'H2 O'           18.015  
ILE 'L-peptide linking' y ISOLEUCINE      ? 'C6 H13 N O2'    131.173 
LEU 'L-peptide linking' y LEUCINE         ? 'C6 H13 N O2'    131.173 
LYS 'L-peptide linking' y LYSINE          ? 'C6 H15 N2 O2 1' 147.195 
MET 'L-peptide linking' y METHIONINE      ? 'C5 H11 N O2 S'  149.211 
PHE 'L-peptide linking' y PHENYLALANINE   ? 'C9 H11 N O2'    165.189 
PRO 'L-peptide linking' y PROLINE         ? 'C5 H9 N O2'     115.130 
SER 'L-peptide linking' y SERINE          ? 'C3 H7 N O3'     105.093 
THR 'L-peptide linking' y THREONINE       ? 'C4 H9 N O3'     119.119 
TRP 'L-peptide linking' y TRYPTOPHAN      ? 'C11 H12 N2 O2'  204.225 
TYR 'L-peptide linking' y TYROSINE        ? 'C9 H11 N O3'    181.189 
VAL 'L-peptide linking' y VALINE          ? 'C5 H11 N O2'    117.146 
# 
_exptl.entry_id          3T1S 
_exptl.method            'X-RAY DIFFRACTION' 
_exptl.crystals_number   1 
# 
_exptl_crystal.id                    1 
_exptl_crystal.density_meas          ? 
_exptl_crystal.density_Matthews      1.98 
_exptl_crystal.density_percent_sol   37.91 
_exptl_crystal.description           ? 
_exptl_crystal.F_000                 ? 
_exptl_crystal.preparation           ? 
# 
_exptl_crystal_grow.crystal_id      1 
_exptl_crystal_grow.method          'VAPOR DIFFUSION, HANGING DROP' 
_exptl_crystal_grow.temp            293.15 
_exptl_crystal_grow.temp_details    ? 
_exptl_crystal_grow.pH              4.6 
_exptl_crystal_grow.pdbx_details    
'0.28M CaCl2, 7% Isopropanol, 30% Glycerol, 0.07 M Natrium-Acetate , pH 4.6, VAPOR DIFFUSION, HANGING DROP, temperature 293.15K' 
_exptl_crystal_grow.pdbx_pH_range   ? 
# 
_diffrn.id                     1 
_diffrn.ambient_temp           100 
_diffrn.ambient_temp_details   ? 
_diffrn.crystal_id             1 
# 
_diffrn_detector.diffrn_id              1 
_diffrn_detector.detector               PIXEL 
_diffrn_detector.type                   'DECTRIS PILATUS 6M' 
_diffrn_detector.pdbx_collection_date   2010-07-03 
_diffrn_detector.details                ? 
# 
_diffrn_radiation.diffrn_id                        1 
_diffrn_radiation.wavelength_id                    1 
_diffrn_radiation.pdbx_monochromatic_or_laue_m_l   M 
_diffrn_radiation.monochromator                    ? 
_diffrn_radiation.pdbx_diffrn_protocol             'SINGLE WAVELENGTH' 
_diffrn_radiation.pdbx_scattering_type             x-ray 
# 
_diffrn_radiation_wavelength.id           1 
_diffrn_radiation_wavelength.wavelength   0.9300 
_diffrn_radiation_wavelength.wt           1.0 
# 
_diffrn_source.diffrn_id                   1 
_diffrn_source.source                      SYNCHROTRON 
_diffrn_source.type                        'SLS BEAMLINE X10SA' 
_diffrn_source.pdbx_synchrotron_site       SLS 
_diffrn_source.pdbx_synchrotron_beamline   X10SA 
_diffrn_source.pdbx_wavelength             ? 
_diffrn_source.pdbx_wavelength_list        0.9300 
# 
_reflns.entry_id                     3T1S 
_reflns.observed_criterion_sigma_I   -3 
_reflns.observed_criterion_sigma_F   -3 
_reflns.d_resolution_low             31.3 
_reflns.d_resolution_high            1.67 
_reflns.number_obs                   15213 
_reflns.number_all                   15232 
_reflns.percent_possible_obs         99.9 
_reflns.pdbx_Rmerge_I_obs            ? 
_reflns.pdbx_Rsym_value              ? 
_reflns.pdbx_netI_over_sigmaI        ? 
_reflns.B_iso_Wilson_estimate        ? 
_reflns.pdbx_redundancy              ? 
_reflns.R_free_details               ? 
_reflns.limit_h_max                  ? 
_reflns.limit_h_min                  ? 
_reflns.limit_k_max                  ? 
_reflns.limit_k_min                  ? 
_reflns.limit_l_max                  ? 
_reflns.limit_l_min                  ? 
_reflns.observed_criterion_F_max     ? 
_reflns.observed_criterion_F_min     ? 
_reflns.pdbx_chi_squared             ? 
_reflns.pdbx_scaling_rejects         ? 
_reflns.pdbx_ordinal                 1 
_reflns.pdbx_diffrn_id               1 
# 
_reflns_shell.d_res_high             1.67 
_reflns_shell.d_res_low              1.71 
_reflns_shell.percent_possible_all   100.0 
_reflns_shell.Rmerge_I_obs           ? 
_reflns_shell.pdbx_Rsym_value        ? 
_reflns_shell.meanI_over_sigI_obs    ? 
_reflns_shell.pdbx_redundancy        ? 
_reflns_shell.percent_possible_obs   ? 
_reflns_shell.number_unique_all      ? 
_reflns_shell.number_measured_all    ? 
_reflns_shell.number_measured_obs    ? 
_reflns_shell.number_unique_obs      ? 
_reflns_shell.pdbx_chi_squared       ? 
_reflns_shell.pdbx_ordinal           1 
_reflns_shell.pdbx_diffrn_id         1 
# 
_refine.entry_id                                 3T1S 
_refine.ls_number_reflns_obs                     14452 
_refine.ls_number_reflns_all                     15232 
_refine.pdbx_ls_sigma_I                          ? 
_refine.pdbx_ls_sigma_F                          . 
_refine.pdbx_data_cutoff_high_absF               ? 
_refine.pdbx_data_cutoff_low_absF                ? 
_refine.pdbx_data_cutoff_high_rms_absF           ? 
_refine.ls_d_res_low                             31.3 
_refine.ls_d_res_high                            1.67 
_refine.ls_percent_reflns_obs                    100.00 
_refine.ls_R_factor_obs                          0.22120 
_refine.ls_R_factor_all                          0.252 
_refine.ls_R_factor_R_work                       0.21859 
_refine.ls_R_factor_R_free                       0.27229 
_refine.ls_R_factor_R_free_error                 ? 
_refine.ls_R_factor_R_free_error_details         ? 
_refine.ls_percent_reflns_R_free                 5.0 
_refine.ls_number_reflns_R_free                  761 
_refine.ls_number_parameters                     ? 
_refine.ls_number_restraints                     ? 
_refine.occupancy_min                            ? 
_refine.occupancy_max                            ? 
_refine.correlation_coeff_Fo_to_Fc               0.949 
_refine.correlation_coeff_Fo_to_Fc_free          0.923 
_refine.B_iso_mean                               24.373 
_refine.aniso_B[1][1]                            1.16 
_refine.aniso_B[2][2]                            1.16 
_refine.aniso_B[3][3]                            -1.73 
_refine.aniso_B[1][2]                            0.58 
_refine.aniso_B[1][3]                            0.00 
_refine.aniso_B[2][3]                            0.00 
_refine.solvent_model_details                    MASK 
_refine.solvent_model_param_ksol                 ? 
_refine.solvent_model_param_bsol                 ? 
_refine.pdbx_solvent_vdw_probe_radii             1.40 
_refine.pdbx_solvent_ion_probe_radii             0.80 
_refine.pdbx_solvent_shrinkage_radii             0.80 
_refine.pdbx_ls_cross_valid_method               THROUGHOUT 
_refine.details                                  'HYDROGENS HAVE BEEN ADDED IN THE RIDING POSITIONS' 
_refine.pdbx_starting_model                      1J3W 
_refine.pdbx_method_to_determine_struct          'MOLECULAR REPLACEMENT' 
_refine.pdbx_isotropic_thermal_model             ? 
_refine.pdbx_stereochemistry_target_values       'MAXIMUM LIKELIHOOD' 
_refine.pdbx_stereochem_target_val_spec_case     ? 
_refine.pdbx_R_Free_selection_details            RANDOM 
_refine.pdbx_overall_ESU_R_Free                  0.132 
_refine.overall_SU_ML                            0.084 
_refine.pdbx_overall_phase_error                 ? 
_refine.overall_SU_B                             2.458 
_refine.overall_SU_R_Cruickshank_DPI             ? 
_refine.ls_redundancy_reflns_obs                 ? 
_refine.B_iso_min                                ? 
_refine.B_iso_max                                ? 
_refine.overall_SU_R_free                        ? 
_refine.ls_wR_factor_R_free                      ? 
_refine.ls_wR_factor_R_work                      ? 
_refine.overall_FOM_free_R_set                   ? 
_refine.overall_FOM_work_R_set                   ? 
_refine.pdbx_diffrn_id                           1 
_refine.pdbx_refine_id                           'X-RAY DIFFRACTION' 
_refine.pdbx_overall_ESU_R                       ? 
_refine.pdbx_TLS_residual_ADP_flag               ? 
_refine.pdbx_overall_SU_R_free_Cruickshank_DPI   ? 
_refine.pdbx_overall_SU_R_Blow_DPI               ? 
_refine.pdbx_overall_SU_R_free_Blow_DPI          ? 
# 
_refine_hist.pdbx_refine_id                   'X-RAY DIFFRACTION' 
_refine_hist.cycle_id                         LAST 
_refine_hist.pdbx_number_atoms_protein        1015 
_refine_hist.pdbx_number_atoms_nucleic_acid   0 
_refine_hist.pdbx_number_atoms_ligand         0 
_refine_hist.number_atoms_solvent             61 
_refine_hist.number_atoms_total               1076 
_refine_hist.d_res_high                       1.67 
_refine_hist.d_res_low                        31.3 
# 
loop_
_refine_ls_restr.type 
_refine_ls_restr.dev_ideal 
_refine_ls_restr.dev_ideal_target 
_refine_ls_restr.weight 
_refine_ls_restr.number 
_refine_ls_restr.pdbx_restraint_function 
_refine_ls_restr.pdbx_refine_id 
r_bond_refined_d             0.023  0.022  ? 1140 ? 'X-RAY DIFFRACTION' 
r_bond_other_d               ?      ?      ? ?    ? 'X-RAY DIFFRACTION' 
r_angle_refined_deg          2.118  1.997  ? 1566 ? 'X-RAY DIFFRACTION' 
r_angle_other_deg            ?      ?      ? ?    ? 'X-RAY DIFFRACTION' 
r_dihedral_angle_1_deg       5.963  5.000  ? 158  ? 'X-RAY DIFFRACTION' 
r_dihedral_angle_2_deg       35.763 23.519 ? 54   ? 'X-RAY DIFFRACTION' 
r_dihedral_angle_3_deg       17.687 15.000 ? 206  ? 'X-RAY DIFFRACTION' 
r_dihedral_angle_4_deg       17.245 15.000 ? 11   ? 'X-RAY DIFFRACTION' 
r_chiral_restr               0.150  0.200  ? 180  ? 'X-RAY DIFFRACTION' 
r_gen_planes_refined         0.010  0.021  ? 880  ? 'X-RAY DIFFRACTION' 
r_gen_planes_other           ?      ?      ? ?    ? 'X-RAY DIFFRACTION' 
r_nbd_refined                ?      ?      ? ?    ? 'X-RAY DIFFRACTION' 
r_nbd_other                  ?      ?      ? ?    ? 'X-RAY DIFFRACTION' 
r_nbtor_refined              ?      ?      ? ?    ? 'X-RAY DIFFRACTION' 
r_nbtor_other                ?      ?      ? ?    ? 'X-RAY DIFFRACTION' 
r_xyhbond_nbd_refined        ?      ?      ? ?    ? 'X-RAY DIFFRACTION' 
r_xyhbond_nbd_other          ?      ?      ? ?    ? 'X-RAY DIFFRACTION' 
r_metal_ion_refined          ?      ?      ? ?    ? 'X-RAY DIFFRACTION' 
r_metal_ion_other            ?      ?      ? ?    ? 'X-RAY DIFFRACTION' 
r_symmetry_vdw_refined       ?      ?      ? ?    ? 'X-RAY DIFFRACTION' 
r_symmetry_vdw_other         ?      ?      ? ?    ? 'X-RAY DIFFRACTION' 
r_symmetry_hbond_refined     ?      ?      ? ?    ? 'X-RAY DIFFRACTION' 
r_symmetry_hbond_other       ?      ?      ? ?    ? 'X-RAY DIFFRACTION' 
r_symmetry_metal_ion_refined ?      ?      ? ?    ? 'X-RAY DIFFRACTION' 
r_symmetry_metal_ion_other   ?      ?      ? ?    ? 'X-RAY DIFFRACTION' 
r_mcbond_it                  1.453  1.500  ? 706  ? 'X-RAY DIFFRACTION' 
r_mcbond_other               ?      ?      ? ?    ? 'X-RAY DIFFRACTION' 
r_mcangle_it                 2.382  2.000  ? 1134 ? 'X-RAY DIFFRACTION' 
r_scbond_it                  3.731  3.000  ? 434  ? 'X-RAY DIFFRACTION' 
r_scangle_it                 5.872  4.500  ? 419  ? 'X-RAY DIFFRACTION' 
r_rigid_bond_restr           ?      ?      ? ?    ? 'X-RAY DIFFRACTION' 
r_sphericity_free            ?      ?      ? ?    ? 'X-RAY DIFFRACTION' 
r_sphericity_bonded          ?      ?      ? ?    ? 'X-RAY DIFFRACTION' 
# 
_refine_ls_shell.pdbx_total_number_of_bins_used   20 
_refine_ls_shell.d_res_high                       1.670 
_refine_ls_shell.d_res_low                        1.713 
_refine_ls_shell.number_reflns_R_work             1035 
_refine_ls_shell.R_factor_R_work                  0.291 
_refine_ls_shell.percent_reflns_obs               100.00 
_refine_ls_shell.R_factor_R_free                  0.300 
_refine_ls_shell.R_factor_R_free_error            ? 
_refine_ls_shell.percent_reflns_R_free            ? 
_refine_ls_shell.number_reflns_R_free             54 
_refine_ls_shell.number_reflns_all                ? 
_refine_ls_shell.R_factor_all                     ? 
_refine_ls_shell.number_reflns_obs                ? 
_refine_ls_shell.redundancy_reflns_obs            ? 
_refine_ls_shell.pdbx_refine_id                   'X-RAY DIFFRACTION' 
# 
_struct.entry_id                  3T1S 
_struct.title                     'MglB Homodimer' 
_struct.pdbx_model_details        ? 
_struct.pdbx_CASP_flag            ? 
_struct.pdbx_model_type_details   ? 
# 
_struct_keywords.entry_id        3T1S 
_struct_keywords.pdbx_keywords   'SIGNALING PROTEIN' 
_struct_keywords.text            
;GTPase activating protein, bacterial polarity, motility, Pole localisation, alpha/beta protein, catalytic GAP domain, Homodimer, SIGNALING PROTEIN
;
# 
loop_
_struct_asym.id 
_struct_asym.pdbx_blank_PDB_chainid_flag 
_struct_asym.pdbx_modified 
_struct_asym.entity_id 
_struct_asym.details 
A N N 1 ? 
B N N 2 ? 
# 
_struct_biol.id        1 
_struct_biol.details   ? 
# 
loop_
_struct_conf.conf_type_id 
_struct_conf.id 
_struct_conf.pdbx_PDB_helix_id 
_struct_conf.beg_label_comp_id 
_struct_conf.beg_label_asym_id 
_struct_conf.beg_label_seq_id 
_struct_conf.pdbx_beg_PDB_ins_code 
_struct_conf.end_label_comp_id 
_struct_conf.end_label_asym_id 
_struct_conf.end_label_seq_id 
_struct_conf.pdbx_end_PDB_ins_code 
_struct_conf.beg_auth_comp_id 
_struct_conf.beg_auth_asym_id 
_struct_conf.beg_auth_seq_id 
_struct_conf.end_auth_comp_id 
_struct_conf.end_auth_asym_id 
_struct_conf.end_auth_seq_id 
_struct_conf.pdbx_PDB_helix_class 
_struct_conf.details 
_struct_conf.pdbx_PDB_helix_length 
HELX_P HELX_P1 1 TYR A 6   ? GLY A 25  ? TYR A 9   GLY A 28  1 ? 20 
HELX_P HELX_P2 2 PRO A 52  ? THR A 67  ? PRO A 55  THR A 70  1 ? 16 
HELX_P HELX_P3 3 THR A 67  ? LEU A 74  ? THR A 70  LEU A 77  1 ? 8  
HELX_P HELX_P4 4 PRO A 111 ? LEU A 134 ? PRO A 114 LEU A 137 1 ? 24 
# 
_struct_conf_type.id          HELX_P 
_struct_conf_type.criteria    ? 
_struct_conf_type.reference   ? 
# 
_struct_sheet.id               A 
_struct_sheet.type             ? 
_struct_sheet.number_strands   5 
_struct_sheet.details          ? 
# 
loop_
_struct_sheet_order.sheet_id 
_struct_sheet_order.range_id_1 
_struct_sheet_order.range_id_2 
_struct_sheet_order.offset 
_struct_sheet_order.sense 
A 1 2 ? anti-parallel 
A 2 3 ? anti-parallel 
A 3 4 ? anti-parallel 
A 4 5 ? anti-parallel 
# 
loop_
_struct_sheet_range.sheet_id 
_struct_sheet_range.id 
_struct_sheet_range.beg_label_comp_id 
_struct_sheet_range.beg_label_asym_id 
_struct_sheet_range.beg_label_seq_id 
_struct_sheet_range.pdbx_beg_PDB_ins_code 
_struct_sheet_range.end_label_comp_id 
_struct_sheet_range.end_label_asym_id 
_struct_sheet_range.end_label_seq_id 
_struct_sheet_range.pdbx_end_PDB_ins_code 
_struct_sheet_range.beg_auth_comp_id 
_struct_sheet_range.beg_auth_asym_id 
_struct_sheet_range.beg_auth_seq_id 
_struct_sheet_range.end_auth_comp_id 
_struct_sheet_range.end_auth_asym_id 
_struct_sheet_range.end_auth_seq_id 
A 1 VAL A 38  ? GLU A 43  ? VAL A 41  GLU A 46  
A 2 TYR A 28  ? ASP A 33  ? TYR A 31  ASP A 36  
A 3 ALA A 100 ? PHE A 106 ? ALA A 103 PHE A 109 
A 4 GLY A 90  ? GLU A 95  ? GLY A 93  GLU A 98  
A 5 GLU A 81  ? GLN A 85  ? GLU A 84  GLN A 88  
# 
loop_
_pdbx_struct_sheet_hbond.sheet_id 
_pdbx_struct_sheet_hbond.range_id_1 
_pdbx_struct_sheet_hbond.range_id_2 
_pdbx_struct_sheet_hbond.range_1_label_atom_id 
_pdbx_struct_sheet_hbond.range_1_label_comp_id 
_pdbx_struct_sheet_hbond.range_1_label_asym_id 
_pdbx_struct_sheet_hbond.range_1_label_seq_id 
_pdbx_struct_sheet_hbond.range_1_PDB_ins_code 
_pdbx_struct_sheet_hbond.range_1_auth_atom_id 
_pdbx_struct_sheet_hbond.range_1_auth_comp_id 
_pdbx_struct_sheet_hbond.range_1_auth_asym_id 
_pdbx_struct_sheet_hbond.range_1_auth_seq_id 
_pdbx_struct_sheet_hbond.range_2_label_atom_id 
_pdbx_struct_sheet_hbond.range_2_label_comp_id 
_pdbx_struct_sheet_hbond.range_2_label_asym_id 
_pdbx_struct_sheet_hbond.range_2_label_seq_id 
_pdbx_struct_sheet_hbond.range_2_PDB_ins_code 
_pdbx_struct_sheet_hbond.range_2_auth_atom_id 
_pdbx_struct_sheet_hbond.range_2_auth_comp_id 
_pdbx_struct_sheet_hbond.range_2_auth_asym_id 
_pdbx_struct_sheet_hbond.range_2_auth_seq_id 
A 1 2 O LYS A 42  ? O LYS A 45  N ALA A 29  ? N ALA A 32  
A 2 3 N LEU A 30  ? N LEU A 33  O VAL A 103 ? O VAL A 106 
A 3 4 O LEU A 102 ? O LEU A 105 N ASP A 94  ? N ASP A 97  
A 4 5 O LEU A 91  ? O LEU A 94  N HIS A 84  ? N HIS A 87  
# 
_atom_sites.entry_id                    3T1S 
_atom_sites.fract_transf_matrix[1][1]   0.01445177 
_atom_sites.fract_transf_matrix[1][2]   -0.02806005 
_atom_sites.fract_transf_matrix[1][3]   0.00490861 
_atom_sites.fract_transf_matrix[2][1]   0.02966499 
_atom_sites.fract_transf_matrix[2][2]   -0.00083540 
_atom_sites.fract_transf_matrix[2][3]   0.01181449 
_atom_sites.fract_transf_matrix[3][1]   -0.00120018 
_atom_sites.fract_transf_matrix[3][2]   -0.00009210 
_atom_sites.fract_transf_matrix[3][3]   0.00300702 
_atom_sites.fract_transf_vector[1]      -0.189145 
_atom_sites.fract_transf_vector[2]      0.374724 
_atom_sites.fract_transf_vector[3]      -0.043532 
# 
loop_
_atom_type.symbol 
C 
N 
O 
S 
# 
loop_
_atom_site.group_PDB 
_atom_site.id 
_atom_site.type_symbol 
_atom_site.label_atom_id 
_atom_site.label_alt_id 
_atom_site.label_comp_id 
_atom_site.label_asym_id 
_atom_site.label_entity_id 
_atom_site.label_seq_id 
_atom_site.pdbx_PDB_ins_code 
_atom_site.Cartn_x 
_atom_site.Cartn_y 
_atom_site.Cartn_z 
_atom_site.occupancy 
_atom_site.B_iso_or_equiv 
_atom_site.pdbx_formal_charge 
_atom_site.auth_seq_id 
_atom_site.auth_comp_id 
_atom_site.auth_asym_id 
_atom_site.auth_atom_id 
_atom_site.pdbx_PDB_model_num 
ATOM   1    N N   . SER A 1 2   ? 5.166   -3.699  19.570  1.00 40.16  ? 5   SER A N   1 
ATOM   2    C CA  . SER A 1 2   ? 4.279   -4.764  19.012  1.00 40.10  ? 5   SER A CA  1 
ATOM   3    C C   . SER A 1 2   ? 4.903   -5.477  17.811  1.00 39.49  ? 5   SER A C   1 
ATOM   4    O O   . SER A 1 2   ? 5.650   -4.869  17.017  1.00 38.92  ? 5   SER A O   1 
ATOM   5    C CB  . SER A 1 2   ? 2.891   -4.197  18.684  1.00 40.46  ? 5   SER A CB  1 
ATOM   6    O OG  . SER A 1 2   ? 2.427   -3.491  19.844  1.00 44.61  ? 5   SER A OG  1 
ATOM   7    N N   . LEU A 1 3   ? 4.621   -6.772  17.686  1.00 38.27  ? 6   LEU A N   1 
ATOM   8    C CA  . LEU A 1 3   ? 5.057   -7.551  16.503  1.00 37.41  ? 6   LEU A CA  1 
ATOM   9    C C   . LEU A 1 3   ? 3.878   -7.750  15.506  1.00 35.88  ? 6   LEU A C   1 
ATOM   10   O O   . LEU A 1 3   ? 4.060   -8.206  14.383  1.00 36.57  ? 6   LEU A O   1 
ATOM   11   C CB  . LEU A 1 3   ? 5.602   -8.932  16.950  1.00 37.88  ? 6   LEU A CB  1 
ATOM   12   C CG  . LEU A 1 3   ? 6.777   -9.047  17.923  1.00 41.12  ? 6   LEU A CG  1 
ATOM   13   C CD1 . LEU A 1 3   ? 6.969   -10.503 18.316  1.00 41.65  ? 6   LEU A CD1 1 
ATOM   14   C CD2 . LEU A 1 3   ? 8.079   -8.471  17.341  1.00 42.82  ? 6   LEU A CD2 1 
ATOM   15   N N   . VAL A 1 4   ? 2.673   -7.458  15.990  1.00 32.71  ? 7   VAL A N   1 
ATOM   16   C CA  . VAL A 1 4   ? 1.432   -7.611  15.269  1.00 28.85  ? 7   VAL A CA  1 
ATOM   17   C C   . VAL A 1 4   ? 0.823   -6.248  15.500  1.00 25.58  ? 7   VAL A C   1 
ATOM   18   O O   . VAL A 1 4   ? 1.021   -5.698  16.567  1.00 25.87  ? 7   VAL A O   1 
ATOM   19   C CB  . VAL A 1 4   ? 0.530   -8.686  16.050  1.00 28.03  ? 7   VAL A CB  1 
ATOM   20   C CG1 . VAL A 1 4   ? -0.801  -8.891  15.411  1.00 26.83  ? 7   VAL A CG1 1 
ATOM   21   C CG2 . VAL A 1 4   ? 1.219   -10.033 16.165  1.00 30.32  ? 7   VAL A CG2 1 
ATOM   22   N N   . LEU A 1 5   ? 0.046   -5.701  14.566  1.00 24.69  ? 8   LEU A N   1 
ATOM   23   C CA  . LEU A 1 5   ? -0.735  -4.519  14.902  1.00 21.37  ? 8   LEU A CA  1 
ATOM   24   C C   . LEU A 1 5   ? -2.046  -5.000  15.513  1.00 19.59  ? 8   LEU A C   1 
ATOM   25   O O   . LEU A 1 5   ? -2.779  -5.717  14.840  1.00 18.34  ? 8   LEU A O   1 
ATOM   26   C CB  . LEU A 1 5   ? -1.120  -3.740  13.619  1.00 25.92  ? 8   LEU A CB  1 
ATOM   27   C CG  . LEU A 1 5   ? -0.527  -2.408  13.197  1.00 25.67  ? 8   LEU A CG  1 
ATOM   28   C CD1 . LEU A 1 5   ? -1.502  -1.875  12.043  1.00 22.00  ? 8   LEU A CD1 1 
ATOM   29   C CD2 . LEU A 1 5   ? -0.332  -1.448  14.257  1.00 21.98  ? 8   LEU A CD2 1 
ATOM   30   N N   . TYR A 1 6   ? -2.344  -4.614  16.735  1.00 18.83  ? 9   TYR A N   1 
ATOM   31   C CA  . TYR A 1 6   ? -3.605  -4.978  17.377  1.00 20.65  ? 9   TYR A CA  1 
ATOM   32   C C   . TYR A 1 6   ? -4.046  -3.797  18.238  1.00 20.97  ? 9   TYR A C   1 
ATOM   33   O O   . TYR A 1 6   ? -3.358  -2.778  18.320  1.00 20.78  ? 9   TYR A O   1 
ATOM   34   C CB  . TYR A 1 6   ? -3.413  -6.246  18.227  1.00 20.99  ? 9   TYR A CB  1 
ATOM   35   C CG  . TYR A 1 6   ? -2.477  -6.058  19.368  1.00 20.88  ? 9   TYR A CG  1 
ATOM   36   C CD1 . TYR A 1 6   ? -1.131  -6.362  19.219  1.00 24.43  ? 9   TYR A CD1 1 
ATOM   37   C CD2 . TYR A 1 6   ? -2.931  -5.565  20.631  1.00 25.29  ? 9   TYR A CD2 1 
ATOM   38   C CE1 . TYR A 1 6   ? -0.234  -6.192  20.295  1.00 26.29  ? 9   TYR A CE1 1 
ATOM   39   C CE2 . TYR A 1 6   ? -2.009  -5.389  21.691  1.00 28.76  ? 9   TYR A CE2 1 
ATOM   40   C CZ  . TYR A 1 6   ? -0.713  -5.734  21.510  1.00 30.11  ? 9   TYR A CZ  1 
ATOM   41   O OH  . TYR A 1 6   ? 0.176   -5.539  22.553  1.00 30.84  ? 9   TYR A OH  1 
ATOM   42   N N   . GLY A 1 7   ? -5.247  -3.876  18.816  1.00 19.35  ? 10  GLY A N   1 
ATOM   43   C CA  . GLY A 1 7   ? -5.793  -2.852  19.674  1.00 18.44  ? 10  GLY A CA  1 
ATOM   44   C C   . GLY A 1 7   ? -5.978  -1.523  18.979  1.00 18.09  ? 10  GLY A C   1 
ATOM   45   O O   . GLY A 1 7   ? -6.262  -1.486  17.786  1.00 19.70  ? 10  GLY A O   1 
ATOM   46   N N   . ALA A 1 8   ? -5.910  -0.426  19.703  1.00 18.05  ? 11  ALA A N   1 
ATOM   47   C CA  . ALA A 1 8   ? -6.264  0.867   19.144  1.00 17.30  ? 11  ALA A CA  1 
ATOM   48   C C   . ALA A 1 8   ? -5.460  1.245   17.844  1.00 17.77  ? 11  ALA A C   1 
ATOM   49   O O   . ALA A 1 8   ? -6.067  1.705   16.907  1.00 18.19  ? 11  ALA A O   1 
ATOM   50   C CB  . ALA A 1 8   ? -6.026  1.937   20.196  1.00 18.94  ? 11  ALA A CB  1 
ATOM   51   N N   . PRO A 1 9   ? -4.122  1.020   17.809  1.00 17.20  ? 12  PRO A N   1 
ATOM   52   C CA  . PRO A 1 9   ? -3.410  1.229   16.525  1.00 16.64  ? 12  PRO A CA  1 
ATOM   53   C C   . PRO A 1 9   ? -4.007  0.463   15.346  1.00 16.93  ? 12  PRO A C   1 
ATOM   54   O O   . PRO A 1 9   ? -4.163  1.036   14.240  1.00 16.80  ? 12  PRO A O   1 
ATOM   55   C CB  . PRO A 1 9   ? -1.983  0.788   16.832  1.00 16.67  ? 12  PRO A CB  1 
ATOM   56   C CG  . PRO A 1 9   ? -1.891  0.959   18.351  1.00 19.20  ? 12  PRO A CG  1 
ATOM   57   C CD  . PRO A 1 9   ? -3.188  0.510   18.851  1.00 17.69  ? 12  PRO A CD  1 
ATOM   58   N N   . TYR A 1 10  ? -4.376  -0.779  15.571  1.00 16.11  ? 13  TYR A N   1 
ATOM   59   C CA  . TYR A 1 10  ? -5.011  -1.557  14.539  1.00 16.40  ? 13  TYR A CA  1 
ATOM   60   C C   . TYR A 1 10  ? -6.357  -0.883  14.110  1.00 16.18  ? 13  TYR A C   1 
ATOM   61   O O   . TYR A 1 10  ? -6.655  -0.747  12.920  1.00 15.41  ? 13  TYR A O   1 
ATOM   62   C CB  . TYR A 1 10  ? -5.146  -3.030  14.972  1.00 13.59  ? 13  TYR A CB  1 
ATOM   63   C CG  . TYR A 1 10  ? -5.989  -3.808  14.010  1.00 14.00  ? 13  TYR A CG  1 
ATOM   64   C CD1 . TYR A 1 10  ? -5.485  -4.141  12.754  1.00 12.23  ? 13  TYR A CD1 1 
ATOM   65   C CD2 . TYR A 1 10  ? -7.333  -4.034  14.274  1.00 15.23  ? 13  TYR A CD2 1 
ATOM   66   C CE1 . TYR A 1 10  ? -6.288  -4.895  11.821  1.00 15.66  ? 13  TYR A CE1 1 
ATOM   67   C CE2 . TYR A 1 10  ? -8.154  -4.792  13.403  1.00 13.93  ? 13  TYR A CE2 1 
ATOM   68   C CZ  . TYR A 1 10  ? -7.625  -5.207  12.178  1.00 16.05  ? 13  TYR A CZ  1 
ATOM   69   O OH  . TYR A 1 10  ? -8.491  -5.877  11.319  1.00 17.14  ? 13  TYR A OH  1 
ATOM   70   N N   . GLU A 1 11  ? -7.132  -0.471  15.093  1.00 16.18  ? 14  GLU A N   1 
ATOM   71   C CA  . GLU A 1 11  ? -8.406  0.158   14.846  1.00 18.60  ? 14  GLU A CA  1 
ATOM   72   C C   . GLU A 1 11  ? -8.251  1.404   14.040  1.00 16.77  ? 14  GLU A C   1 
ATOM   73   O O   . GLU A 1 11  ? -8.975  1.592   13.060  1.00 16.58  ? 14  GLU A O   1 
ATOM   74   C CB  . GLU A 1 11  ? -9.167  0.421   16.167  1.00 19.18  ? 14  GLU A CB  1 
ATOM   75   C CG  . GLU A 1 11  ? -9.447  -0.929  16.807  1.00 23.06  ? 14  GLU A CG  1 
ATOM   76   C CD  . GLU A 1 11  ? -9.706  -0.923  18.358  1.00 31.19  ? 14  GLU A CD  1 
ATOM   77   O OE1 . GLU A 1 11  ? -9.635  -2.024  18.941  1.00 36.47  ? 14  GLU A OE1 1 
ATOM   78   O OE2 . GLU A 1 11  ? -10.007 0.138   18.941  1.00 35.77  ? 14  GLU A OE2 1 
ATOM   79   N N   . ARG A 1 12  ? -7.303  2.246   14.403  1.00 16.85  ? 15  ARG A N   1 
ATOM   80   C CA  . ARG A 1 12  ? -7.090  3.459   13.648  1.00 15.83  ? 15  ARG A CA  1 
ATOM   81   C C   . ARG A 1 12  ? -6.584  3.164   12.225  1.00 16.24  ? 15  ARG A C   1 
ATOM   82   O O   . ARG A 1 12  ? -6.957  3.860   11.276  1.00 17.54  ? 15  ARG A O   1 
ATOM   83   C CB  . ARG A 1 12  ? -6.035  4.271   14.394  1.00 16.41  ? 15  ARG A CB  1 
ATOM   84   C CG  . ARG A 1 12  ? -6.541  4.909   15.677  1.00 22.74  ? 15  ARG A CG  1 
ATOM   85   C CD  . ARG A 1 12  ? -7.721  5.931   15.428  1.00 27.95  ? 15  ARG A CD  1 
ATOM   86   N NE  . ARG A 1 12  ? -8.326  6.139   16.739  1.00 37.10  ? 15  ARG A NE  1 
ATOM   87   C CZ  . ARG A 1 12  ? -8.239  7.281   17.397  1.00 33.42  ? 15  ARG A CZ  1 
ATOM   88   N NH1 . ARG A 1 12  ? -7.585  8.304   16.824  1.00 32.25  ? 15  ARG A NH1 1 
ATOM   89   N NH2 . ARG A 1 12  ? -8.815  7.374   18.587  1.00 32.55  ? 15  ARG A NH2 1 
ATOM   90   N N   . ALA A 1 13  ? -5.700  2.163   12.103  1.00 16.36  ? 16  ALA A N   1 
ATOM   91   C CA  . ALA A 1 13  ? -5.182  1.824   10.736  1.00 15.21  ? 16  ALA A CA  1 
ATOM   92   C C   . ALA A 1 13  ? -6.344  1.400   9.823   1.00 15.41  ? 16  ALA A C   1 
ATOM   93   O O   . ALA A 1 13  ? -6.401  1.817   8.669   1.00 14.28  ? 16  ALA A O   1 
ATOM   94   C CB  . ALA A 1 13  ? -4.160  0.755   10.863  1.00 15.39  ? 16  ALA A CB  1 
ATOM   95   N N   . VAL A 1 14  ? -7.278  0.602   10.330  1.00 14.34  ? 17  VAL A N   1 
ATOM   96   C CA  . VAL A 1 14  ? -8.408  0.178   9.506   1.00 15.28  ? 17  VAL A CA  1 
ATOM   97   C C   . VAL A 1 14  ? -9.246  1.423   9.148   1.00 14.70  ? 17  VAL A C   1 
ATOM   98   O O   . VAL A 1 14  ? -9.696  1.538   8.010   1.00 14.48  ? 17  VAL A O   1 
ATOM   99   C CB  . VAL A 1 14  ? -9.276  -0.889  10.290  1.00 13.52  ? 17  VAL A CB  1 
ATOM   100  C CG1 . VAL A 1 14  ? -10.684 -1.060  9.518   1.00 15.53  ? 17  VAL A CG1 1 
ATOM   101  C CG2 . VAL A 1 14  ? -8.459  -2.151  10.510  1.00 14.32  ? 17  VAL A CG2 1 
ATOM   102  N N   . GLU A 1 15  ? -9.460  2.319   10.103  1.00 16.18  ? 18  GLU A N   1 
ATOM   103  C CA  . GLU A 1 15  ? -10.211 3.511   9.830   1.00 17.21  ? 18  GLU A CA  1 
ATOM   104  C C   . GLU A 1 15  ? -9.533  4.359   8.693   1.00 16.81  ? 18  GLU A C   1 
ATOM   105  O O   . GLU A 1 15  ? -10.208 4.899   7.784   1.00 17.27  ? 18  GLU A O   1 
ATOM   106  C CB  . GLU A 1 15  ? -10.450 4.302   11.127  1.00 19.59  ? 18  GLU A CB  1 
ATOM   107  C CG  . GLU A 1 15  ? -11.473 3.561   11.996  1.00 28.45  ? 18  GLU A CG  1 
ATOM   108  C CD  . GLU A 1 15  ? -11.642 4.102   13.420  1.00 36.49  ? 18  GLU A CD  1 
ATOM   109  O OE1 . GLU A 1 15  ? -10.931 5.046   13.802  1.00 42.35  ? 18  GLU A OE1 1 
ATOM   110  O OE2 . GLU A 1 15  ? -12.486 3.554   14.170  1.00 40.98  ? 18  GLU A OE2 1 
ATOM   111  N N   . VAL A 1 16  ? -8.217  4.463   8.754   1.00 16.02  ? 19  VAL A N   1 
ATOM   112  C CA  . VAL A 1 16  ? -7.490  5.179   7.671   1.00 16.80  ? 19  VAL A CA  1 
ATOM   113  C C   . VAL A 1 16  ? -7.672  4.448   6.322   1.00 14.40  ? 19  VAL A C   1 
ATOM   114  O O   . VAL A 1 16  ? -7.932  5.074   5.296   1.00 15.90  ? 19  VAL A O   1 
ATOM   115  C CB  . VAL A 1 16  ? -6.002  5.279   7.988   1.00 15.22  ? 19  VAL A CB  1 
ATOM   116  C CG1 . VAL A 1 16  ? -5.214  5.788   6.750   1.00 16.99  ? 19  VAL A CG1 1 
ATOM   117  C CG2 . VAL A 1 16  ? -5.744  6.133   9.235   1.00 18.95  ? 19  VAL A CG2 1 
ATOM   118  N N   . LEU A 1 17  ? -7.592  3.108   6.314   1.00 14.27  ? 20  LEU A N   1 
ATOM   119  C CA  . LEU A 1 17  ? -7.736  2.345   5.060   1.00 14.48  ? 20  LEU A CA  1 
ATOM   120  C C   . LEU A 1 17  ? -9.142  2.565   4.502   1.00 15.59  ? 20  LEU A C   1 
ATOM   121  O O   . LEU A 1 17  ? -9.318  2.756   3.290   1.00 16.30  ? 20  LEU A O   1 
ATOM   122  C CB  . LEU A 1 17  ? -7.528  0.863   5.309   1.00 15.27  ? 20  LEU A CB  1 
ATOM   123  C CG  . LEU A 1 17  ? -6.081  0.506   5.637   1.00 15.79  ? 20  LEU A CG  1 
ATOM   124  C CD1 . LEU A 1 17  ? -5.963  -0.984  5.928   1.00 17.18  ? 20  LEU A CD1 1 
ATOM   125  C CD2 . LEU A 1 17  ? -5.094  0.921   4.490   1.00 16.11  ? 20  LEU A CD2 1 
ATOM   126  N N   . GLU A 1 18  ? -10.127 2.595   5.398   1.00 16.81  ? 21  GLU A N   1 
ATOM   127  C CA  . GLU A 1 18  ? -11.518 2.785   4.922   1.00 17.58  ? 21  GLU A CA  1 
ATOM   128  C C   . GLU A 1 18  ? -11.682 4.180   4.271   1.00 18.80  ? 21  GLU A C   1 
ATOM   129  O O   . GLU A 1 18  ? -12.356 4.315   3.207   1.00 21.31  ? 21  GLU A O   1 
ATOM   130  C CB  . GLU A 1 18  ? -12.431 2.720   6.151   1.00 20.24  ? 21  GLU A CB  1 
ATOM   131  C CG  . GLU A 1 18  ? -12.754 1.388   6.616   1.00 27.46  ? 21  GLU A CG  1 
ATOM   132  C CD  . GLU A 1 18  ? -13.877 1.483   7.702   1.00 36.24  ? 21  GLU A CD  1 
ATOM   133  O OE1 . GLU A 1 18  ? -14.699 2.433   7.609   1.00 42.03  ? 21  GLU A OE1 1 
ATOM   134  O OE2 . GLU A 1 18  ? -13.907 0.657   8.640   1.00 43.68  ? 21  GLU A OE2 1 
ATOM   135  N N   . GLU A 1 19  ? -11.183 5.193   4.944   1.00 18.71  ? 22  GLU A N   1 
ATOM   136  C CA  A GLU A 1 19  ? -11.332 6.541   4.404   0.50 19.30  ? 22  GLU A CA  1 
ATOM   137  C CA  B GLU A 1 19  ? -11.309 6.545   4.442   0.50 19.31  ? 22  GLU A CA  1 
ATOM   138  C C   . GLU A 1 19  ? -10.555 6.641   3.112   1.00 19.51  ? 22  GLU A C   1 
ATOM   139  O O   . GLU A 1 19  ? -10.988 7.307   2.183   1.00 19.70  ? 22  GLU A O   1 
ATOM   140  C CB  A GLU A 1 19  ? -10.863 7.610   5.379   0.50 20.26  ? 22  GLU A CB  1 
ATOM   141  C CB  B GLU A 1 19  ? -10.752 7.512   5.476   0.50 20.31  ? 22  GLU A CB  1 
ATOM   142  C CG  A GLU A 1 19  ? -11.107 9.055   4.891   0.50 21.56  ? 22  GLU A CG  1 
ATOM   143  C CG  B GLU A 1 19  ? -11.726 7.880   6.669   0.50 21.61  ? 22  GLU A CG  1 
ATOM   144  C CD  A GLU A 1 19  ? -12.592 9.443   4.659   0.50 26.72  ? 22  GLU A CD  1 
ATOM   145  C CD  B GLU A 1 19  ? -12.877 6.848   6.992   0.50 29.49  ? 22  GLU A CD  1 
ATOM   146  O OE1 A GLU A 1 19  ? -13.549 8.778   5.130   0.50 30.00  ? 22  GLU A OE1 1 
ATOM   147  O OE1 B GLU A 1 19  ? -12.673 6.018   7.903   0.50 25.90  ? 22  GLU A OE1 1 
ATOM   148  O OE2 A GLU A 1 19  ? -12.816 10.461  3.984   0.50 27.84  ? 22  GLU A OE2 1 
ATOM   149  O OE2 B GLU A 1 19  ? -13.999 6.890   6.377   0.50 29.70  ? 22  GLU A OE2 1 
ATOM   150  N N   . THR A 1 20  ? -9.415  5.973   3.068   1.00 16.52  ? 23  THR A N   1 
ATOM   151  C CA  . THR A 1 20  ? -8.637  5.918   1.807   1.00 18.44  ? 23  THR A CA  1 
ATOM   152  C C   . THR A 1 20  ? -9.461  5.298   0.703   1.00 19.13  ? 23  THR A C   1 
ATOM   153  O O   . THR A 1 20  ? -9.457  5.869   -0.404  1.00 18.41  ? 23  THR A O   1 
ATOM   154  C CB  . THR A 1 20  ? -7.333  5.118   2.031   1.00 17.40  ? 23  THR A CB  1 
ATOM   155  O OG1 . THR A 1 20  ? -6.627  5.819   3.037   1.00 20.10  ? 23  THR A OG1 1 
ATOM   156  C CG2 . THR A 1 20  ? -6.499  5.169   0.762   1.00 19.78  ? 23  THR A CG2 1 
ATOM   157  N N   . LEU A 1 21  ? -10.171 4.182   0.911   1.00 18.56  ? 24  LEU A N   1 
ATOM   158  C CA  . LEU A 1 21  ? -11.035 3.689   -0.130  1.00 19.76  ? 24  LEU A CA  1 
ATOM   159  C C   . LEU A 1 21  ? -12.083 4.730   -0.549  1.00 20.65  ? 24  LEU A C   1 
ATOM   160  O O   . LEU A 1 21  ? -12.320 4.952   -1.765  1.00 20.05  ? 24  LEU A O   1 
ATOM   161  C CB  . LEU A 1 21  ? -11.725 2.423   0.322   1.00 19.43  ? 24  LEU A CB  1 
ATOM   162  C CG  . LEU A 1 21  ? -10.778 1.216   0.574   1.00 16.70  ? 24  LEU A CG  1 
ATOM   163  C CD1 . LEU A 1 21  ? -11.560 0.130   1.294   1.00 20.97  ? 24  LEU A CD1 1 
ATOM   164  C CD2 . LEU A 1 21  ? -10.165 0.666   -0.747  1.00 19.76  ? 24  LEU A CD2 1 
ATOM   165  N N   . ARG A 1 22  ? -12.707 5.382   0.420   1.00 20.83  ? 25  ARG A N   1 
ATOM   166  C CA  A ARG A 1 22  ? -13.733 6.384   0.085   0.50 21.56  ? 25  ARG A CA  1 
ATOM   167  C CA  B ARG A 1 22  ? -13.743 6.417   0.115   0.50 21.92  ? 25  ARG A CA  1 
ATOM   168  C C   . ARG A 1 22  ? -13.192 7.578   -0.708  1.00 22.74  ? 25  ARG A C   1 
ATOM   169  O O   . ARG A 1 22  ? -13.845 8.033   -1.678  1.00 25.05  ? 25  ARG A O   1 
ATOM   170  C CB  A ARG A 1 22  ? -14.424 6.834   1.347   0.50 20.89  ? 25  ARG A CB  1 
ATOM   171  C CB  B ARG A 1 22  ? -14.400 6.950   1.388   0.50 21.57  ? 25  ARG A CB  1 
ATOM   172  C CG  A ARG A 1 22  ? -15.020 5.707   2.121   0.50 21.68  ? 25  ARG A CG  1 
ATOM   173  C CG  B ARG A 1 22  ? -15.497 8.060   1.150   0.50 24.37  ? 25  ARG A CG  1 
ATOM   174  C CD  A ARG A 1 22  ? -16.014 6.269   3.180   0.50 28.84  ? 25  ARG A CD  1 
ATOM   175  C CD  B ARG A 1 22  ? -15.796 8.819   2.445   0.50 27.94  ? 25  ARG A CD  1 
ATOM   176  N NE  A ARG A 1 22  ? -15.948 5.557   4.469   0.50 32.11  ? 25  ARG A NE  1 
ATOM   177  N NE  B ARG A 1 22  ? -15.221 8.172   3.618   0.50 33.72  ? 25  ARG A NE  1 
ATOM   178  C CZ  A ARG A 1 22  ? -16.234 4.273   4.645   0.50 33.25  ? 25  ARG A CZ  1 
ATOM   179  C CZ  B ARG A 1 22  ? -15.699 7.069   4.175   0.50 34.23  ? 25  ARG A CZ  1 
ATOM   180  N NH1 A ARG A 1 22  ? -16.585 3.516   3.616   0.50 32.34  ? 25  ARG A NH1 1 
ATOM   181  N NH1 B ARG A 1 22  ? -16.784 6.498   3.650   0.50 34.36  ? 25  ARG A NH1 1 
ATOM   182  N NH2 A ARG A 1 22  ? -16.144 3.746   5.863   0.50 35.37  ? 25  ARG A NH2 1 
ATOM   183  N NH2 B ARG A 1 22  ? -15.091 6.533   5.246   0.50 33.92  ? 25  ARG A NH2 1 
ATOM   184  N N   . GLU A 1 23  ? -12.016 8.065   -0.350  1.00 21.44  ? 26  GLU A N   1 
ATOM   185  C CA  . GLU A 1 23  ? -11.403 9.239   -1.008  1.00 23.45  ? 26  GLU A CA  1 
ATOM   186  C C   . GLU A 1 23  ? -10.846 8.938   -2.405  1.00 24.82  ? 26  GLU A C   1 
ATOM   187  O O   . GLU A 1 23  ? -10.780 9.855   -3.249  1.00 28.33  ? 26  GLU A O   1 
ATOM   188  C CB  . GLU A 1 23  ? -10.278 9.760   -0.157  1.00 24.22  ? 26  GLU A CB  1 
ATOM   189  C CG  . GLU A 1 23  ? -10.746 10.450  1.137   1.00 31.68  ? 26  GLU A CG  1 
ATOM   190  C CD  . GLU A 1 23  ? -9.537  10.877  1.936   1.00 42.40  ? 26  GLU A CD  1 
ATOM   191  O OE1 . GLU A 1 23  ? -8.524  10.133  1.895   1.00 48.28  ? 26  GLU A OE1 1 
ATOM   192  O OE2 . GLU A 1 23  ? -9.571  11.936  2.600   1.00 47.56  ? 26  GLU A OE2 1 
ATOM   193  N N   . THR A 1 24  ? -10.430 7.697   -2.613  1.00 23.49  ? 27  THR A N   1 
ATOM   194  C CA  . THR A 1 24  ? -9.855  7.243   -3.908  1.00 22.47  ? 27  THR A CA  1 
ATOM   195  C C   . THR A 1 24  ? -10.768 6.557   -4.851  1.00 22.70  ? 27  THR A C   1 
ATOM   196  O O   . THR A 1 24  ? -10.492 6.558   -6.066  1.00 24.60  ? 27  THR A O   1 
ATOM   197  C CB  . THR A 1 24  ? -8.630  6.307   -3.689  1.00 22.02  ? 27  THR A CB  1 
ATOM   198  O OG1 . THR A 1 24  ? -9.051  5.109   -3.040  1.00 18.41  ? 27  THR A OG1 1 
ATOM   199  C CG2 . THR A 1 24  ? -7.605  7.049   -2.854  1.00 21.11  ? 27  THR A CG2 1 
ATOM   200  N N   . GLY A 1 25  ? -11.768 5.843   -4.360  1.00 24.07  ? 28  GLY A N   1 
ATOM   201  C CA  . GLY A 1 25  ? -12.501 4.912   -5.199  1.00 21.26  ? 28  GLY A CA  1 
ATOM   202  C C   . GLY A 1 25  ? -11.826 3.606   -5.509  1.00 20.86  ? 28  GLY A C   1 
ATOM   203  O O   . GLY A 1 25  ? -12.313 2.843   -6.335  1.00 21.72  ? 28  GLY A O   1 
ATOM   204  N N   . ALA A 1 26  ? -10.683 3.308   -4.820  1.00 17.71  ? 29  ALA A N   1 
ATOM   205  C CA  . ALA A 1 26  ? -10.073 1.995   -4.940  1.00 16.63  ? 29  ALA A CA  1 
ATOM   206  C C   . ALA A 1 26  ? -10.906 0.804   -4.481  1.00 18.16  ? 29  ALA A C   1 
ATOM   207  O O   . ALA A 1 26  ? -11.869 0.992   -3.707  1.00 19.66  ? 29  ALA A O   1 
ATOM   208  C CB  . ALA A 1 26  ? -8.702  1.949   -4.218  1.00 18.15  ? 29  ALA A CB  1 
ATOM   209  N N   . ARG A 1 27  ? -10.589 -0.373  -4.985  1.00 16.27  ? 30  ARG A N   1 
ATOM   210  C CA  . ARG A 1 27  ? -11.232 -1.641  -4.571  1.00 19.83  ? 30  ARG A CA  1 
ATOM   211  C C   . ARG A 1 27  ? -10.715 -2.075  -3.247  1.00 18.17  ? 30  ARG A C   1 
ATOM   212  O O   . ARG A 1 27  ? -11.500 -2.369  -2.326  1.00 19.77  ? 30  ARG A O   1 
ATOM   213  C CB  . ARG A 1 27  ? -11.084 -2.800  -5.568  1.00 18.45  ? 30  ARG A CB  1 
ATOM   214  C CG  . ARG A 1 27  ? -11.701 -2.353  -6.929  1.00 19.10  ? 30  ARG A CG  1 
ATOM   215  C CD  . ARG A 1 27  ? -11.777 -3.545  -7.790  1.00 26.22  ? 30  ARG A CD  1 
ATOM   216  N NE  . ARG A 1 27  ? -12.486 -3.221  -9.018  1.00 24.20  ? 30  ARG A NE  1 
ATOM   217  C CZ  . ARG A 1 27  ? -12.916 -4.151  -9.859  1.00 21.80  ? 30  ARG A CZ  1 
ATOM   218  N NH1 . ARG A 1 27  ? -12.637 -5.435  -9.662  1.00 26.93  ? 30  ARG A NH1 1 
ATOM   219  N NH2 . ARG A 1 27  ? -13.563 -3.776  -10.964 1.00 27.81  ? 30  ARG A NH2 1 
ATOM   220  N N   . TYR A 1 28  ? -9.390  -2.225  -3.138  1.00 17.02  ? 31  TYR A N   1 
ATOM   221  C CA  . TYR A 1 28  ? -8.882  -2.877  -1.959  1.00 16.00  ? 31  TYR A CA  1 
ATOM   222  C C   . TYR A 1 28  ? -7.709  -2.075  -1.412  1.00 14.68  ? 31  TYR A C   1 
ATOM   223  O O   . TYR A 1 28  ? -6.912  -1.556  -2.215  1.00 15.72  ? 31  TYR A O   1 
ATOM   224  C CB  . TYR A 1 28  ? -8.301  -4.268  -2.291  1.00 13.95  ? 31  TYR A CB  1 
ATOM   225  C CG  . TYR A 1 28  ? -9.206  -5.168  -3.137  1.00 17.65  ? 31  TYR A CG  1 
ATOM   226  C CD1 . TYR A 1 28  ? -10.539 -5.381  -2.779  1.00 19.82  ? 31  TYR A CD1 1 
ATOM   227  C CD2 . TYR A 1 28  ? -8.744  -5.649  -4.358  1.00 18.11  ? 31  TYR A CD2 1 
ATOM   228  C CE1 . TYR A 1 28  ? -11.361 -6.128  -3.602  1.00 23.94  ? 31  TYR A CE1 1 
ATOM   229  C CE2 . TYR A 1 28  ? -9.569  -6.450  -5.194  1.00 24.12  ? 31  TYR A CE2 1 
ATOM   230  C CZ  . TYR A 1 28  ? -10.879 -6.689  -4.777  1.00 28.02  ? 31  TYR A CZ  1 
ATOM   231  O OH  . TYR A 1 28  ? -11.689 -7.479  -5.618  1.00 24.61  ? 31  TYR A OH  1 
ATOM   232  N N   . ALA A 1 29  ? -7.598  -2.027  -0.095  1.00 13.23  ? 32  ALA A N   1 
ATOM   233  C CA  . ALA A 1 29  ? -6.497  -1.255  0.533   1.00 13.72  ? 32  ALA A CA  1 
ATOM   234  C C   . ALA A 1 29  ? -5.863  -2.141  1.583   1.00 15.17  ? 32  ALA A C   1 
ATOM   235  O O   . ALA A 1 29  ? -6.575  -2.768  2.406   1.00 16.81  ? 32  ALA A O   1 
ATOM   236  C CB  . ALA A 1 29  ? -7.065  -0.028  1.204   1.00 13.61  ? 32  ALA A CB  1 
ATOM   237  N N   . LEU A 1 30  ? -4.513  -2.180  1.646   1.00 13.72  ? 33  LEU A N   1 
ATOM   238  C CA  . LEU A 1 30  ? -3.853  -3.057  2.587   1.00 14.29  ? 33  LEU A CA  1 
ATOM   239  C C   . LEU A 1 30  ? -2.634  -2.288  3.141   1.00 14.80  ? 33  LEU A C   1 
ATOM   240  O O   . LEU A 1 30  ? -2.003  -1.516  2.429   1.00 15.70  ? 33  LEU A O   1 
ATOM   241  C CB  . LEU A 1 30  ? -3.293  -4.317  1.980   1.00 16.05  ? 33  LEU A CB  1 
ATOM   242  C CG  . LEU A 1 30  ? -4.224  -5.299  1.342   1.00 18.29  ? 33  LEU A CG  1 
ATOM   243  C CD1 . LEU A 1 30  ? -4.459  -4.828  -0.113  1.00 18.70  ? 33  LEU A CD1 1 
ATOM   244  C CD2 . LEU A 1 30  ? -3.472  -6.661  1.266   1.00 18.99  ? 33  LEU A CD2 1 
ATOM   245  N N   . LEU A 1 31  ? -2.372  -2.530  4.421   1.00 13.68  ? 34  LEU A N   1 
ATOM   246  C CA  . LEU A 1 31  ? -1.027  -2.237  4.999   1.00 12.34  ? 34  LEU A CA  1 
ATOM   247  C C   . LEU A 1 31  ? -0.359  -3.544  5.234   1.00 14.64  ? 34  LEU A C   1 
ATOM   248  O O   . LEU A 1 31  ? -0.889  -4.436  5.916   1.00 15.46  ? 34  LEU A O   1 
ATOM   249  C CB  . LEU A 1 31  ? -1.200  -1.451  6.276   1.00 13.18  ? 34  LEU A CB  1 
ATOM   250  C CG  . LEU A 1 31  ? 0.094   -1.045  7.017   1.00 14.09  ? 34  LEU A CG  1 
ATOM   251  C CD1 . LEU A 1 31  ? 0.718   0.155   6.291   1.00 16.83  ? 34  LEU A CD1 1 
ATOM   252  C CD2 . LEU A 1 31  ? -0.320  -0.607  8.464   1.00 16.10  ? 34  LEU A CD2 1 
ATOM   253  N N   . ILE A 1 32  ? 0.851   -3.663  4.697   1.00 13.67  ? 35  ILE A N   1 
ATOM   254  C CA  . ILE A 1 32  ? 1.541   -4.944  4.796   1.00 14.12  ? 35  ILE A CA  1 
ATOM   255  C C   . ILE A 1 32  ? 2.942   -4.614  5.285   1.00 13.84  ? 35  ILE A C   1 
ATOM   256  O O   . ILE A 1 32  ? 3.424   -3.523  5.090   1.00 14.87  ? 35  ILE A O   1 
ATOM   257  C CB  . ILE A 1 32  ? 1.545   -5.677  3.422   1.00 14.28  ? 35  ILE A CB  1 
ATOM   258  C CG1 . ILE A 1 32  ? 2.424   -4.940  2.443   1.00 14.75  ? 35  ILE A CG1 1 
ATOM   259  C CG2 . ILE A 1 32  ? 0.037   -5.834  2.918   1.00 12.69  ? 35  ILE A CG2 1 
ATOM   260  C CD1 . ILE A 1 32  ? 2.720   -5.791  1.104   1.00 19.25  ? 35  ILE A CD1 1 
ATOM   261  N N   . ASP A 1 33  ? 3.583   -5.589  5.920   1.00 16.79  ? 36  ASP A N   1 
ATOM   262  C CA  . ASP A 1 33  ? 4.987   -5.373  6.267   1.00 18.99  ? 36  ASP A CA  1 
ATOM   263  C C   . ASP A 1 33  ? 5.900   -5.763  5.085   1.00 19.24  ? 36  ASP A C   1 
ATOM   264  O O   . ASP A 1 33  ? 5.441   -6.236  4.066   1.00 18.24  ? 36  ASP A O   1 
ATOM   265  C CB  . ASP A 1 33  ? 5.393   -5.982  7.625   1.00 19.27  ? 36  ASP A CB  1 
ATOM   266  C CG  . ASP A 1 33  ? 5.533   -7.463  7.633   1.00 22.10  ? 36  ASP A CG  1 
ATOM   267  O OD1 . ASP A 1 33  ? 5.647   -8.011  8.784   1.00 25.18  ? 36  ASP A OD1 1 
ATOM   268  O OD2 . ASP A 1 33  ? 5.612   -8.100  6.575   1.00 19.34  ? 36  ASP A OD2 1 
ATOM   269  N N   . ARG A 1 34  ? 7.198   -5.456  5.200   1.00 19.96  ? 37  ARG A N   1 
ATOM   270  C CA  . ARG A 1 34  ? 8.103   -5.781  4.080   1.00 21.90  ? 37  ARG A CA  1 
ATOM   271  C C   . ARG A 1 34  ? 8.394   -7.270  3.904   1.00 22.63  ? 37  ARG A C   1 
ATOM   272  O O   . ARG A 1 34  ? 9.017   -7.650  2.936   1.00 23.03  ? 37  ARG A O   1 
ATOM   273  C CB  . ARG A 1 34  ? 9.399   -4.964  4.129   1.00 23.45  ? 37  ARG A CB  1 
ATOM   274  C CG  . ARG A 1 34  ? 9.171   -3.550  3.627   1.00 27.30  ? 37  ARG A CG  1 
ATOM   275  C CD  . ARG A 1 34  ? 10.442  -2.698  3.725   1.00 33.21  ? 37  ARG A CD  1 
ATOM   276  N NE  . ARG A 1 34  ? 10.180  -1.431  3.089   1.00 33.57  ? 37  ARG A NE  1 
ATOM   277  C CZ  . ARG A 1 34  ? 10.367  -1.188  1.799   1.00 34.84  ? 37  ARG A CZ  1 
ATOM   278  N NH1 . ARG A 1 34  ? 10.866  -2.121  0.967   1.00 36.03  ? 37  ARG A NH1 1 
ATOM   279  N NH2 . ARG A 1 34  ? 10.073  0.015   1.351   1.00 38.41  ? 37  ARG A NH2 1 
ATOM   280  N N   . LYS A 1 35  ? 7.915   -8.103  4.817   1.00 22.35  ? 38  LYS A N   1 
ATOM   281  C CA  . LYS A 1 35  ? 7.935   -9.571  4.689   1.00 25.15  ? 38  LYS A CA  1 
ATOM   282  C C   . LYS A 1 35  ? 6.637   -10.105 4.101   1.00 25.08  ? 38  LYS A C   1 
ATOM   283  O O   . LYS A 1 35  ? 6.489   -11.358 3.934   1.00 26.99  ? 38  LYS A O   1 
ATOM   284  C CB  . LYS A 1 35  ? 8.245   -10.227 6.057   1.00 25.29  ? 38  LYS A CB  1 
ATOM   285  C CG  . LYS A 1 35  ? 9.721   -9.989  6.419   1.00 31.93  ? 38  LYS A CG  1 
ATOM   286  C CD  . LYS A 1 35  ? 10.267  -10.773 7.601   1.00 38.95  ? 38  LYS A CD  1 
ATOM   287  C CE  . LYS A 1 35  ? 11.808  -10.532 7.696   1.00 42.11  ? 38  LYS A CE  1 
ATOM   288  N NZ  . LYS A 1 35  ? 12.597  -11.725 8.173   1.00 46.13  ? 38  LYS A NZ  1 
ATOM   289  N N   . GLY A 1 36  ? 5.696   -9.214  3.763   1.00 23.07  ? 39  GLY A N   1 
ATOM   290  C CA  . GLY A 1 36  ? 4.471   -9.682  3.126   1.00 24.03  ? 39  GLY A CA  1 
ATOM   291  C C   . GLY A 1 36  ? 3.370   -10.066 4.076   1.00 23.82  ? 39  GLY A C   1 
ATOM   292  O O   . GLY A 1 36  ? 2.294   -10.497 3.624   1.00 26.88  ? 39  GLY A O   1 
ATOM   293  N N   . PHE A 1 37  ? 3.566   -9.856  5.358   1.00 19.99  ? 40  PHE A N   1 
ATOM   294  C CA  . PHE A 1 37  ? 2.494   -10.109 6.292   1.00 20.72  ? 40  PHE A CA  1 
ATOM   295  C C   . PHE A 1 37  ? 1.483   -8.970  6.328   1.00 18.20  ? 40  PHE A C   1 
ATOM   296  O O   . PHE A 1 37  ? 1.850   -7.782  6.370   1.00 16.38  ? 40  PHE A O   1 
ATOM   297  C CB  . PHE A 1 37  ? 3.047   -10.237 7.692   1.00 20.76  ? 40  PHE A CB  1 
ATOM   298  C CG  . PHE A 1 37  ? 2.110   -10.955 8.636   1.00 25.26  ? 40  PHE A CG  1 
ATOM   299  C CD1 . PHE A 1 37  ? 1.947   -12.312 8.548   1.00 27.29  ? 40  PHE A CD1 1 
ATOM   300  C CD2 . PHE A 1 37  ? 1.407   -10.262 9.625   1.00 25.31  ? 40  PHE A CD2 1 
ATOM   301  C CE1 . PHE A 1 37  ? 1.092   -12.986 9.460   1.00 28.39  ? 40  PHE A CE1 1 
ATOM   302  C CE2 . PHE A 1 37  ? 0.550   -10.973 10.570  1.00 27.42  ? 40  PHE A CE2 1 
ATOM   303  C CZ  . PHE A 1 37  ? 0.404   -12.277 10.439  1.00 28.83  ? 40  PHE A CZ  1 
ATOM   304  N N   . VAL A 1 38  ? 0.200   -9.318  6.302   1.00 16.34  ? 41  VAL A N   1 
ATOM   305  C CA  . VAL A 1 38  ? -0.853  -8.261  6.256   1.00 17.54  ? 41  VAL A CA  1 
ATOM   306  C C   . VAL A 1 38  ? -1.169  -7.760  7.648   1.00 15.45  ? 41  VAL A C   1 
ATOM   307  O O   . VAL A 1 38  ? -1.590  -8.501  8.590   1.00 18.80  ? 41  VAL A O   1 
ATOM   308  C CB  . VAL A 1 38  ? -2.137  -8.818  5.606   1.00 16.77  ? 41  VAL A CB  1 
ATOM   309  C CG1 . VAL A 1 38  ? -3.279  -7.765  5.653   1.00 17.34  ? 41  VAL A CG1 1 
ATOM   310  C CG2 . VAL A 1 38  ? -1.877  -9.254  4.192   1.00 19.68  ? 41  VAL A CG2 1 
ATOM   311  N N   . LEU A 1 39  ? -0.872  -6.477  7.847   1.00 14.35  ? 42  LEU A N   1 
ATOM   312  C CA  . LEU A 1 39  ? -1.133  -5.827  9.114   1.00 15.28  ? 42  LEU A CA  1 
ATOM   313  C C   . LEU A 1 39  ? -2.574  -5.333  9.237   1.00 15.33  ? 42  LEU A C   1 
ATOM   314  O O   . LEU A 1 39  ? -3.133  -5.302  10.367  1.00 17.52  ? 42  LEU A O   1 
ATOM   315  C CB  . LEU A 1 39  ? -0.176  -4.652  9.285   1.00 14.89  ? 42  LEU A CB  1 
ATOM   316  C CG  . LEU A 1 39  ? 1.314   -5.095  9.267   1.00 18.37  ? 42  LEU A CG  1 
ATOM   317  C CD1 . LEU A 1 39  ? 2.165   -3.775  9.240   1.00 20.96  ? 42  LEU A CD1 1 
ATOM   318  C CD2 . LEU A 1 39  ? 1.684   -6.009  10.389  1.00 19.59  ? 42  LEU A CD2 1 
ATOM   319  N N   . ALA A 1 40  ? -3.176  -4.878  8.144   1.00 14.82  ? 43  ALA A N   1 
ATOM   320  C CA  . ALA A 1 40  ? -4.567  -4.417  8.151   1.00 13.28  ? 43  ALA A CA  1 
ATOM   321  C C   . ALA A 1 40  ? -5.070  -4.424  6.708   1.00 16.15  ? 43  ALA A C   1 
ATOM   322  O O   . ALA A 1 40  ? -4.279  -4.283  5.772   1.00 16.07  ? 43  ALA A O   1 
ATOM   323  C CB  . ALA A 1 40  ? -4.671  -2.922  8.767   1.00 15.39  ? 43  ALA A CB  1 
ATOM   324  N N   . HIS A 1 41  ? -6.383  -4.640  6.496   1.00 14.42  ? 44  HIS A N   1 
ATOM   325  C CA  . HIS A 1 41  ? -6.897  -4.608  5.136   1.00 14.73  ? 44  HIS A CA  1 
ATOM   326  C C   . HIS A 1 41  ? -8.345  -4.203  5.141   1.00 15.66  ? 44  HIS A C   1 
ATOM   327  O O   . HIS A 1 41  ? -9.067  -4.416  6.140   1.00 16.93  ? 44  HIS A O   1 
ATOM   328  C CB  . HIS A 1 41  ? -6.661  -5.934  4.414   1.00 15.00  ? 44  HIS A CB  1 
ATOM   329  C CG  . HIS A 1 41  ? -7.400  -7.067  5.022   1.00 17.34  ? 44  HIS A CG  1 
ATOM   330  N ND1 . HIS A 1 41  ? -8.708  -7.358  4.664   1.00 19.28  ? 44  HIS A ND1 1 
ATOM   331  C CD2 . HIS A 1 41  ? -7.015  -7.996  5.940   1.00 21.73  ? 44  HIS A CD2 1 
ATOM   332  C CE1 . HIS A 1 41  ? -9.098  -8.418  5.374   1.00 18.41  ? 44  HIS A CE1 1 
ATOM   333  N NE2 . HIS A 1 41  ? -8.091  -8.835  6.136   1.00 23.68  ? 44  HIS A NE2 1 
ATOM   334  N N   . LYS A 1 42  ? -8.762  -3.575  4.070   1.00 14.83  ? 45  LYS A N   1 
ATOM   335  C CA  . LYS A 1 42  ? -10.207 -3.215  3.895   1.00 15.61  ? 45  LYS A CA  1 
ATOM   336  C C   . LYS A 1 42  ? -10.566 -3.279  2.445   1.00 14.49  ? 45  LYS A C   1 
ATOM   337  O O   . LYS A 1 42  ? -9.756  -3.023  1.567   1.00 15.51  ? 45  LYS A O   1 
ATOM   338  C CB  . LYS A 1 42  ? -10.494 -1.842  4.406   1.00 16.96  ? 45  LYS A CB  1 
ATOM   339  C CG  . LYS A 1 42  ? -10.456 -1.701  5.939   1.00 23.73  ? 45  LYS A CG  1 
ATOM   340  C CD  . LYS A 1 42  ? -11.580 -2.522  6.549   1.00 30.11  ? 45  LYS A CD  1 
ATOM   341  C CE  . LYS A 1 42  ? -12.926 -1.848  6.307   1.00 28.87  ? 45  LYS A CE  1 
ATOM   342  N NZ  . LYS A 1 42  ? -14.032 -2.683  6.922   1.00 34.65  ? 45  LYS A NZ  1 
ATOM   343  N N   . GLU A 1 43  ? -11.834 -3.615  2.177   1.00 16.34  ? 46  GLU A N   1 
ATOM   344  C CA  . GLU A 1 43  ? -12.286 -3.872  0.796   1.00 15.83  ? 46  GLU A CA  1 
ATOM   345  C C   . GLU A 1 43  ? -13.573 -3.081  0.589   1.00 19.13  ? 46  GLU A C   1 
ATOM   346  O O   . GLU A 1 43  ? -14.396 -2.959  1.527   1.00 18.96  ? 46  GLU A O   1 
ATOM   347  C CB  . GLU A 1 43  ? -12.553 -5.381  0.574   1.00 16.74  ? 46  GLU A CB  1 
ATOM   348  C CG  . GLU A 1 43  ? -11.351 -6.320  0.696   1.00 18.51  ? 46  GLU A CG  1 
ATOM   349  C CD  . GLU A 1 43  ? -11.050 -6.648  2.110   1.00 24.94  ? 46  GLU A CD  1 
ATOM   350  O OE1 . GLU A 1 43  ? -11.927 -7.172  2.844   1.00 23.11  ? 46  GLU A OE1 1 
ATOM   351  O OE2 . GLU A 1 43  ? -9.929  -6.298  2.532   1.00 18.85  ? 46  GLU A OE2 1 
ATOM   352  N N   . ALA A 1 44  ? -13.744 -2.458  -0.566  1.00 18.82  ? 47  ALA A N   1 
ATOM   353  C CA  . ALA A 1 44  ? -14.917 -1.633  -0.836  1.00 20.22  ? 47  ALA A CA  1 
ATOM   354  C C   . ALA A 1 44  ? -16.098 -2.582  -0.936  1.00 20.25  ? 47  ALA A C   1 
ATOM   355  O O   . ALA A 1 44  ? -15.930 -3.709  -1.441  1.00 21.14  ? 47  ALA A O   1 
ATOM   356  C CB  . ALA A 1 44  ? -14.720 -0.917  -2.186  1.00 21.75  ? 47  ALA A CB  1 
ATOM   357  N N   . LEU A 1 45  ? -17.263 -2.156  -0.409  1.00 22.62  ? 48  LEU A N   1 
ATOM   358  C CA  . LEU A 1 45  ? -18.405 -3.119  -0.315  1.00 25.13  ? 48  LEU A CA  1 
ATOM   359  C C   . LEU A 1 45  ? -18.962 -3.501  -1.670  1.00 26.53  ? 48  LEU A C   1 
ATOM   360  O O   . LEU A 1 45  ? -19.484 -4.641  -1.851  1.00 29.21  ? 48  LEU A O   1 
ATOM   361  C CB  . LEU A 1 45  ? -19.530 -2.572  0.571   1.00 23.29  ? 48  LEU A CB  1 
ATOM   362  C CG  . LEU A 1 45  ? -19.143 -2.465  2.064   1.00 27.07  ? 48  LEU A CG  1 
ATOM   363  C CD1 . LEU A 1 45  ? -20.320 -1.837  2.829   1.00 27.33  ? 48  LEU A CD1 1 
ATOM   364  C CD2 . LEU A 1 45  ? -18.684 -3.782  2.687   1.00 33.03  ? 48  LEU A CD2 1 
ATOM   365  N N   . TRP A 1 46  ? -18.799 -2.598  -2.628  1.00 26.74  ? 49  TRP A N   1 
ATOM   366  C CA  . TRP A 1 46  ? -19.199 -2.809  -4.043  1.00 27.81  ? 49  TRP A CA  1 
ATOM   367  C C   . TRP A 1 46  ? -18.245 -3.718  -4.886  1.00 29.24  ? 49  TRP A C   1 
ATOM   368  O O   . TRP A 1 46  ? -18.630 -4.266  -5.947  1.00 30.36  ? 49  TRP A O   1 
ATOM   369  C CB  . TRP A 1 46  ? -19.348 -1.431  -4.685  1.00 26.78  ? 49  TRP A CB  1 
ATOM   370  C CG  . TRP A 1 46  ? -18.102 -0.525  -4.704  1.00 26.52  ? 49  TRP A CG  1 
ATOM   371  C CD1 . TRP A 1 46  ? -17.867 0.565   -3.923  1.00 25.39  ? 49  TRP A CD1 1 
ATOM   372  C CD2 . TRP A 1 46  ? -16.989 -0.599  -5.615  1.00 24.59  ? 49  TRP A CD2 1 
ATOM   373  N NE1 . TRP A 1 46  ? -16.658 1.138   -4.240  1.00 30.08  ? 49  TRP A NE1 1 
ATOM   374  C CE2 . TRP A 1 46  ? -16.088 0.423   -5.258  1.00 25.10  ? 49  TRP A CE2 1 
ATOM   375  C CE3 . TRP A 1 46  ? -16.635 -1.485  -6.638  1.00 28.08  ? 49  TRP A CE3 1 
ATOM   376  C CZ2 . TRP A 1 46  ? -14.866 0.650   -5.975  1.00 24.51  ? 49  TRP A CZ2 1 
ATOM   377  C CZ3 . TRP A 1 46  ? -15.369 -1.281  -7.309  1.00 28.08  ? 49  TRP A CZ3 1 
ATOM   378  C CH2 . TRP A 1 46  ? -14.553 -0.215  -6.964  1.00 27.24  ? 49  TRP A CH2 1 
ATOM   379  N N   . ALA A 1 47  ? -17.004 -3.912  -4.433  1.00 27.40  ? 50  ALA A N   1 
ATOM   380  C CA  . ALA A 1 47  ? -16.046 -4.736  -5.201  1.00 27.30  ? 50  ALA A CA  1 
ATOM   381  C C   . ALA A 1 47  ? -16.202 -6.260  -5.006  1.00 28.47  ? 50  ALA A C   1 
ATOM   382  O O   . ALA A 1 47  ? -16.617 -6.730  -3.917  1.00 27.18  ? 50  ALA A O   1 
ATOM   383  C CB  . ALA A 1 47  ? -14.587 -4.335  -4.788  1.00 27.37  ? 50  ALA A CB  1 
ATOM   384  N N   . PRO A 1 48  ? -15.860 -7.052  -6.043  1.00 28.45  ? 51  PRO A N   1 
ATOM   385  C CA  . PRO A 1 48  ? -15.727 -8.523  -5.940  1.00 28.96  ? 51  PRO A CA  1 
ATOM   386  C C   . PRO A 1 48  ? -14.834 -8.920  -4.798  1.00 30.92  ? 51  PRO A C   1 
ATOM   387  O O   . PRO A 1 48  ? -13.907 -8.169  -4.461  1.00 30.66  ? 51  PRO A O   1 
ATOM   388  C CB  . PRO A 1 48  ? -15.026 -8.901  -7.254  1.00 29.25  ? 51  PRO A CB  1 
ATOM   389  C CG  . PRO A 1 48  ? -15.374 -7.822  -8.167  1.00 27.48  ? 51  PRO A CG  1 
ATOM   390  C CD  . PRO A 1 48  ? -15.513 -6.575  -7.393  1.00 28.63  ? 51  PRO A CD  1 
ATOM   391  N N   . LYS A 1 49  ? -15.030 -10.119 -4.254  1.00 31.62  ? 52  LYS A N   1 
ATOM   392  C CA  . LYS A 1 49  ? -14.032 -10.675 -3.322  1.00 32.27  ? 52  LYS A CA  1 
ATOM   393  C C   . LYS A 1 49  ? -12.613 -10.563 -3.921  1.00 30.04  ? 52  LYS A C   1 
ATOM   394  O O   . LYS A 1 49  ? -12.385 -10.906 -5.091  1.00 29.74  ? 52  LYS A O   1 
ATOM   395  C CB  . LYS A 1 49  ? -14.343 -12.137 -3.030  1.00 33.35  ? 52  LYS A CB  1 
ATOM   396  C CG  . LYS A 1 49  ? -13.692 -12.673 -1.758  1.00 38.94  ? 52  LYS A CG  1 
ATOM   397  C CD  . LYS A 1 49  ? -13.718 -14.207 -1.756  1.00 41.50  ? 52  LYS A CD  1 
ATOM   398  C CE  . LYS A 1 49  ? -12.936 -14.763 -0.562  1.00 46.24  ? 52  LYS A CE  1 
ATOM   399  N NZ  . LYS A 1 49  ? -13.068 -16.237 -0.550  1.00 48.86  ? 52  LYS A NZ  1 
ATOM   400  N N   . PRO A 1 50  ? -11.645 -10.085 -3.132  1.00 29.49  ? 53  PRO A N   1 
ATOM   401  C CA  . PRO A 1 50  ? -10.265 -9.989  -3.617  1.00 27.80  ? 53  PRO A CA  1 
ATOM   402  C C   . PRO A 1 50  ? -9.651  -11.345 -3.853  1.00 28.77  ? 53  PRO A C   1 
ATOM   403  O O   . PRO A 1 50  ? -10.221 -12.352 -3.434  1.00 28.65  ? 53  PRO A O   1 
ATOM   404  C CB  . PRO A 1 50  ? -9.513  -9.299  -2.434  1.00 28.99  ? 53  PRO A CB  1 
ATOM   405  C CG  . PRO A 1 50  ? -10.407 -9.460  -1.229  1.00 25.30  ? 53  PRO A CG  1 
ATOM   406  C CD  . PRO A 1 50  ? -11.830 -9.514  -1.777  1.00 28.04  ? 53  PRO A CD  1 
ATOM   407  N N   . PRO A 1 51  ? -8.466  -11.395 -4.492  1.00 27.26  ? 54  PRO A N   1 
ATOM   408  C CA  . PRO A 1 51  ? -7.648  -12.574 -4.536  1.00 28.46  ? 54  PRO A CA  1 
ATOM   409  C C   . PRO A 1 51  ? -7.183  -12.839 -3.116  1.00 28.02  ? 54  PRO A C   1 
ATOM   410  O O   . PRO A 1 51  ? -7.389  -11.936 -2.261  1.00 27.77  ? 54  PRO A O   1 
ATOM   411  C CB  . PRO A 1 51  ? -6.500  -12.146 -5.487  1.00 29.61  ? 54  PRO A CB  1 
ATOM   412  C CG  . PRO A 1 51  ? -6.479  -10.656 -5.377  1.00 28.17  ? 54  PRO A CG  1 
ATOM   413  C CD  . PRO A 1 51  ? -7.900  -10.307 -5.319  1.00 28.74  ? 54  PRO A CD  1 
ATOM   414  N N   . PRO A 1 52  ? -6.625  -14.051 -2.804  1.00 28.41  ? 55  PRO A N   1 
ATOM   415  C CA  . PRO A 1 52  ? -6.169  -14.339 -1.447  1.00 27.36  ? 55  PRO A CA  1 
ATOM   416  C C   . PRO A 1 52  ? -5.178  -13.236 -1.069  1.00 26.85  ? 55  PRO A C   1 
ATOM   417  O O   . PRO A 1 52  ? -4.240  -13.000 -1.810  1.00 23.31  ? 55  PRO A O   1 
ATOM   418  C CB  . PRO A 1 52  ? -5.443  -15.679 -1.610  1.00 29.52  ? 55  PRO A CB  1 
ATOM   419  C CG  . PRO A 1 52  ? -6.330  -16.355 -2.691  1.00 29.06  ? 55  PRO A CG  1 
ATOM   420  C CD  . PRO A 1 52  ? -6.432  -15.214 -3.688  1.00 28.52  ? 55  PRO A CD  1 
ATOM   421  N N   . LEU A 1 53  ? -5.466  -12.534 0.030   1.00 26.12  ? 56  LEU A N   1 
ATOM   422  C CA  . LEU A 1 53  ? -4.747  -11.307 0.342   1.00 24.98  ? 56  LEU A CA  1 
ATOM   423  C C   . LEU A 1 53  ? -3.364  -11.652 0.879   1.00 24.41  ? 56  LEU A C   1 
ATOM   424  O O   . LEU A 1 53  ? -2.481  -10.792 0.737   1.00 23.87  ? 56  LEU A O   1 
ATOM   425  C CB  . LEU A 1 53  ? -5.522  -10.443 1.358   1.00 24.45  ? 56  LEU A CB  1 
ATOM   426  C CG  . LEU A 1 53  ? -6.816  -9.853  0.874   1.00 22.88  ? 56  LEU A CG  1 
ATOM   427  C CD1 . LEU A 1 53  ? -7.479  -9.010  1.987   1.00 27.23  ? 56  LEU A CD1 1 
ATOM   428  C CD2 . LEU A 1 53  ? -6.669  -8.999  -0.378  1.00 26.05  ? 56  LEU A CD2 1 
ATOM   429  N N   . ASP A 1 54  ? -3.161  -12.843 1.476   1.00 23.67  ? 57  ASP A N   1 
ATOM   430  C CA  . ASP A 1 54  ? -1.805  -13.282 1.816   1.00 24.81  ? 57  ASP A CA  1 
ATOM   431  C C   . ASP A 1 54  ? -0.909  -13.427 0.589   1.00 24.51  ? 57  ASP A C   1 
ATOM   432  O O   . ASP A 1 54  ? 0.241   -12.966 0.594   1.00 24.38  ? 57  ASP A O   1 
ATOM   433  C CB  . ASP A 1 54  ? -1.703  -14.544 2.729   1.00 26.16  ? 57  ASP A CB  1 
ATOM   434  C CG  . ASP A 1 54  ? -2.399  -15.816 2.160   1.00 26.99  ? 57  ASP A CG  1 
ATOM   435  O OD1 . ASP A 1 54  ? -3.141  -15.764 1.146   1.00 30.54  ? 57  ASP A OD1 1 
ATOM   436  O OD2 . ASP A 1 54  ? -2.216  -16.887 2.817   1.00 32.29  ? 57  ASP A OD2 1 
ATOM   437  N N   . THR A 1 55  ? -1.433  -14.091 -0.444  1.00 24.21  ? 58  THR A N   1 
ATOM   438  C CA  . THR A 1 55  ? -0.725  -14.148 -1.744  1.00 22.23  ? 58  THR A CA  1 
ATOM   439  C C   . THR A 1 55  ? -0.430  -12.790 -2.338  1.00 22.42  ? 58  THR A C   1 
ATOM   440  O O   . THR A 1 55  ? 0.718   -12.507 -2.780  1.00 21.13  ? 58  THR A O   1 
ATOM   441  C CB  . THR A 1 55  ? -1.499  -15.021 -2.775  1.00 23.64  ? 58  THR A CB  1 
ATOM   442  O OG1 . THR A 1 55  ? -1.960  -16.178 -2.073  1.00 26.14  ? 58  THR A OG1 1 
ATOM   443  C CG2 . THR A 1 55  ? -0.569  -15.408 -3.920  1.00 25.25  ? 58  THR A CG2 1 
ATOM   444  N N   . LEU A 1 56  ? -1.468  -11.966 -2.439  1.00 21.27  ? 59  LEU A N   1 
ATOM   445  C CA  . LEU A 1 56  ? -1.265  -10.603 -2.950  1.00 21.56  ? 59  LEU A CA  1 
ATOM   446  C C   . LEU A 1 56  ? -0.161  -9.892  -2.142  1.00 20.95  ? 59  LEU A C   1 
ATOM   447  O O   . LEU A 1 56  ? 0.814   -9.399  -2.731  1.00 19.95  ? 59  LEU A O   1 
ATOM   448  C CB  . LEU A 1 56  ? -2.588  -9.849  -2.914  1.00 21.23  ? 59  LEU A CB  1 
ATOM   449  C CG  . LEU A 1 56  ? -2.447  -8.350  -3.259  1.00 23.24  ? 59  LEU A CG  1 
ATOM   450  C CD1 . LEU A 1 56  ? -1.930  -8.309  -4.717  1.00 22.86  ? 59  LEU A CD1 1 
ATOM   451  C CD2 . LEU A 1 56  ? -3.738  -7.592  -3.131  1.00 23.59  ? 59  LEU A CD2 1 
ATOM   452  N N   . ALA A 1 57  ? -0.265  -9.884  -0.817  1.00 17.85  ? 60  ALA A N   1 
ATOM   453  C CA  . ALA A 1 57  ? 0.746   -9.210  -0.044  1.00 19.05  ? 60  ALA A CA  1 
ATOM   454  C C   . ALA A 1 57  ? 2.140   -9.804  -0.189  1.00 20.17  ? 60  ALA A C   1 
ATOM   455  O O   . ALA A 1 57  ? 3.105   -9.018  -0.268  1.00 19.18  ? 60  ALA A O   1 
ATOM   456  C CB  . ALA A 1 57  ? 0.363   -9.180  1.450   1.00 20.64  ? 60  ALA A CB  1 
ATOM   457  N N   . THR A 1 58  ? 2.284   -11.134 -0.230  1.00 19.61  ? 61  THR A N   1 
ATOM   458  C CA  . THR A 1 58  ? 3.611   -11.704 -0.393  1.00 20.98  ? 61  THR A CA  1 
ATOM   459  C C   . THR A 1 58  ? 4.227   -11.387 -1.780  1.00 18.71  ? 61  THR A C   1 
ATOM   460  O O   . THR A 1 58  ? 5.435   -11.106 -1.840  1.00 19.66  ? 61  THR A O   1 
ATOM   461  C CB  . THR A 1 58  ? 3.663   -13.252 -0.213  1.00 20.89  ? 61  THR A CB  1 
ATOM   462  O OG1 . THR A 1 58  ? 2.782   -13.848 -1.121  1.00 29.42  ? 61  THR A OG1 1 
ATOM   463  C CG2 . THR A 1 58  ? 3.152   -13.613 1.086   1.00 21.11  ? 61  THR A CG2 1 
ATOM   464  N N   . LEU A 1 59  ? 3.421   -11.357 -2.837  1.00 18.97  ? 62  LEU A N   1 
ATOM   465  C CA  . LEU A 1 59  ? 3.916   -10.987 -4.210  1.00 18.94  ? 62  LEU A CA  1 
ATOM   466  C C   . LEU A 1 59  ? 4.269   -9.502  -4.232  1.00 19.95  ? 62  LEU A C   1 
ATOM   467  O O   . LEU A 1 59  ? 5.335   -9.158  -4.724  1.00 18.48  ? 62  LEU A O   1 
ATOM   468  C CB  . LEU A 1 59  ? 2.839   -11.226 -5.303  1.00 19.95  ? 62  LEU A CB  1 
ATOM   469  C CG  . LEU A 1 59  ? 2.510   -12.721 -5.613  1.00 22.84  ? 62  LEU A CG  1 
ATOM   470  C CD1 . LEU A 1 59  ? 1.420   -12.899 -6.645  1.00 27.17  ? 62  LEU A CD1 1 
ATOM   471  C CD2 . LEU A 1 59  ? 3.814   -13.477 -5.964  1.00 30.67  ? 62  LEU A CD2 1 
ATOM   472  N N   . VAL A 1 60  ? 3.423   -8.629  -3.614  1.00 19.20  ? 63  VAL A N   1 
ATOM   473  C CA  . VAL A 1 60  ? 3.758   -7.181  -3.578  1.00 19.66  ? 63  VAL A CA  1 
ATOM   474  C C   . VAL A 1 60  ? 5.092   -7.015  -2.826  1.00 19.66  ? 63  VAL A C   1 
ATOM   475  O O   . VAL A 1 60  ? 5.987   -6.293  -3.300  1.00 19.05  ? 63  VAL A O   1 
ATOM   476  C CB  . VAL A 1 60  ? 2.645   -6.333  -2.922  1.00 19.36  ? 63  VAL A CB  1 
ATOM   477  C CG1 . VAL A 1 60  ? 3.169   -4.896  -2.578  1.00 17.33  ? 63  VAL A CG1 1 
ATOM   478  C CG2 . VAL A 1 60  ? 1.372   -6.263  -3.832  1.00 19.24  ? 63  VAL A CG2 1 
ATOM   479  N N   . ALA A 1 61  ? 5.260   -7.681  -1.671  1.00 20.98  ? 64  ALA A N   1 
ATOM   480  C CA  . ALA A 1 61  ? 6.463   -7.536  -0.882  1.00 21.21  ? 64  ALA A CA  1 
ATOM   481  C C   . ALA A 1 61  ? 7.673   -8.120  -1.582  1.00 21.42  ? 64  ALA A C   1 
ATOM   482  O O   . ALA A 1 61  ? 8.708   -7.491  -1.577  1.00 22.12  ? 64  ALA A O   1 
ATOM   483  C CB  . ALA A 1 61  ? 6.298   -8.114  0.536   1.00 21.08  ? 64  ALA A CB  1 
ATOM   484  N N   . SER A 1 62  ? 7.510   -9.274  -2.227  1.00 21.55  ? 65  SER A N   1 
ATOM   485  C CA  . SER A 1 62  ? 8.608   -9.822  -3.044  1.00 23.86  ? 65  SER A CA  1 
ATOM   486  C C   . SER A 1 62  ? 9.088   -8.918  -4.156  1.00 22.62  ? 65  SER A C   1 
ATOM   487  O O   . SER A 1 62  ? 10.332  -8.765  -4.345  1.00 24.25  ? 65  SER A O   1 
ATOM   488  C CB  . SER A 1 62  ? 8.166   -11.123 -3.675  1.00 23.82  ? 65  SER A CB  1 
ATOM   489  O OG  . SER A 1 62  ? 8.249   -12.022 -2.643  1.00 31.60  ? 65  SER A OG  1 
ATOM   490  N N   . ASN A 1 63  ? 8.132   -8.352  -4.891  1.00 23.24  ? 66  ASN A N   1 
ATOM   491  C CA  . ASN A 1 63  ? 8.457   -7.411  -5.966  1.00 23.45  ? 66  ASN A CA  1 
ATOM   492  C C   . ASN A 1 63  ? 9.123   -6.154  -5.470  1.00 23.69  ? 66  ASN A C   1 
ATOM   493  O O   . ASN A 1 63  ? 10.083  -5.613  -6.094  1.00 22.47  ? 66  ASN A O   1 
ATOM   494  C CB  . ASN A 1 63  ? 7.177   -7.042  -6.713  1.00 23.12  ? 66  ASN A CB  1 
ATOM   495  C CG  . ASN A 1 63  ? 7.371   -5.853  -7.650  1.00 28.52  ? 66  ASN A CG  1 
ATOM   496  O OD1 . ASN A 1 63  ? 7.006   -4.703  -7.326  1.00 35.99  ? 66  ASN A OD1 1 
ATOM   497  N ND2 . ASN A 1 63  ? 7.993   -6.111  -8.778  1.00 33.02  ? 66  ASN A ND2 1 
ATOM   498  N N   . ALA A 1 64  ? 8.664   -5.673  -4.311  1.00 23.99  ? 67  ALA A N   1 
ATOM   499  C CA  . ALA A 1 64  ? 9.251   -4.466  -3.733  1.00 24.51  ? 67  ALA A CA  1 
ATOM   500  C C   . ALA A 1 64  ? 10.695  -4.706  -3.362  1.00 25.96  ? 67  ALA A C   1 
ATOM   501  O O   . ALA A 1 64  ? 11.554  -3.883  -3.667  1.00 26.52  ? 67  ALA A O   1 
ATOM   502  C CB  . ALA A 1 64  ? 8.427   -3.960  -2.524  1.00 26.04  ? 67  ALA A CB  1 
ATOM   503  N N   . ALA A 1 65  ? 10.998  -5.880  -2.806  1.00 24.19  ? 68  ALA A N   1 
ATOM   504  C CA  . ALA A 1 65  ? 12.381  -6.249  -2.538  1.00 25.08  ? 68  ALA A CA  1 
ATOM   505  C C   . ALA A 1 65  ? 13.159  -6.411  -3.810  1.00 25.99  ? 68  ALA A C   1 
ATOM   506  O O   . ALA A 1 65  ? 14.274  -5.844  -3.890  1.00 26.51  ? 68  ALA A O   1 
ATOM   507  C CB  . ALA A 1 65  ? 12.435  -7.523  -1.741  1.00 26.14  ? 68  ALA A CB  1 
ATOM   508  N N   . ALA A 1 66  ? 12.580  -7.126  -4.798  1.00 25.28  ? 69  ALA A N   1 
ATOM   509  C CA  . ALA A 1 66  ? 13.224  -7.371  -6.119  1.00 24.81  ? 69  ALA A CA  1 
ATOM   510  C C   . ALA A 1 66  ? 13.685  -6.064  -6.816  1.00 25.81  ? 69  ALA A C   1 
ATOM   511  O O   . ALA A 1 66  ? 14.858  -5.996  -7.315  1.00 27.14  ? 69  ALA A O   1 
ATOM   512  C CB  . ALA A 1 66  ? 12.399  -8.245  -6.994  1.00 27.38  ? 69  ALA A CB  1 
ATOM   513  N N   . THR A 1 67  ? 12.863  -4.992  -6.736  1.00 23.79  ? 70  THR A N   1 
ATOM   514  C CA  . THR A 1 67  ? 13.153  -3.733  -7.361  1.00 25.19  ? 70  THR A CA  1 
ATOM   515  C C   . THR A 1 67  ? 14.268  -2.903  -6.743  1.00 25.03  ? 70  THR A C   1 
ATOM   516  O O   . THR A 1 67  ? 14.692  -1.949  -7.346  1.00 23.66  ? 70  THR A O   1 
ATOM   517  C CB  . THR A 1 67  ? 11.918  -2.755  -7.518  1.00 25.22  ? 70  THR A CB  1 
ATOM   518  O OG1 . THR A 1 67  ? 11.550  -2.173  -6.268  1.00 23.77  ? 70  THR A OG1 1 
ATOM   519  C CG2 . THR A 1 67  ? 10.720  -3.469  -8.061  1.00 26.67  ? 70  THR A CG2 1 
ATOM   520  N N   . GLN A 1 68  ? 14.691  -3.217  -5.524  1.00 26.55  ? 71  GLN A N   1 
ATOM   521  C CA  . GLN A 1 68  ? 15.800  -2.445  -4.916  1.00 27.50  ? 71  GLN A CA  1 
ATOM   522  C C   . GLN A 1 68  ? 17.079  -2.467  -5.781  1.00 27.36  ? 71  GLN A C   1 
ATOM   523  O O   . GLN A 1 68  ? 17.754  -1.437  -5.875  1.00 27.12  ? 71  GLN A O   1 
ATOM   524  C CB  . GLN A 1 68  ? 16.054  -2.858  -3.445  1.00 28.77  ? 71  GLN A CB  1 
ATOM   525  N N   . ALA A 1 69  ? 17.340  -3.598  -6.458  1.00 27.25  ? 72  ALA A N   1 
ATOM   526  C CA  . ALA A 1 69  ? 18.502  -3.765  -7.352  1.00 28.04  ? 72  ALA A CA  1 
ATOM   527  C C   . ALA A 1 69  ? 18.504  -2.720  -8.448  1.00 26.18  ? 72  ALA A C   1 
ATOM   528  O O   . ALA A 1 69  ? 19.506  -2.051  -8.676  1.00 26.42  ? 72  ALA A O   1 
ATOM   529  C CB  . ALA A 1 69  ? 18.601  -5.183  -7.918  1.00 27.95  ? 72  ALA A CB  1 
ATOM   530  N N   . LEU A 1 70  ? 17.309  -2.456  -9.006  1.00 25.05  ? 73  LEU A N   1 
ATOM   531  C CA  A LEU A 1 70  ? 17.141  -1.406  -9.976  0.80 24.21  ? 73  LEU A CA  1 
ATOM   532  C CA  B LEU A 1 70  ? 17.108  -1.424  -9.983  0.20 23.54  ? 73  LEU A CA  1 
ATOM   533  C C   . LEU A 1 70  ? 17.352  -0.033  -9.403  1.00 23.83  ? 73  LEU A C   1 
ATOM   534  O O   . LEU A 1 70  ? 18.035  0.769   -10.009 1.00 24.18  ? 73  LEU A O   1 
ATOM   535  C CB  A LEU A 1 70  ? 15.706  -1.454  -10.615 0.80 24.10  ? 73  LEU A CB  1 
ATOM   536  C CB  B LEU A 1 70  ? 15.675  -1.531  -10.524 0.20 23.24  ? 73  LEU A CB  1 
ATOM   537  C CG  A LEU A 1 70  ? 15.587  -2.327  -11.829 0.80 23.74  ? 73  LEU A CG  1 
ATOM   538  C CG  B LEU A 1 70  ? 15.476  -0.920  -11.890 0.20 20.69  ? 73  LEU A CG  1 
ATOM   539  C CD1 A LEU A 1 70  ? 14.111  -2.631  -12.083 0.80 24.14  ? 73  LEU A CD1 1 
ATOM   540  C CD1 B LEU A 1 70  ? 16.718  -1.133  -12.718 0.20 20.56  ? 73  LEU A CD1 1 
ATOM   541  C CD2 A LEU A 1 70  ? 16.217  -1.625  -13.061 0.80 23.75  ? 73  LEU A CD2 1 
ATOM   542  C CD2 B LEU A 1 70  ? 14.268  -1.603  -12.544 0.20 16.65  ? 73  LEU A CD2 1 
ATOM   543  N N   . ALA A 1 71  ? 16.766  0.257   -8.210  1.00 19.30  ? 74  ALA A N   1 
ATOM   544  C CA  . ALA A 1 71  ? 16.933  1.584   -7.662  1.00 20.29  ? 74  ALA A CA  1 
ATOM   545  C C   . ALA A 1 71  ? 18.438  1.826   -7.442  1.00 22.00  ? 74  ALA A C   1 
ATOM   546  O O   . ALA A 1 71  ? 18.913  2.919   -7.726  1.00 24.90  ? 74  ALA A O   1 
ATOM   547  C CB  . ALA A 1 71  ? 16.163  1.729   -6.323  1.00 21.10  ? 74  ALA A CB  1 
ATOM   548  N N   . LYS A 1 72  ? 19.117  0.803   -6.948  1.00 23.51  ? 75  LYS A N   1 
ATOM   549  C CA  . LYS A 1 72  ? 20.567  0.909   -6.592  1.00 27.75  ? 75  LYS A CA  1 
ATOM   550  C C   . LYS A 1 72  ? 21.384  1.059   -7.872  1.00 29.40  ? 75  LYS A C   1 
ATOM   551  O O   . LYS A 1 72  ? 22.311  1.904   -7.900  1.00 29.94  ? 75  LYS A O   1 
ATOM   552  C CB  . LYS A 1 72  ? 21.057  -0.289  -5.815  1.00 27.73  ? 75  LYS A CB  1 
ATOM   553  C CG  . LYS A 1 72  ? 20.674  -0.326  -4.296  1.00 30.01  ? 75  LYS A CG  1 
ATOM   554  C CD  . LYS A 1 72  ? 21.081  -1.742  -3.768  1.00 37.10  ? 75  LYS A CD  1 
ATOM   555  C CE  . LYS A 1 72  ? 21.210  -1.819  -2.251  1.00 39.55  ? 75  LYS A CE  1 
ATOM   556  N NZ  . LYS A 1 72  ? 19.867  -1.687  -1.664  1.00 41.11  ? 75  LYS A NZ  1 
ATOM   557  N N   . LEU A 1 73  ? 21.049  0.277   -8.918  1.00 30.86  ? 76  LEU A N   1 
ATOM   558  C CA  . LEU A 1 73  ? 21.663  0.470   -10.255 1.00 31.52  ? 76  LEU A CA  1 
ATOM   559  C C   . LEU A 1 73  ? 21.568  1.901   -10.718 1.00 31.92  ? 76  LEU A C   1 
ATOM   560  O O   . LEU A 1 73  ? 22.492  2.378   -11.377 1.00 33.34  ? 76  LEU A O   1 
ATOM   561  C CB  . LEU A 1 73  ? 21.058  -0.408  -11.386 1.00 30.64  ? 76  LEU A CB  1 
ATOM   562  C CG  . LEU A 1 73  ? 21.828  -1.510  -12.110 1.00 32.16  ? 76  LEU A CG  1 
ATOM   563  C CD1 . LEU A 1 73  ? 21.226  -1.809  -13.468 1.00 29.43  ? 76  LEU A CD1 1 
ATOM   564  C CD2 . LEU A 1 73  ? 23.374  -1.300  -12.169 1.00 30.99  ? 76  LEU A CD2 1 
ATOM   565  N N   . LEU A 1 74  ? 20.421  2.552   -10.446 1.00 31.76  ? 77  LEU A N   1 
ATOM   566  C CA  A LEU A 1 74  ? 20.198  3.933   -10.817 0.80 31.19  ? 77  LEU A CA  1 
ATOM   567  C CA  B LEU A 1 74  ? 20.151  3.926   -10.820 0.20 32.39  ? 77  LEU A CA  1 
ATOM   568  C C   . LEU A 1 74  ? 20.643  4.949   -9.793  1.00 32.76  ? 77  LEU A C   1 
ATOM   569  O O   . LEU A 1 74  ? 20.224  6.137   -9.853  1.00 34.62  ? 77  LEU A O   1 
ATOM   570  C CB  A LEU A 1 74  ? 18.726  4.198   -11.021 0.80 30.51  ? 77  LEU A CB  1 
ATOM   571  C CB  B LEU A 1 74  ? 18.642  4.094   -10.980 0.20 32.04  ? 77  LEU A CB  1 
ATOM   572  C CG  A LEU A 1 74  ? 17.978  3.397   -12.086 0.80 27.40  ? 77  LEU A CG  1 
ATOM   573  C CG  B LEU A 1 74  ? 18.151  5.058   -12.054 0.20 32.03  ? 77  LEU A CG  1 
ATOM   574  C CD1 A LEU A 1 74  ? 16.575  3.901   -12.061 0.80 32.16  ? 77  LEU A CD1 1 
ATOM   575  C CD1 B LEU A 1 74  ? 18.766  4.659   -13.372 0.20 30.05  ? 77  LEU A CD1 1 
ATOM   576  C CD2 A LEU A 1 74  ? 18.594  3.581   -13.475 0.80 30.21  ? 77  LEU A CD2 1 
ATOM   577  C CD2 B LEU A 1 74  ? 16.633  5.052   -12.129 0.20 31.07  ? 77  LEU A CD2 1 
ATOM   578  N N   . GLY A 1 75  ? 21.444  4.497   -8.833  1.00 33.22  ? 78  GLY A N   1 
ATOM   579  C CA  . GLY A 1 75  ? 21.975  5.369   -7.788  1.00 33.78  ? 78  GLY A CA  1 
ATOM   580  C C   . GLY A 1 75  ? 21.029  5.907   -6.723  1.00 34.01  ? 78  GLY A C   1 
ATOM   581  O O   . GLY A 1 75  ? 21.191  7.057   -6.307  1.00 36.00  ? 78  GLY A O   1 
ATOM   582  N N   . GLU A 1 76  ? 20.022  5.134   -6.286  1.00 32.55  ? 79  GLU A N   1 
ATOM   583  C CA  A GLU A 1 76  ? 19.389  5.506   -5.025  0.50 31.29  ? 79  GLU A CA  1 
ATOM   584  C CA  B GLU A 1 76  ? 19.079  5.496   -5.155  0.50 31.54  ? 79  GLU A CA  1 
ATOM   585  C C   . GLU A 1 76  ? 19.160  4.287   -4.198  1.00 30.37  ? 79  GLU A C   1 
ATOM   586  O O   . GLU A 1 76  ? 19.414  3.159   -4.650  1.00 32.08  ? 79  GLU A O   1 
ATOM   587  C CB  A GLU A 1 76  ? 18.114  6.265   -5.220  0.50 30.22  ? 79  GLU A CB  1 
ATOM   588  C CB  B GLU A 1 76  ? 17.562  5.730   -5.552  0.50 31.55  ? 79  GLU A CB  1 
ATOM   589  C CG  A GLU A 1 76  ? 16.993  5.412   -5.733  0.50 25.13  ? 79  GLU A CG  1 
ATOM   590  C CG  B GLU A 1 76  ? 17.109  7.039   -6.372  0.50 27.60  ? 79  GLU A CG  1 
ATOM   591  C CD  A GLU A 1 76  ? 16.155  6.269   -6.580  0.50 24.11  ? 79  GLU A CD  1 
ATOM   592  C CD  B GLU A 1 76  ? 16.273  8.178   -5.623  0.50 22.45  ? 79  GLU A CD  1 
ATOM   593  O OE1 A GLU A 1 76  ? 16.225  7.489   -6.305  0.50 19.41  ? 79  GLU A OE1 1 
ATOM   594  O OE1 B GLU A 1 76  ? 16.239  9.320   -6.123  0.50 23.86  ? 79  GLU A OE1 1 
ATOM   595  O OE2 A GLU A 1 76  ? 15.470  5.735   -7.505  0.50 24.97  ? 79  GLU A OE2 1 
ATOM   596  O OE2 B GLU A 1 76  ? 15.662  7.991   -4.537  0.50 17.42  ? 79  GLU A OE2 1 
ATOM   597  N N   . ALA A 1 77  ? 18.783  4.506   -2.940  1.00 31.69  ? 80  ALA A N   1 
ATOM   598  C CA  . ALA A 1 77  ? 18.710  3.435   -1.975  1.00 30.23  ? 80  ALA A CA  1 
ATOM   599  C C   . ALA A 1 77  ? 17.593  2.415   -2.280  1.00 30.14  ? 80  ALA A C   1 
ATOM   600  O O   . ALA A 1 77  ? 17.817  1.187   -2.262  1.00 30.59  ? 80  ALA A O   1 
ATOM   601  C CB  . ALA A 1 77  ? 18.499  4.042   -0.606  1.00 31.56  ? 80  ALA A CB  1 
ATOM   602  N N   . ARG A 1 78  ? 16.401  2.949   -2.550  1.00 28.24  ? 81  ARG A N   1 
ATOM   603  C CA  A ARG A 1 78  ? 15.209  2.129   -2.832  0.50 27.09  ? 81  ARG A CA  1 
ATOM   604  C CA  B ARG A 1 78  ? 15.238  2.102   -2.905  0.50 26.52  ? 81  ARG A CA  1 
ATOM   605  C C   . ARG A 1 78  ? 14.207  2.989   -3.574  1.00 24.56  ? 81  ARG A C   1 
ATOM   606  O O   . ARG A 1 78  ? 14.330  4.204   -3.569  1.00 25.43  ? 81  ARG A O   1 
ATOM   607  C CB  A ARG A 1 78  ? 14.589  1.596   -1.514  0.50 28.51  ? 81  ARG A CB  1 
ATOM   608  C CB  B ARG A 1 78  ? 14.635  1.389   -1.662  0.50 27.89  ? 81  ARG A CB  1 
ATOM   609  C CG  A ARG A 1 78  ? 14.601  2.575   -0.342  0.50 30.24  ? 81  ARG A CG  1 
ATOM   610  C CG  B ARG A 1 78  ? 13.636  2.227   -0.889  0.50 26.13  ? 81  ARG A CG  1 
ATOM   611  C CD  A ARG A 1 78  ? 13.905  1.939   0.896   0.50 34.32  ? 81  ARG A CD  1 
ATOM   612  C CD  B ARG A 1 78  ? 13.357  1.748   0.510   0.50 27.51  ? 81  ARG A CD  1 
ATOM   613  N NE  A ARG A 1 78  ? 12.912  2.841   1.480   0.50 37.35  ? 81  ARG A NE  1 
ATOM   614  N NE  B ARG A 1 78  ? 12.469  2.701   1.161   0.50 31.85  ? 81  ARG A NE  1 
ATOM   615  C CZ  A ARG A 1 78  ? 12.250  2.610   2.616   0.50 38.44  ? 81  ARG A CZ  1 
ATOM   616  C CZ  B ARG A 1 78  ? 11.159  2.775   0.923   0.50 31.41  ? 81  ARG A CZ  1 
ATOM   617  N NH1 A ARG A 1 78  ? 12.477  1.503   3.318   0.50 37.54  ? 81  ARG A NH1 1 
ATOM   618  N NH1 B ARG A 1 78  ? 10.603  1.947   0.053   0.50 35.34  ? 81  ARG A NH1 1 
ATOM   619  N NH2 A ARG A 1 78  ? 11.361  3.501   3.045   0.50 36.69  ? 81  ARG A NH2 1 
ATOM   620  N NH2 B ARG A 1 78  ? 10.417  3.664   1.550   0.50 30.23  ? 81  ARG A NH2 1 
ATOM   621  N N   . PHE A 1 79  ? 13.186  2.394   -4.195  1.00 20.83  ? 82  PHE A N   1 
ATOM   622  C CA  . PHE A 1 79  ? 12.105  3.271   -4.684  1.00 19.03  ? 82  PHE A CA  1 
ATOM   623  C C   . PHE A 1 79  ? 11.135  3.563   -3.511  1.00 17.99  ? 82  PHE A C   1 
ATOM   624  O O   . PHE A 1 79  ? 11.067  2.761   -2.546  1.00 21.83  ? 82  PHE A O   1 
ATOM   625  C CB  . PHE A 1 79  ? 11.358  2.518   -5.795  1.00 19.13  ? 82  PHE A CB  1 
ATOM   626  C CG  . PHE A 1 79  ? 12.182  2.352   -7.031  1.00 17.53  ? 82  PHE A CG  1 
ATOM   627  C CD1 . PHE A 1 79  ? 12.648  3.481   -7.693  1.00 17.90  ? 82  PHE A CD1 1 
ATOM   628  C CD2 . PHE A 1 79  ? 12.431  1.125   -7.527  1.00 19.56  ? 82  PHE A CD2 1 
ATOM   629  C CE1 . PHE A 1 79  ? 13.447  3.337   -8.886  1.00 15.08  ? 82  PHE A CE1 1 
ATOM   630  C CE2 . PHE A 1 79  ? 13.177  0.949   -8.769  1.00 19.30  ? 82  PHE A CE2 1 
ATOM   631  C CZ  . PHE A 1 79  ? 13.670  2.120   -9.383  1.00 17.44  ? 82  PHE A CZ  1 
ATOM   632  N N   . GLN A 1 80  ? 10.438  4.664   -3.552  1.00 16.79  ? 83  GLN A N   1 
ATOM   633  C CA  . GLN A 1 80  ? 9.513   4.965   -2.461  1.00 19.33  ? 83  GLN A CA  1 
ATOM   634  C C   . GLN A 1 80  ? 8.079   4.618   -2.870  1.00 16.24  ? 83  GLN A C   1 
ATOM   635  O O   . GLN A 1 80  ? 7.230   4.352   -2.009  1.00 16.75  ? 83  GLN A O   1 
ATOM   636  C CB  . GLN A 1 80  ? 9.520   6.434   -2.244  1.00 21.04  ? 83  GLN A CB  1 
ATOM   637  C CG  . GLN A 1 80  ? 10.933  6.905   -1.816  1.00 27.41  ? 83  GLN A CG  1 
ATOM   638  C CD  . GLN A 1 80  ? 10.945  8.377   -1.525  1.00 37.20  ? 83  GLN A CD  1 
ATOM   639  O OE1 . GLN A 1 80  ? 11.320  8.804   -0.426  1.00 44.28  ? 83  GLN A OE1 1 
ATOM   640  N NE2 . GLN A 1 80  ? 10.505  9.173   -2.487  1.00 39.20  ? 83  GLN A NE2 1 
ATOM   641  N N   . GLU A 1 81  ? 7.822   4.676   -4.173  1.00 16.60  ? 84  GLU A N   1 
ATOM   642  C CA  A GLU A 1 81  ? 6.434   4.541   -4.655  0.50 16.27  ? 84  GLU A CA  1 
ATOM   643  C CA  B GLU A 1 81  ? 6.449   4.467   -4.625  0.50 17.21  ? 84  GLU A CA  1 
ATOM   644  C C   . GLU A 1 81  ? 6.470   3.801   -6.000  1.00 17.41  ? 84  GLU A C   1 
ATOM   645  O O   . GLU A 1 81  ? 7.408   3.994   -6.759  1.00 16.51  ? 84  GLU A O   1 
ATOM   646  C CB  A GLU A 1 81  ? 5.785   5.910   -4.771  0.50 18.56  ? 84  GLU A CB  1 
ATOM   647  C CB  B GLU A 1 81  ? 5.673   5.770   -4.539  0.50 19.22  ? 84  GLU A CB  1 
ATOM   648  C CG  A GLU A 1 81  ? 4.269   5.945   -5.060  0.50 15.35  ? 84  GLU A CG  1 
ATOM   649  C CG  B GLU A 1 81  ? 4.762   6.152   -5.706  0.50 21.16  ? 84  GLU A CG  1 
ATOM   650  C CD  A GLU A 1 81  ? 3.965   6.233   -6.543  0.50 19.65  ? 84  GLU A CD  1 
ATOM   651  C CD  B GLU A 1 81  ? 4.254   7.579   -5.600  0.50 23.80  ? 84  GLU A CD  1 
ATOM   652  O OE1 A GLU A 1 81  ? 3.247   7.175   -6.828  0.50 20.94  ? 84  GLU A OE1 1 
ATOM   653  O OE1 B GLU A 1 81  ? 4.828   8.450   -6.278  0.50 29.00  ? 84  GLU A OE1 1 
ATOM   654  O OE2 A GLU A 1 81  ? 4.483   5.554   -7.430  0.50 22.96  ? 84  GLU A OE2 1 
ATOM   655  O OE2 B GLU A 1 81  ? 3.300   7.844   -4.830  0.50 27.17  ? 84  GLU A OE2 1 
ATOM   656  N N   . GLU A 1 82  ? 5.444   2.965   -6.297  1.00 13.71  ? 85  GLU A N   1 
ATOM   657  C CA  A GLU A 1 82  ? 5.355   2.362   -7.647  0.50 13.30  ? 85  GLU A CA  1 
ATOM   658  C CA  B GLU A 1 82  ? 5.373   2.294   -7.601  0.50 14.14  ? 85  GLU A CA  1 
ATOM   659  C C   . GLU A 1 82  ? 3.909   2.203   -8.047  1.00 13.38  ? 85  GLU A C   1 
ATOM   660  O O   . GLU A 1 82  ? 3.042   2.054   -7.186  1.00 13.04  ? 85  GLU A O   1 
ATOM   661  C CB  A GLU A 1 82  ? 6.014   0.972   -7.780  0.50 13.40  ? 85  GLU A CB  1 
ATOM   662  C CB  B GLU A 1 82  ? 6.074   0.897   -7.556  0.50 15.05  ? 85  GLU A CB  1 
ATOM   663  C CG  A GLU A 1 82  ? 5.494   0.011   -6.802  0.50 13.30  ? 85  GLU A CG  1 
ATOM   664  C CG  B GLU A 1 82  ? 7.580   1.070   -7.150  0.50 17.73  ? 85  GLU A CG  1 
ATOM   665  C CD  A GLU A 1 82  ? 6.323   -1.237  -6.796  0.50 16.74  ? 85  GLU A CD  1 
ATOM   666  C CD  B GLU A 1 82  ? 8.261   -0.187  -6.682  0.50 25.82  ? 85  GLU A CD  1 
ATOM   667  O OE1 A GLU A 1 82  ? 6.662   -1.706  -5.699  0.50 23.46  ? 85  GLU A OE1 1 
ATOM   668  O OE1 B GLU A 1 82  ? 7.521   -1.091  -6.223  0.50 25.32  ? 85  GLU A OE1 1 
ATOM   669  O OE2 A GLU A 1 82  ? 6.690   -1.731  -7.864  0.50 18.66  ? 85  GLU A OE2 1 
ATOM   670  O OE2 B GLU A 1 82  ? 9.531   -0.249  -6.753  0.50 18.56  ? 85  GLU A OE2 1 
ATOM   671  N N   . VAL A 1 83  ? 3.698   2.390   -9.356  1.00 10.69  ? 86  VAL A N   1 
ATOM   672  C CA  . VAL A 1 83  ? 2.325   2.242   -9.932  1.00 12.96  ? 86  VAL A CA  1 
ATOM   673  C C   . VAL A 1 83  ? 2.427   1.227   -11.043 1.00 14.25  ? 86  VAL A C   1 
ATOM   674  O O   . VAL A 1 83  ? 3.363   1.302   -11.910 1.00 15.24  ? 86  VAL A O   1 
ATOM   675  C CB  . VAL A 1 83  ? 1.831   3.549   -10.485 1.00 12.74  ? 86  VAL A CB  1 
ATOM   676  C CG1 . VAL A 1 83  ? 0.487   3.274   -11.203 1.00 19.61  ? 86  VAL A CG1 1 
ATOM   677  C CG2 . VAL A 1 83  ? 1.495   4.563   -9.302  1.00 13.97  ? 86  VAL A CG2 1 
ATOM   678  N N   . HIS A 1 84  ? 1.528   0.242   -11.127 1.00 13.34  ? 87  HIS A N   1 
ATOM   679  C CA  . HIS A 1 84  ? 1.555   -0.683  -12.229 1.00 14.11  ? 87  HIS A CA  1 
ATOM   680  C C   . HIS A 1 84  ? 0.122   -0.606  -12.821 1.00 15.41  ? 87  HIS A C   1 
ATOM   681  O O   . HIS A 1 84  ? -0.897  -0.682  -12.086 1.00 18.13  ? 87  HIS A O   1 
ATOM   682  C CB  . HIS A 1 84  ? 1.758   -2.130  -11.756 1.00 14.13  ? 87  HIS A CB  1 
ATOM   683  C CG  . HIS A 1 84  ? 3.090   -2.365  -11.123 1.00 18.21  ? 87  HIS A CG  1 
ATOM   684  N ND1 . HIS A 1 84  ? 3.387   -1.963  -9.840  1.00 25.53  ? 87  HIS A ND1 1 
ATOM   685  C CD2 . HIS A 1 84  ? 4.208   -2.934  -11.614 1.00 20.42  ? 87  HIS A CD2 1 
ATOM   686  C CE1 . HIS A 1 84  ? 4.647   -2.259  -9.582  1.00 21.04  ? 87  HIS A CE1 1 
ATOM   687  N NE2 . HIS A 1 84  ? 5.165   -2.853  -10.643 1.00 25.12  ? 87  HIS A NE2 1 
ATOM   688  N N   . GLN A 1 85  ? 0.051   -0.376  -14.121 1.00 15.07  ? 88  GLN A N   1 
ATOM   689  C CA  . GLN A 1 85  ? -1.317  -0.198  -14.733 1.00 17.16  ? 88  GLN A CA  1 
ATOM   690  C C   . GLN A 1 85  ? -1.566  -1.187  -15.843 1.00 19.13  ? 88  GLN A C   1 
ATOM   691  O O   . GLN A 1 85  ? -0.722  -1.414  -16.732 1.00 18.26  ? 88  GLN A O   1 
ATOM   692  C CB  . GLN A 1 85  ? -1.574  1.202   -15.268 1.00 19.49  ? 88  GLN A CB  1 
ATOM   693  C CG  . GLN A 1 85  ? -1.411  2.272   -14.216 1.00 23.29  ? 88  GLN A CG  1 
ATOM   694  C CD  . GLN A 1 85  ? -1.872  3.589   -14.710 1.00 30.03  ? 88  GLN A CD  1 
ATOM   695  O OE1 . GLN A 1 85  ? -3.082  3.749   -14.939 1.00 36.32  ? 88  GLN A OE1 1 
ATOM   696  N NE2 . GLN A 1 85  ? -0.962  4.554   -14.870 1.00 27.93  ? 88  GLN A NE2 1 
ATOM   697  N N   . GLY A 1 86  ? -2.718  -1.859  -15.752 1.00 18.39  ? 89  GLY A N   1 
ATOM   698  C CA  . GLY A 1 86  ? -3.154  -2.752  -16.834 1.00 22.31  ? 89  GLY A CA  1 
ATOM   699  C C   . GLY A 1 86  ? -4.275  -2.015  -17.568 1.00 23.49  ? 89  GLY A C   1 
ATOM   700  O O   . GLY A 1 86  ? -4.381  -0.779  -17.522 1.00 25.64  ? 89  GLY A O   1 
ATOM   701  N N   . GLU A 1 87  ? -5.008  -2.736  -18.394 1.00 27.03  ? 90  GLU A N   1 
ATOM   702  C CA  . GLU A 1 87  ? -6.035  -2.088  -19.206 1.00 30.53  ? 90  GLU A CA  1 
ATOM   703  C C   . GLU A 1 87  ? -7.162  -1.552  -18.335 1.00 31.56  ? 90  GLU A C   1 
ATOM   704  O O   . GLU A 1 87  ? -7.643  -0.398  -18.543 1.00 34.23  ? 90  GLU A O   1 
ATOM   705  C CB  . GLU A 1 87  ? -6.629  -3.117  -20.125 1.00 31.33  ? 90  GLU A CB  1 
ATOM   706  C CG  . GLU A 1 87  ? -5.921  -3.275  -21.370 1.00 35.34  ? 90  GLU A CG  1 
ATOM   707  C CD  . GLU A 1 87  ? -6.812  -3.990  -22.352 1.00 37.09  ? 90  GLU A CD  1 
ATOM   708  O OE1 . GLU A 1 87  ? -8.033  -4.152  -22.041 1.00 42.51  ? 90  GLU A OE1 1 
ATOM   709  O OE2 . GLU A 1 87  ? -6.252  -4.395  -23.387 1.00 39.58  ? 90  GLU A OE2 1 
ATOM   710  N N   A ARG A 1 88  ? -7.516  -2.380  -17.361 0.50 32.06  ? 91  ARG A N   1 
ATOM   711  N N   B ARG A 1 88  ? -7.543  -2.313  -17.318 0.50 31.71  ? 91  ARG A N   1 
ATOM   712  C CA  A ARG A 1 88  ? -8.552  -2.054  -16.394 0.50 31.58  ? 91  ARG A CA  1 
ATOM   713  C CA  B ARG A 1 88  ? -8.551  -1.832  -16.352 0.50 31.12  ? 91  ARG A CA  1 
ATOM   714  C C   A ARG A 1 88  ? -8.031  -1.794  -14.970 0.50 30.19  ? 91  ARG A C   1 
ATOM   715  C C   B ARG A 1 88  ? -8.366  -2.301  -14.864 0.50 29.34  ? 91  ARG A C   1 
ATOM   716  O O   A ARG A 1 88  ? -8.377  -0.748  -14.401 0.50 30.44  ? 91  ARG A O   1 
ATOM   717  O O   B ARG A 1 88  ? -9.297  -2.293  -14.095 0.50 29.47  ? 91  ARG A O   1 
ATOM   718  C CB  A ARG A 1 88  ? -9.689  -3.092  -16.423 0.50 31.67  ? 91  ARG A CB  1 
ATOM   719  C CB  B ARG A 1 88  ? -9.991  -2.056  -16.880 0.50 30.59  ? 91  ARG A CB  1 
ATOM   720  C CG  A ARG A 1 88  ? -9.371  -4.552  -16.050 0.50 31.94  ? 91  ARG A CG  1 
ATOM   721  C CG  B ARG A 1 88  ? -10.618 -0.817  -17.581 0.50 33.29  ? 91  ARG A CG  1 
ATOM   722  C CD  A ARG A 1 88  ? -10.679 -5.242  -15.639 0.50 33.54  ? 91  ARG A CD  1 
ATOM   723  C CD  B ARG A 1 88  ? -11.582 -1.155  -18.708 0.50 32.71  ? 91  ARG A CD  1 
ATOM   724  N NE  A ARG A 1 88  ? -10.635 -6.673  -15.906 0.50 35.40  ? 91  ARG A NE  1 
ATOM   725  N NE  B ARG A 1 88  ? -10.986 -2.059  -19.693 0.50 35.44  ? 91  ARG A NE  1 
ATOM   726  C CZ  A ARG A 1 88  ? -10.304 -7.579  -14.998 0.50 34.24  ? 91  ARG A CZ  1 
ATOM   727  C CZ  B ARG A 1 88  ? -10.888 -1.820  -20.998 0.50 32.51  ? 91  ARG A CZ  1 
ATOM   728  N NH1 A ARG A 1 88  ? -9.998  -7.191  -13.768 0.50 36.48  ? 91  ARG A NH1 1 
ATOM   729  N NH1 B ARG A 1 88  ? -11.368 -0.692  -21.526 0.50 32.13  ? 91  ARG A NH1 1 
ATOM   730  N NH2 A ARG A 1 88  ? -10.276 -8.861  -15.315 0.50 36.34  ? 91  ARG A NH2 1 
ATOM   731  N NH2 B ARG A 1 88  ? -10.316 -2.722  -21.773 0.50 28.02  ? 91  ARG A NH2 1 
ATOM   732  N N   . MET A 1 89  ? -7.150  -2.694  -14.475 1.00 29.76  ? 92  MET A N   1 
ATOM   733  C CA  . MET A 1 89  ? -6.773  -2.797  -13.015 1.00 26.74  ? 92  MET A CA  1 
ATOM   734  C C   . MET A 1 89  ? -5.412  -2.084  -12.857 1.00 26.73  ? 92  MET A C   1 
ATOM   735  O O   . MET A 1 89  ? -4.603  -2.045  -13.808 1.00 26.38  ? 92  MET A O   1 
ATOM   736  C CB  . MET A 1 89  ? -6.590  -4.241  -12.542 1.00 30.11  ? 92  MET A CB  1 
ATOM   737  C CG  . MET A 1 89  ? -7.825  -5.157  -12.405 1.00 34.45  ? 92  MET A CG  1 
ATOM   738  S SD  . MET A 1 89  ? -9.334  -4.544  -11.591 1.00 41.77  ? 92  MET A SD  1 
ATOM   739  C CE  . MET A 1 89  ? -8.790  -3.723  -10.080 1.00 29.50  ? 92  MET A CE  1 
ATOM   740  N N   . GLY A 1 90  ? -5.171  -1.457  -11.723 1.00 21.46  ? 93  GLY A N   1 
ATOM   741  C CA  . GLY A 1 90  ? -3.835  -0.926  -11.455 1.00 18.55  ? 93  GLY A CA  1 
ATOM   742  C C   . GLY A 1 90  ? -3.545  -1.209  -9.988  1.00 19.04  ? 93  GLY A C   1 
ATOM   743  O O   . GLY A 1 90  ? -4.413  -1.662  -9.183  1.00 18.47  ? 93  GLY A O   1 
ATOM   744  N N   . LEU A 1 91  ? -2.285  -1.020  -9.654  1.00 16.70  ? 94  LEU A N   1 
ATOM   745  C CA  . LEU A 1 91  ? -1.767  -1.383  -8.336  1.00 14.63  ? 94  LEU A CA  1 
ATOM   746  C C   . LEU A 1 91  ? -0.856  -0.228  -7.972  1.00 14.69  ? 94  LEU A C   1 
ATOM   747  O O   . LEU A 1 91  ? 0.045   0.105   -8.776  1.00 16.10  ? 94  LEU A O   1 
ATOM   748  C CB  . LEU A 1 91  ? -0.961  -2.636  -8.451  1.00 16.50  ? 94  LEU A CB  1 
ATOM   749  C CG  . LEU A 1 91  ? -0.137  -3.058  -7.226  1.00 17.37  ? 94  LEU A CG  1 
ATOM   750  C CD1 . LEU A 1 91  ? -1.125  -3.403  -6.067  1.00 17.93  ? 94  LEU A CD1 1 
ATOM   751  C CD2 . LEU A 1 91  ? 0.739   -4.257  -7.575  1.00 20.99  ? 94  LEU A CD2 1 
ATOM   752  N N   . TYR A 1 92  ? -1.091  0.357   -6.791  1.00 12.63  ? 95  TYR A N   1 
ATOM   753  C CA  . TYR A 1 92  ? -0.291  1.458   -6.252  1.00 12.50  ? 95  TYR A CA  1 
ATOM   754  C C   . TYR A 1 92  ? 0.370   0.963   -4.966  1.00 14.95  ? 95  TYR A C   1 
ATOM   755  O O   . TYR A 1 92  ? -0.310  0.369   -4.074  1.00 15.14  ? 95  TYR A O   1 
ATOM   756  C CB  . TYR A 1 92  ? -1.192  2.669   -6.011  1.00 15.62  ? 95  TYR A CB  1 
ATOM   757  C CG  . TYR A 1 92  ? -0.584  3.761   -5.183  1.00 13.23  ? 95  TYR A CG  1 
ATOM   758  C CD1 . TYR A 1 92  ? 0.135   4.794   -5.770  1.00 18.08  ? 95  TYR A CD1 1 
ATOM   759  C CD2 . TYR A 1 92  ? -0.795  3.801   -3.786  1.00 13.73  ? 95  TYR A CD2 1 
ATOM   760  C CE1 . TYR A 1 92  ? 0.673   5.859   -4.935  1.00 19.67  ? 95  TYR A CE1 1 
ATOM   761  C CE2 . TYR A 1 92  ? -0.292  4.814   -2.994  1.00 21.49  ? 95  TYR A CE2 1 
ATOM   762  C CZ  . TYR A 1 92  ? 0.403   5.845   -3.586  1.00 21.83  ? 95  TYR A CZ  1 
ATOM   763  O OH  . TYR A 1 92  ? 0.906   6.827   -2.776  1.00 26.02  ? 95  TYR A OH  1 
ATOM   764  N N   . VAL A 1 93  ? 1.694   1.166   -4.811  1.00 13.29  ? 96  VAL A N   1 
ATOM   765  C CA  . VAL A 1 93  ? 2.310   0.801   -3.583  1.00 13.15  ? 96  VAL A CA  1 
ATOM   766  C C   . VAL A 1 93  ? 3.179   1.975   -3.133  1.00 14.44  ? 96  VAL A C   1 
ATOM   767  O O   . VAL A 1 93  ? 3.943   2.549   -3.908  1.00 14.52  ? 96  VAL A O   1 
ATOM   768  C CB  . VAL A 1 93  ? 3.224   -0.447  -3.758  1.00 14.29  ? 96  VAL A CB  1 
ATOM   769  C CG1 . VAL A 1 93  ? 3.832   -0.838  -2.423  1.00 15.57  ? 96  VAL A CG1 1 
ATOM   770  C CG2 . VAL A 1 93  ? 2.445   -1.631  -4.421  1.00 16.52  ? 96  VAL A CG2 1 
ATOM   771  N N   . ASP A 1 94  ? 3.081   2.318   -1.854  1.00 14.71  ? 97  ASP A N   1 
ATOM   772  C CA  . ASP A 1 94  ? 3.837   3.437   -1.328  1.00 16.03  ? 97  ASP A CA  1 
ATOM   773  C C   . ASP A 1 94  ? 4.484   2.977   -0.011  1.00 15.63  ? 97  ASP A C   1 
ATOM   774  O O   . ASP A 1 94  ? 3.842   2.335   0.829   1.00 14.98  ? 97  ASP A O   1 
ATOM   775  C CB  . ASP A 1 94  ? 2.935   4.627   -1.148  1.00 14.28  ? 97  ASP A CB  1 
ATOM   776  C CG  . ASP A 1 94  ? 3.718   5.917   -0.828  1.00 21.37  ? 97  ASP A CG  1 
ATOM   777  O OD1 . ASP A 1 94  ? 4.828   6.083   -1.337  1.00 22.85  ? 97  ASP A OD1 1 
ATOM   778  O OD2 . ASP A 1 94  ? 3.268   6.765   -0.053  1.00 24.92  ? 97  ASP A OD2 1 
ATOM   779  N N   . GLU A 1 95  ? 5.740   3.359   0.234   1.00 16.46  ? 98  GLU A N   1 
ATOM   780  C CA  A GLU A 1 95  ? 6.375   3.117   1.538   0.50 16.79  ? 98  GLU A CA  1 
ATOM   781  C CA  B GLU A 1 95  ? 6.337   3.047   1.520   0.50 16.38  ? 98  GLU A CA  1 
ATOM   782  C C   . GLU A 1 95  ? 5.502   3.732   2.617   1.00 16.42  ? 98  GLU A C   1 
ATOM   783  O O   . GLU A 1 95  ? 5.046   4.883   2.453   1.00 17.60  ? 98  GLU A O   1 
ATOM   784  C CB  A GLU A 1 95  ? 7.762   3.800   1.545   0.50 16.31  ? 98  GLU A CB  1 
ATOM   785  C CB  B GLU A 1 95  ? 7.790   3.544   1.502   0.50 16.00  ? 98  GLU A CB  1 
ATOM   786  C CG  A GLU A 1 95  ? 8.571   3.691   2.869   0.50 21.34  ? 98  GLU A CG  1 
ATOM   787  C CG  B GLU A 1 95  ? 7.896   5.012   1.140   0.50 19.43  ? 98  GLU A CG  1 
ATOM   788  C CD  A GLU A 1 95  ? 8.692   4.995   3.726   0.50 27.93  ? 98  GLU A CD  1 
ATOM   789  C CD  B GLU A 1 95  ? 9.298   5.584   1.305   0.50 23.65  ? 98  GLU A CD  1 
ATOM   790  O OE1 A GLU A 1 95  ? 7.724   5.779   3.791   0.50 28.34  ? 98  GLU A OE1 1 
ATOM   791  O OE1 B GLU A 1 95  ? 9.393   6.790   1.633   0.50 29.38  ? 98  GLU A OE1 1 
ATOM   792  O OE2 A GLU A 1 95  ? 9.745   5.227   4.394   0.50 27.24  ? 98  GLU A OE2 1 
ATOM   793  O OE2 B GLU A 1 95  ? 10.281  4.828   1.120   0.50 23.76  ? 98  GLU A OE2 1 
ATOM   794  N N   . ALA A 1 96  ? 5.252   2.977   3.714   1.00 15.70  ? 99  ALA A N   1 
ATOM   795  C CA  . ALA A 1 96  ? 4.606   3.506   4.910   1.00 18.71  ? 99  ALA A CA  1 
ATOM   796  C C   . ALA A 1 96  ? 5.632   3.392   6.026   1.00 19.63  ? 99  ALA A C   1 
ATOM   797  O O   . ALA A 1 96  ? 5.500   2.547   6.916   1.00 21.55  ? 99  ALA A O   1 
ATOM   798  C CB  . ALA A 1 96  ? 3.367   2.705   5.246   1.00 18.53  ? 99  ALA A CB  1 
ATOM   799  N N   . GLY A 1 97  ? 6.592   4.301   6.022   1.00 19.60  ? 100 GLY A N   1 
ATOM   800  C CA  . GLY A 1 97  ? 7.687   4.151   6.961   1.00 21.31  ? 100 GLY A CA  1 
ATOM   801  C C   . GLY A 1 97  ? 8.678   3.017   6.664   1.00 22.23  ? 100 GLY A C   1 
ATOM   802  O O   . GLY A 1 97  ? 8.649   2.369   5.593   1.00 24.01  ? 100 GLY A O   1 
ATOM   803  N N   . GLU A 1 98  ? 9.530   2.687   7.619   1.00 23.69  ? 101 GLU A N   1 
ATOM   804  C CA  A GLU A 1 98  ? 10.632  1.742   7.406   0.50 24.68  ? 101 GLU A CA  1 
ATOM   805  C CA  B GLU A 1 98  ? 10.609  1.787   7.259   0.50 24.34  ? 101 GLU A CA  1 
ATOM   806  C C   . GLU A 1 98  ? 10.236  0.307   7.063   1.00 25.74  ? 101 GLU A C   1 
ATOM   807  O O   . GLU A 1 98  ? 10.873  -0.351  6.204   1.00 27.95  ? 101 GLU A O   1 
ATOM   808  C CB  A GLU A 1 98  ? 11.608  1.737   8.622   0.50 24.23  ? 101 GLU A CB  1 
ATOM   809  C CB  B GLU A 1 98  ? 11.807  1.998   8.198   0.50 24.80  ? 101 GLU A CB  1 
ATOM   810  C CG  A GLU A 1 98  ? 11.004  1.655   10.047  0.50 26.95  ? 101 GLU A CG  1 
ATOM   811  C CG  B GLU A 1 98  ? 12.088  3.524   8.426   0.50 24.85  ? 101 GLU A CG  1 
ATOM   812  C CD  A GLU A 1 98  ? 11.970  2.105   11.153  0.50 31.29  ? 101 GLU A CD  1 
ATOM   813  C CD  B GLU A 1 98  ? 12.549  4.289   7.148   0.50 27.00  ? 101 GLU A CD  1 
ATOM   814  O OE1 A GLU A 1 98  ? 13.091  1.572   11.200  0.50 33.69  ? 101 GLU A OE1 1 
ATOM   815  O OE1 B GLU A 1 98  ? 13.279  3.673   6.329   0.50 30.10  ? 101 GLU A OE1 1 
ATOM   816  O OE2 A GLU A 1 98  ? 11.617  2.987   11.977  0.50 30.48  ? 101 GLU A OE2 1 
ATOM   817  O OE2 B GLU A 1 98  ? 12.196  5.501   6.972   0.50 25.35  ? 101 GLU A OE2 1 
ATOM   818  N N   . HIS A 1 99  ? 9.187   -0.155  7.747   1.00 26.28  ? 102 HIS A N   1 
ATOM   819  C CA  A HIS A 1 99  ? 8.876   -1.597  7.687   0.50 26.51  ? 102 HIS A CA  1 
ATOM   820  C CA  B HIS A 1 99  ? 8.803   -1.595  7.835   0.50 26.58  ? 102 HIS A CA  1 
ATOM   821  C C   . HIS A 1 99  ? 7.448   -1.930  7.218   1.00 25.27  ? 102 HIS A C   1 
ATOM   822  O O   . HIS A 1 99  ? 6.938   -3.072  7.429   1.00 25.01  ? 102 HIS A O   1 
ATOM   823  C CB  A HIS A 1 99  ? 9.179   -2.246  9.031   0.50 28.21  ? 102 HIS A CB  1 
ATOM   824  C CB  B HIS A 1 99  ? 8.846   -2.198  9.277   0.50 28.01  ? 102 HIS A CB  1 
ATOM   825  C CG  A HIS A 1 99  ? 10.598  -2.064  9.485   0.50 30.38  ? 102 HIS A CG  1 
ATOM   826  C CG  B HIS A 1 99  ? 8.413   -1.279  10.391  0.50 31.43  ? 102 HIS A CG  1 
ATOM   827  N ND1 A HIS A 1 99  ? 11.672  -2.208  8.630   0.50 33.52  ? 102 HIS A ND1 1 
ATOM   828  N ND1 B HIS A 1 99  ? 7.329   -0.430  10.305  0.50 31.28  ? 102 HIS A ND1 1 
ATOM   829  C CD2 A HIS A 1 99  ? 11.124  -1.792  10.701  0.50 33.39  ? 102 HIS A CD2 1 
ATOM   830  C CD2 B HIS A 1 99  ? 8.919   -1.116  11.639  0.50 30.72  ? 102 HIS A CD2 1 
ATOM   831  C CE1 A HIS A 1 99  ? 12.795  -2.012  9.297   0.50 32.02  ? 102 HIS A CE1 1 
ATOM   832  C CE1 B HIS A 1 99  ? 7.218   0.254   11.436  0.50 31.80  ? 102 HIS A CE1 1 
ATOM   833  N NE2 A HIS A 1 99  ? 12.490  -1.771  10.556  0.50 31.26  ? 102 HIS A NE2 1 
ATOM   834  N NE2 B HIS A 1 99  ? 8.163   -0.155  12.267  0.50 30.03  ? 102 HIS A NE2 1 
ATOM   835  N N   . ALA A 1 100 ? 6.827   -0.977  6.513   1.00 18.91  ? 103 ALA A N   1 
ATOM   836  C CA  . ALA A 1 100 ? 5.439   -1.276  5.993   1.00 14.94  ? 103 ALA A CA  1 
ATOM   837  C C   . ALA A 1 100 ? 5.205   -0.642  4.636   1.00 16.13  ? 103 ALA A C   1 
ATOM   838  O O   . ALA A 1 100 ? 5.923   0.325   4.237   1.00 17.09  ? 103 ALA A O   1 
ATOM   839  C CB  . ALA A 1 100 ? 4.371   -0.794  6.931   1.00 13.17  ? 103 ALA A CB  1 
ATOM   840  N N   . LEU A 1 101 ? 4.209   -1.164  3.907   1.00 16.33  ? 104 LEU A N   1 
ATOM   841  C CA  . LEU A 1 101 ? 3.848   -0.639  2.578   1.00 13.16  ? 104 LEU A CA  1 
ATOM   842  C C   . LEU A 1 101 ? 2.353   -0.476  2.510   1.00 15.33  ? 104 LEU A C   1 
ATOM   843  O O   . LEU A 1 101 ? 1.639   -1.355  3.049   1.00 16.41  ? 104 LEU A O   1 
ATOM   844  C CB  . LEU A 1 101 ? 4.253   -1.653  1.505   1.00 15.56  ? 104 LEU A CB  1 
ATOM   845  C CG  . LEU A 1 101 ? 5.761   -2.015  1.474   1.00 16.05  ? 104 LEU A CG  1 
ATOM   846  C CD1 . LEU A 1 101 ? 5.904   -3.204  0.552   1.00 17.22  ? 104 LEU A CD1 1 
ATOM   847  C CD2 . LEU A 1 101 ? 6.429   -0.869  0.855   1.00 17.91  ? 104 LEU A CD2 1 
ATOM   848  N N   . LEU A 1 102 ? 1.869   0.647   1.964   1.00 12.01  ? 105 LEU A N   1 
ATOM   849  C CA  . LEU A 1 102 ? 0.451   0.815   1.714   1.00 13.42  ? 105 LEU A CA  1 
ATOM   850  C C   . LEU A 1 102 ? 0.220   0.255   0.276   1.00 12.52  ? 105 LEU A C   1 
ATOM   851  O O   . LEU A 1 102 ? 0.935   0.624   -0.666  1.00 13.34  ? 105 LEU A O   1 
ATOM   852  C CB  . LEU A 1 102 ? 0.045   2.269   1.758   1.00 12.51  ? 105 LEU A CB  1 
ATOM   853  C CG  . LEU A 1 102 ? -1.345  2.542   1.142   1.00 17.74  ? 105 LEU A CG  1 
ATOM   854  C CD1 . LEU A 1 102 ? -2.340  1.883   2.086   1.00 16.94  ? 105 LEU A CD1 1 
ATOM   855  C CD2 . LEU A 1 102 ? -1.600  4.027   1.083   1.00 18.87  ? 105 LEU A CD2 1 
ATOM   856  N N   . VAL A 1 103 ? -0.814  -0.576  0.095   1.00 13.42  ? 106 VAL A N   1 
ATOM   857  C CA  . VAL A 1 103 ? -1.117  -1.112  -1.220  1.00 12.54  ? 106 VAL A CA  1 
ATOM   858  C C   . VAL A 1 103 ? -2.563  -0.717  -1.584  1.00 13.20  ? 106 VAL A C   1 
ATOM   859  O O   . VAL A 1 103 ? -3.451  -0.924  -0.768  1.00 13.53  ? 106 VAL A O   1 
ATOM   860  C CB  . VAL A 1 103 ? -1.046  -2.637  -1.214  1.00 14.11  ? 106 VAL A CB  1 
ATOM   861  C CG1 . VAL A 1 103 ? -1.480  -3.242  -2.582  1.00 15.09  ? 106 VAL A CG1 1 
ATOM   862  C CG2 . VAL A 1 103 ? 0.327   -3.104  -0.728  1.00 13.92  ? 106 VAL A CG2 1 
ATOM   863  N N   . LEU A 1 104 ? -2.768  -0.160  -2.758  1.00 12.22  ? 107 LEU A N   1 
ATOM   864  C CA  . LEU A 1 104 ? -4.161  0.136   -3.253  1.00 13.38  ? 107 LEU A CA  1 
ATOM   865  C C   . LEU A 1 104 ? -4.353  -0.540  -4.571  1.00 13.76  ? 107 LEU A C   1 
ATOM   866  O O   . LEU A 1 104 ? -3.476  -0.427  -5.526  1.00 14.26  ? 107 LEU A O   1 
ATOM   867  C CB  . LEU A 1 104 ? -4.487  1.637   -3.435  1.00 11.85  ? 107 LEU A CB  1 
ATOM   868  C CG  . LEU A 1 104 ? -4.349  2.467   -2.178  1.00 13.95  ? 107 LEU A CG  1 
ATOM   869  C CD1 . LEU A 1 104 ? -4.303  3.952   -2.485  1.00 16.82  ? 107 LEU A CD1 1 
ATOM   870  C CD2 . LEU A 1 104 ? -5.413  2.053   -1.175  1.00 16.15  ? 107 LEU A CD2 1 
ATOM   871  N N   . VAL A 1 105 ? -5.462  -1.286  -4.646  1.00 13.46  ? 108 VAL A N   1 
ATOM   872  C CA  . VAL A 1 105 ? -5.781  -1.948  -5.930  1.00 15.67  ? 108 VAL A CA  1 
ATOM   873  C C   . VAL A 1 105 ? -6.984  -1.173  -6.465  1.00 15.19  ? 108 VAL A C   1 
ATOM   874  O O   . VAL A 1 105 ? -7.988  -0.933  -5.746  1.00 15.54  ? 108 VAL A O   1 
ATOM   875  C CB  . VAL A 1 105 ? -6.114  -3.455  -5.754  1.00 17.44  ? 108 VAL A CB  1 
ATOM   876  C CG1 . VAL A 1 105 ? -6.821  -4.031  -7.041  1.00 18.49  ? 108 VAL A CG1 1 
ATOM   877  C CG2 . VAL A 1 105 ? -4.883  -4.314  -5.362  1.00 16.63  ? 108 VAL A CG2 1 
ATOM   878  N N   . PHE A 1 106 ? -6.946  -0.772  -7.726  1.00 14.85  ? 109 PHE A N   1 
ATOM   879  C CA  . PHE A 1 106 ? -8.034  0.079   -8.235  1.00 17.77  ? 109 PHE A CA  1 
ATOM   880  C C   . PHE A 1 106 ? -8.333  -0.227  -9.694  1.00 19.90  ? 109 PHE A C   1 
ATOM   881  O O   . PHE A 1 106 ? -7.623  -0.977  -10.342 1.00 20.53  ? 109 PHE A O   1 
ATOM   882  C CB  . PHE A 1 106 ? -7.641  1.537   -8.056  1.00 18.93  ? 109 PHE A CB  1 
ATOM   883  C CG  . PHE A 1 106 ? -6.349  1.919   -8.796  1.00 21.06  ? 109 PHE A CG  1 
ATOM   884  C CD1 . PHE A 1 106 ? -6.422  2.515   -10.063 1.00 23.83  ? 109 PHE A CD1 1 
ATOM   885  C CD2 . PHE A 1 106 ? -5.063  1.665   -8.252  1.00 20.66  ? 109 PHE A CD2 1 
ATOM   886  C CE1 . PHE A 1 106 ? -5.257  2.874   -10.773 1.00 25.94  ? 109 PHE A CE1 1 
ATOM   887  C CE2 . PHE A 1 106 ? -3.919  1.988   -8.971  1.00 23.85  ? 109 PHE A CE2 1 
ATOM   888  C CZ  . PHE A 1 106 ? -3.998  2.546   -10.255 1.00 22.72  ? 109 PHE A CZ  1 
ATOM   889  N N   . ASP A 1 107 ? -9.500  0.246   -10.139 1.00 21.89  ? 110 ASP A N   1 
ATOM   890  C CA  . ASP A 1 107 ? -9.856  0.095   -11.588 1.00 22.01  ? 110 ASP A CA  1 
ATOM   891  C C   . ASP A 1 107 ? -9.991  1.499   -12.208 1.00 22.40  ? 110 ASP A C   1 
ATOM   892  O O   . ASP A 1 107 ? -9.671  2.516   -11.600 1.00 22.14  ? 110 ASP A O   1 
ATOM   893  C CB  . ASP A 1 107 ? -11.189 -0.687  -11.688 1.00 23.45  ? 110 ASP A CB  1 
ATOM   894  C CG  . ASP A 1 107 ? -12.330 -0.008  -10.965 1.00 21.51  ? 110 ASP A CG  1 
ATOM   895  O OD1 . ASP A 1 107 ? -13.121 -0.799  -10.382 1.00 28.25  ? 110 ASP A OD1 1 
ATOM   896  O OD2 . ASP A 1 107 ? -12.478 1.243   -10.969 1.00 24.15  ? 110 ASP A OD2 1 
ATOM   897  N N   . GLU A 1 108 ? -10.534 1.579   -13.454 1.00 25.20  ? 111 GLU A N   1 
ATOM   898  C CA  A GLU A 1 108 ? -10.600 2.859   -14.193 0.50 26.93  ? 111 GLU A CA  1 
ATOM   899  C CA  B GLU A 1 108 ? -10.697 2.809   -14.244 0.50 27.28  ? 111 GLU A CA  1 
ATOM   900  C C   . GLU A 1 108 ? -11.483 3.940   -13.606 1.00 26.78  ? 111 GLU A C   1 
ATOM   901  O O   . GLU A 1 108 ? -11.356 5.142   -13.971 1.00 29.26  ? 111 GLU A O   1 
ATOM   902  C CB  A GLU A 1 108 ? -11.052 2.619   -15.639 0.50 27.13  ? 111 GLU A CB  1 
ATOM   903  C CB  B GLU A 1 108 ? -11.390 2.428   -15.572 0.50 27.73  ? 111 GLU A CB  1 
ATOM   904  C CG  A GLU A 1 108 ? -12.536 2.209   -15.785 0.50 27.85  ? 111 GLU A CG  1 
ATOM   905  C CG  B GLU A 1 108 ? -11.926 0.960   -15.653 0.50 29.33  ? 111 GLU A CG  1 
ATOM   906  C CD  A GLU A 1 108 ? -12.852 1.813   -17.203 0.50 31.89  ? 111 GLU A CD  1 
ATOM   907  C CD  B GLU A 1 108 ? -13.363 0.756   -15.178 0.50 31.85  ? 111 GLU A CD  1 
ATOM   908  O OE1 A GLU A 1 108 ? -11.984 2.023   -18.090 0.50 34.73  ? 111 GLU A OE1 1 
ATOM   909  O OE1 B GLU A 1 108 ? -13.592 -0.102  -14.300 0.50 31.83  ? 111 GLU A OE1 1 
ATOM   910  O OE2 A GLU A 1 108 ? -13.942 1.258   -17.428 0.50 33.06  ? 111 GLU A OE2 1 
ATOM   911  O OE2 B GLU A 1 108 ? -14.284 1.411   -15.704 0.50 34.22  ? 111 GLU A OE2 1 
ATOM   912  N N   . THR A 1 109 ? -12.368 3.533   -12.712 1.00 29.54  ? 112 THR A N   1 
ATOM   913  C CA  . THR A 1 109 ? -13.287 4.412   -12.063 1.00 28.59  ? 112 THR A CA  1 
ATOM   914  C C   . THR A 1 109 ? -12.619 5.206   -10.943 1.00 30.24  ? 112 THR A C   1 
ATOM   915  O O   . THR A 1 109 ? -13.174 6.187   -10.452 1.00 29.37  ? 112 THR A O   1 
ATOM   916  C CB  . THR A 1 109 ? -14.544 3.649   -11.554 1.00 30.61  ? 112 THR A CB  1 
ATOM   917  O OG1 . THR A 1 109 ? -14.230 2.857   -10.391 1.00 29.27  ? 112 THR A OG1 1 
ATOM   918  C CG2 . THR A 1 109 ? -15.121 2.674   -12.662 1.00 28.82  ? 112 THR A CG2 1 
ATOM   919  N N   . ALA A 1 110 ? -11.397 4.805   -10.565 1.00 28.34  ? 113 ALA A N   1 
ATOM   920  C CA  . ALA A 1 110 ? -10.618 5.529   -9.599  1.00 27.45  ? 113 ALA A CA  1 
ATOM   921  C C   . ALA A 1 110 ? -9.547  6.350   -10.336 1.00 28.06  ? 113 ALA A C   1 
ATOM   922  O O   . ALA A 1 110 ? -8.627  5.744   -10.887 1.00 28.07  ? 113 ALA A O   1 
ATOM   923  C CB  . ALA A 1 110 ? -9.908  4.525   -8.696  1.00 27.37  ? 113 ALA A CB  1 
ATOM   924  N N   . PRO A 1 111 ? -9.648  7.679   -10.311 1.00 27.68  ? 114 PRO A N   1 
ATOM   925  C CA  . PRO A 1 111 ? -8.763  8.673   -10.945 1.00 27.11  ? 114 PRO A CA  1 
ATOM   926  C C   . PRO A 1 111 ? -7.373  8.444   -10.382 1.00 25.31  ? 114 PRO A C   1 
ATOM   927  O O   . PRO A 1 111 ? -7.203  8.478   -9.132  1.00 22.79  ? 114 PRO A O   1 
ATOM   928  C CB  . PRO A 1 111 ? -9.247  10.007  -10.376 1.00 29.63  ? 114 PRO A CB  1 
ATOM   929  C CG  . PRO A 1 111 ? -10.668 9.771   -10.066 1.00 27.94  ? 114 PRO A CG  1 
ATOM   930  C CD  . PRO A 1 111 ? -10.801 8.327   -9.643  1.00 29.11  ? 114 PRO A CD  1 
ATOM   931  N N   . LEU A 1 112 ? -6.416  8.168   -11.245 1.00 24.36  ? 115 LEU A N   1 
ATOM   932  C CA  . LEU A 1 112 ? -5.039  7.871   -10.688 1.00 22.64  ? 115 LEU A CA  1 
ATOM   933  C C   . LEU A 1 112 ? -4.494  9.020   -9.872  1.00 22.60  ? 115 LEU A C   1 
ATOM   934  O O   . LEU A 1 112 ? -3.787  8.821   -8.876  1.00 20.64  ? 115 LEU A O   1 
ATOM   935  C CB  . LEU A 1 112 ? -4.025  7.522   -11.816 1.00 22.74  ? 115 LEU A CB  1 
ATOM   936  C CG  . LEU A 1 112 ? -2.584  7.223   -11.355 1.00 23.99  ? 115 LEU A CG  1 
ATOM   937  C CD1 . LEU A 1 112 ? -2.556  5.905   -10.580 1.00 23.71  ? 115 LEU A CD1 1 
ATOM   938  C CD2 . LEU A 1 112 ? -1.602  7.097   -12.537 1.00 29.14  ? 115 LEU A CD2 1 
ATOM   939  N N   . GLY A 1 113 ? -4.785  10.262  -10.253 1.00 23.24  ? 116 GLY A N   1 
ATOM   940  C CA  . GLY A 1 113 ? -4.345  11.376  -9.471  1.00 23.14  ? 116 GLY A CA  1 
ATOM   941  C C   . GLY A 1 113 ? -4.856  11.330  -8.035  1.00 24.61  ? 116 GLY A C   1 
ATOM   942  O O   . GLY A 1 113 ? -4.112  11.627  -7.112  1.00 23.64  ? 116 GLY A O   1 
ATOM   943  N N   . LYS A 1 114 ? -6.127  10.955  -7.868  1.00 25.23  ? 117 LYS A N   1 
ATOM   944  C CA  . LYS A 1 114 ? -6.717  10.822  -6.502  1.00 24.93  ? 117 LYS A CA  1 
ATOM   945  C C   . LYS A 1 114 ? -6.070  9.650   -5.770  1.00 23.76  ? 117 LYS A C   1 
ATOM   946  O O   . LYS A 1 114 ? -5.777  9.759   -4.561  1.00 23.71  ? 117 LYS A O   1 
ATOM   947  C CB  . LYS A 1 114 ? -8.230  10.569  -6.566  1.00 26.19  ? 117 LYS A CB  1 
ATOM   948  C CG  . LYS A 1 114 ? -9.030  11.823  -6.394  1.00 29.49  ? 117 LYS A CG  1 
ATOM   949  C CD  . LYS A 1 114 ? -10.509 11.499  -6.685  1.00 36.46  ? 117 LYS A CD  1 
ATOM   950  C CE  . LYS A 1 114 ? -11.242 12.780  -7.025  1.00 42.92  ? 117 LYS A CE  1 
ATOM   951  N NZ  . LYS A 1 114 ? -12.273 12.575  -8.109  1.00 48.55  ? 117 LYS A NZ  1 
ATOM   952  N N   . VAL A 1 115 ? -5.876  8.547   -6.476  1.00 21.03  ? 118 VAL A N   1 
ATOM   953  C CA  . VAL A 1 115 ? -5.235  7.385   -5.857  1.00 20.54  ? 118 VAL A CA  1 
ATOM   954  C C   . VAL A 1 115 ? -3.879  7.777   -5.318  1.00 20.37  ? 118 VAL A C   1 
ATOM   955  O O   . VAL A 1 115 ? -3.537  7.456   -4.182  1.00 20.63  ? 118 VAL A O   1 
ATOM   956  C CB  . VAL A 1 115 ? -5.102  6.234   -6.836  1.00 17.46  ? 118 VAL A CB  1 
ATOM   957  C CG1 . VAL A 1 115 ? -4.143  5.172   -6.281  1.00 19.86  ? 118 VAL A CG1 1 
ATOM   958  C CG2 . VAL A 1 115 ? -6.535  5.665   -7.275  1.00 21.60  ? 118 VAL A CG2 1 
ATOM   959  N N   . LYS A 1 116 ? -3.038  8.466   -6.128  1.00 19.68  ? 119 LYS A N   1 
ATOM   960  C CA  . LYS A 1 116 ? -1.737  8.903   -5.654  1.00 20.31  ? 119 LYS A CA  1 
ATOM   961  C C   . LYS A 1 116 ? -1.768  9.955   -4.511  1.00 20.48  ? 119 LYS A C   1 
ATOM   962  O O   . LYS A 1 116 ? -1.008  9.853   -3.539  1.00 19.89  ? 119 LYS A O   1 
ATOM   963  C CB  . LYS A 1 116 ? -0.879  9.397   -6.871  1.00 20.18  ? 119 LYS A CB  1 
ATOM   964  C CG  . LYS A 1 116 ? -0.453  8.198   -7.704  1.00 20.17  ? 119 LYS A CG  1 
ATOM   965  C CD  . LYS A 1 116 ? 0.206   8.544   -9.088  1.00 23.77  ? 119 LYS A CD  1 
ATOM   966  C CE  . LYS A 1 116 ? 1.535   9.134   -8.955  1.00 27.39  ? 119 LYS A CE  1 
ATOM   967  N NZ  . LYS A 1 116 ? 1.906   9.614   -10.322 1.00 23.94  ? 119 LYS A NZ  1 
ATOM   968  N N   . LEU A 1 117 ? -2.674  10.937  -4.638  1.00 21.24  ? 120 LEU A N   1 
ATOM   969  C CA  . LEU A 1 117 ? -2.739  12.043  -3.710  1.00 24.13  ? 120 LEU A CA  1 
ATOM   970  C C   . LEU A 1 117 ? -3.189  11.575  -2.340  1.00 22.35  ? 120 LEU A C   1 
ATOM   971  O O   . LEU A 1 117 ? -2.532  11.850  -1.343  1.00 23.46  ? 120 LEU A O   1 
ATOM   972  C CB  . LEU A 1 117 ? -3.754  13.041  -4.180  1.00 25.53  ? 120 LEU A CB  1 
ATOM   973  C CG  . LEU A 1 117 ? -3.816  14.411  -3.539  1.00 31.11  ? 120 LEU A CG  1 
ATOM   974  C CD1 . LEU A 1 117 ? -2.483  14.805  -2.999  1.00 36.84  ? 120 LEU A CD1 1 
ATOM   975  C CD2 . LEU A 1 117 ? -4.145  15.299  -4.708  1.00 37.00  ? 120 LEU A CD2 1 
ATOM   976  N N   . HIS A 1 118 ? -4.271  10.829  -2.307  1.00 22.09  ? 121 HIS A N   1 
ATOM   977  C CA  . HIS A 1 118 ? -4.756  10.281  -1.006  1.00 23.03  ? 121 HIS A CA  1 
ATOM   978  C C   . HIS A 1 118 ? -3.912  9.113   -0.512  1.00 22.15  ? 121 HIS A C   1 
ATOM   979  O O   . HIS A 1 118 ? -3.873  8.831   0.678   1.00 23.02  ? 121 HIS A O   1 
ATOM   980  C CB  . HIS A 1 118 ? -6.229  9.891   -1.106  1.00 24.11  ? 121 HIS A CB  1 
ATOM   981  C CG  . HIS A 1 118 ? -7.098  11.072  -1.380  1.00 26.51  ? 121 HIS A CG  1 
ATOM   982  N ND1 . HIS A 1 118 ? -7.277  12.068  -0.443  1.00 32.68  ? 121 HIS A ND1 1 
ATOM   983  C CD2 . HIS A 1 118 ? -7.823  11.438  -2.470  1.00 30.74  ? 121 HIS A CD2 1 
ATOM   984  C CE1 . HIS A 1 118 ? -8.064  13.004  -0.946  1.00 30.63  ? 121 HIS A CE1 1 
ATOM   985  N NE2 . HIS A 1 118 ? -8.415  12.645  -2.168  1.00 32.46  ? 121 HIS A NE2 1 
ATOM   986  N N   . GLY A 1 119 ? -3.298  8.379   -1.436  1.00 20.17  ? 122 GLY A N   1 
ATOM   987  C CA  . GLY A 1 119 ? -2.502  7.220   -1.104  1.00 20.02  ? 122 GLY A CA  1 
ATOM   988  C C   . GLY A 1 119 ? -1.303  7.696   -0.334  1.00 20.47  ? 122 GLY A C   1 
ATOM   989  O O   . GLY A 1 119 ? -0.944  7.114   0.668   1.00 18.72  ? 122 GLY A O   1 
ATOM   990  N N   . LYS A 1 120 ? -0.716  8.810   -0.790  1.00 19.40  ? 123 LYS A N   1 
ATOM   991  C CA  A LYS A 1 120 ? 0.483   9.360   -0.117  0.50 19.70  ? 123 LYS A CA  1 
ATOM   992  C CA  B LYS A 1 120 ? 0.473   9.383   -0.129  0.50 20.32  ? 123 LYS A CA  1 
ATOM   993  C C   . LYS A 1 120 ? 0.135   9.818   1.316   1.00 19.92  ? 123 LYS A C   1 
ATOM   994  O O   . LYS A 1 120 ? 0.865   9.494   2.265   1.00 19.00  ? 123 LYS A O   1 
ATOM   995  C CB  A LYS A 1 120 ? 1.111   10.511  -0.939  0.50 20.91  ? 123 LYS A CB  1 
ATOM   996  C CB  B LYS A 1 120 ? 1.057   10.544  -0.979  0.50 21.46  ? 123 LYS A CB  1 
ATOM   997  C CG  A LYS A 1 120 ? 2.336   11.167  -0.268  0.50 21.04  ? 123 LYS A CG  1 
ATOM   998  C CG  B LYS A 1 120 ? 0.204   11.828  -1.076  0.50 25.42  ? 123 LYS A CG  1 
ATOM   999  C CD  A LYS A 1 120 ? 2.625   12.578  -0.850  0.50 28.34  ? 123 LYS A CD  1 
ATOM   1000 C CD  B LYS A 1 120 ? 0.731   12.947  -0.182  0.50 28.24  ? 123 LYS A CD  1 
ATOM   1001 C CE  A LYS A 1 120 ? 3.625   13.343  0.022   0.50 29.36  ? 123 LYS A CE  1 
ATOM   1002 C CE  B LYS A 1 120 ? -0.166  14.169  -0.184  0.50 29.59  ? 123 LYS A CE  1 
ATOM   1003 N NZ  A LYS A 1 120 ? 3.866   14.728  -0.477  0.50 31.13  ? 123 LYS A NZ  1 
ATOM   1004 N NZ  B LYS A 1 120 ? -0.980  14.275  -1.423  0.50 28.79  ? 123 LYS A NZ  1 
ATOM   1005 N N   . ARG A 1 121 ? -0.985  10.534  1.471   1.00 19.30  ? 124 ARG A N   1 
ATOM   1006 C CA  . ARG A 1 121 ? -1.452  10.990  2.770   1.00 20.09  ? 124 ARG A CA  1 
ATOM   1007 C C   . ARG A 1 121 ? -1.672  9.764   3.649   1.00 20.29  ? 124 ARG A C   1 
ATOM   1008 O O   . ARG A 1 121 ? -1.193  9.713   4.787   1.00 19.16  ? 124 ARG A O   1 
ATOM   1009 C CB  . ARG A 1 121 ? -2.711  11.849  2.603   1.00 19.74  ? 124 ARG A CB  1 
ATOM   1010 C CG  . ARG A 1 121 ? -2.375  13.224  2.036   1.00 27.91  ? 124 ARG A CG  1 
ATOM   1011 C CD  . ARG A 1 121 ? -3.666  14.091  1.960   1.00 32.24  ? 124 ARG A CD  1 
ATOM   1012 N NE  . ARG A 1 121 ? -3.445  15.426  1.365   1.00 35.43  ? 124 ARG A NE  1 
ATOM   1013 C CZ  . ARG A 1 121 ? -3.073  16.526  2.041   1.00 40.02  ? 124 ARG A CZ  1 
ATOM   1014 N NH1 . ARG A 1 121 ? -2.907  16.475  3.362   1.00 36.07  ? 124 ARG A NH1 1 
ATOM   1015 N NH2 . ARG A 1 121 ? -2.910  17.704  1.403   1.00 35.72  ? 124 ARG A NH2 1 
ATOM   1016 N N   . ALA A 1 122 ? -2.353  8.758   3.103   1.00 17.93  ? 125 ALA A N   1 
ATOM   1017 C CA  . ALA A 1 122 ? -2.601  7.551   3.906   1.00 18.47  ? 125 ALA A CA  1 
ATOM   1018 C C   . ALA A 1 122 ? -1.337  6.847   4.349   1.00 17.52  ? 125 ALA A C   1 
ATOM   1019 O O   . ALA A 1 122 ? -1.284  6.412   5.476   1.00 17.16  ? 125 ALA A O   1 
ATOM   1020 C CB  . ALA A 1 122 ? -3.542  6.576   3.187   1.00 17.58  ? 125 ALA A CB  1 
ATOM   1021 N N   . ALA A 1 123 ? -0.324  6.707   3.477   1.00 16.43  ? 126 ALA A N   1 
ATOM   1022 C CA  . ALA A 1 123 ? 0.923   6.076   3.858   1.00 16.79  ? 126 ALA A CA  1 
ATOM   1023 C C   . ALA A 1 123 ? 1.599   6.847   4.964   1.00 15.63  ? 126 ALA A C   1 
ATOM   1024 O O   . ALA A 1 123 ? 2.222   6.247   5.824   1.00 15.49  ? 126 ALA A O   1 
ATOM   1025 C CB  . ALA A 1 123 ? 1.826   5.986   2.625   1.00 15.40  ? 126 ALA A CB  1 
ATOM   1026 N N   . GLU A 1 124 ? 1.523   8.181   4.923   1.00 16.92  ? 127 GLU A N   1 
ATOM   1027 C CA  . GLU A 1 124 ? 2.071   8.967   6.068   1.00 16.64  ? 127 GLU A CA  1 
ATOM   1028 C C   . GLU A 1 124 ? 1.353   8.719   7.349   1.00 15.77  ? 127 GLU A C   1 
ATOM   1029 O O   . GLU A 1 124 ? 1.981   8.574   8.407   1.00 16.45  ? 127 GLU A O   1 
ATOM   1030 C CB  . GLU A 1 124 ? 2.071   10.436  5.769   1.00 17.93  ? 127 GLU A CB  1 
ATOM   1031 C CG  . GLU A 1 124 ? 2.912   10.886  4.541   1.00 25.51  ? 127 GLU A CG  1 
ATOM   1032 C CD  . GLU A 1 124 ? 2.644   12.372  4.350   1.00 33.87  ? 127 GLU A CD  1 
ATOM   1033 O OE1 . GLU A 1 124 ? 3.157   13.178  5.170   1.00 37.26  ? 127 GLU A OE1 1 
ATOM   1034 O OE2 . GLU A 1 124 ? 1.872   12.715  3.427   1.00 37.66  ? 127 GLU A OE2 1 
ATOM   1035 N N   . ALA A 1 125 ? 0.024   8.575   7.263   1.00 15.18  ? 128 ALA A N   1 
ATOM   1036 C CA  . ALA A 1 125 ? -0.724  8.395   8.502   1.00 14.54  ? 128 ALA A CA  1 
ATOM   1037 C C   . ALA A 1 125 ? -0.412  7.040   9.042   1.00 16.04  ? 128 ALA A C   1 
ATOM   1038 O O   . ALA A 1 125 ? -0.270  6.859   10.261  1.00 15.65  ? 128 ALA A O   1 
ATOM   1039 C CB  . ALA A 1 125 ? -2.190  8.562   8.236   1.00 16.02  ? 128 ALA A CB  1 
ATOM   1040 N N   . LEU A 1 126 ? -0.357  6.046   8.133   1.00 15.98  ? 129 LEU A N   1 
ATOM   1041 C CA  . LEU A 1 126 ? -0.119  4.683   8.575   1.00 15.89  ? 129 LEU A CA  1 
ATOM   1042 C C   . LEU A 1 126 ? 1.295   4.506   9.084   1.00 16.12  ? 129 LEU A C   1 
ATOM   1043 O O   . LEU A 1 126 ? 1.521   3.752   10.037  1.00 16.33  ? 129 LEU A O   1 
ATOM   1044 C CB  . LEU A 1 126 ? -0.435  3.628   7.453   1.00 14.42  ? 129 LEU A CB  1 
ATOM   1045 C CG  . LEU A 1 126 ? -1.934  3.714   7.047   1.00 13.47  ? 129 LEU A CG  1 
ATOM   1046 C CD1 . LEU A 1 126 ? -2.125  3.145   5.626   1.00 14.32  ? 129 LEU A CD1 1 
ATOM   1047 C CD2 . LEU A 1 126 ? -2.750  2.933   8.146   1.00 15.48  ? 129 LEU A CD2 1 
ATOM   1048 N N   . ALA A 1 127 ? 2.257   5.264   8.520   1.00 18.18  ? 130 ALA A N   1 
ATOM   1049 C CA  . ALA A 1 127 ? 3.618   5.278   9.034   1.00 18.01  ? 130 ALA A CA  1 
ATOM   1050 C C   . ALA A 1 127 ? 3.691   5.764   10.472  1.00 18.67  ? 130 ALA A C   1 
ATOM   1051 O O   . ALA A 1 127 ? 4.493   5.268   11.288  1.00 18.68  ? 130 ALA A O   1 
ATOM   1052 C CB  . ALA A 1 127 ? 4.544   6.140   8.125   1.00 18.82  ? 130 ALA A CB  1 
ATOM   1053 N N   . ARG A 1 128 ? 2.916   6.803   10.752  1.00 17.22  ? 131 ARG A N   1 
ATOM   1054 C CA  . ARG A 1 128 ? 2.872   7.360   12.066  1.00 18.80  ? 131 ARG A CA  1 
ATOM   1055 C C   . ARG A 1 128 ? 2.320   6.352   13.056  1.00 19.72  ? 131 ARG A C   1 
ATOM   1056 O O   . ARG A 1 128 ? 2.831   6.165   14.130  1.00 20.34  ? 131 ARG A O   1 
ATOM   1057 C CB  . ARG A 1 128 ? 2.010   8.625   12.016  1.00 20.45  ? 131 ARG A CB  1 
ATOM   1058 C CG  . ARG A 1 128 ? 1.918   9.374   13.290  1.00 23.10  ? 131 ARG A CG  1 
ATOM   1059 C CD  . ARG A 1 128 ? 3.123   10.427  13.394  1.00 22.38  ? 131 ARG A CD  1 
ATOM   1060 N NE  . ARG A 1 128 ? 4.335   9.764   13.809  1.00 24.26  ? 131 ARG A NE  1 
ATOM   1061 C CZ  . ARG A 1 128 ? 4.538   9.339   15.058  1.00 21.48  ? 131 ARG A CZ  1 
ATOM   1062 N NH1 . ARG A 1 128 ? 3.604   9.519   15.950  1.00 24.11  ? 131 ARG A NH1 1 
ATOM   1063 N NH2 . ARG A 1 128 ? 5.664   8.705   15.366  1.00 25.67  ? 131 ARG A NH2 1 
ATOM   1064 N N   . ILE A 1 129 ? 1.252   5.667   12.670  1.00 16.62  ? 132 ILE A N   1 
ATOM   1065 C CA  . ILE A 1 129 ? 0.636   4.694   13.546  1.00 18.18  ? 132 ILE A CA  1 
ATOM   1066 C C   . ILE A 1 129 ? 1.626   3.536   13.810  1.00 19.73  ? 132 ILE A C   1 
ATOM   1067 O O   . ILE A 1 129 ? 1.756   3.147   14.968  1.00 23.71  ? 132 ILE A O   1 
ATOM   1068 C CB  . ILE A 1 129 ? -0.657  4.207   12.887  1.00 16.34  ? 132 ILE A CB  1 
ATOM   1069 C CG1 . ILE A 1 129 ? -1.737  5.259   13.024  1.00 15.16  ? 132 ILE A CG1 1 
ATOM   1070 C CG2 . ILE A 1 129 ? -1.069  2.911   13.569  1.00 20.33  ? 132 ILE A CG2 1 
ATOM   1071 C CD1 . ILE A 1 129 ? -2.986  4.921   12.045  1.00 21.49  ? 132 ILE A CD1 1 
ATOM   1072 N N   . ALA A 1 130 ? 2.283   3.046   12.770  1.00 22.73  ? 133 ALA A N   1 
ATOM   1073 C CA  . ALA A 1 130 ? 3.175   1.883   12.776  1.00 24.16  ? 133 ALA A CA  1 
ATOM   1074 C C   . ALA A 1 130 ? 4.444   2.249   13.522  1.00 28.31  ? 133 ALA A C   1 
ATOM   1075 O O   . ALA A 1 130 ? 5.028   1.380   14.182  1.00 29.64  ? 133 ALA A O   1 
ATOM   1076 C CB  . ALA A 1 130 ? 3.516   1.454   11.317  1.00 25.98  ? 133 ALA A CB  1 
ATOM   1077 N N   . GLU A 1 131 ? 4.863   3.524   13.446  1.00 28.74  ? 134 GLU A N   1 
ATOM   1078 C CA  . GLU A 1 131 ? 6.135   3.963   14.072  1.00 32.15  ? 134 GLU A CA  1 
ATOM   1079 C C   . GLU A 1 131 ? 5.969   3.863   15.555  1.00 32.37  ? 134 GLU A C   1 
ATOM   1080 O O   . GLU A 1 131 ? 6.892   3.421   16.252  1.00 33.49  ? 134 GLU A O   1 
ATOM   1081 C CB  . GLU A 1 131 ? 6.535   5.424   13.779  1.00 31.37  ? 134 GLU A CB  1 
ATOM   1082 C CG  . GLU A 1 131 ? 8.069   5.636   14.024  1.00 38.59  ? 134 GLU A CG  1 
ATOM   1083 C CD  . GLU A 1 131 ? 8.570   7.073   14.232  1.00 46.78  ? 134 GLU A CD  1 
ATOM   1084 O OE1 . GLU A 1 131 ? 8.041   8.064   13.613  1.00 49.92  ? 134 GLU A OE1 1 
ATOM   1085 O OE2 . GLU A 1 131 ? 9.556   7.188   15.029  1.00 47.07  ? 134 GLU A OE2 1 
ATOM   1086 N N   . GLU A 1 132 ? 4.790   4.254   16.037  1.00 31.34  ? 135 GLU A N   1 
ATOM   1087 C CA  . GLU A 1 132 ? 4.547   4.352   17.450  1.00 32.73  ? 135 GLU A CA  1 
ATOM   1088 C C   . GLU A 1 132 ? 4.225   2.979   17.959  1.00 33.64  ? 135 GLU A C   1 
ATOM   1089 O O   . GLU A 1 132 ? 4.486   2.647   19.133  1.00 33.74  ? 135 GLU A O   1 
ATOM   1090 C CB  . GLU A 1 132 ? 3.360   5.284   17.715  1.00 32.28  ? 135 GLU A CB  1 
ATOM   1091 C CG  . GLU A 1 132 ? 3.686   6.758   17.581  1.00 36.18  ? 135 GLU A CG  1 
ATOM   1092 C CD  . GLU A 1 132 ? 4.828   7.214   18.522  1.00 39.17  ? 135 GLU A CD  1 
ATOM   1093 O OE1 . GLU A 1 132 ? 4.983   6.668   19.657  1.00 37.35  ? 135 GLU A OE1 1 
ATOM   1094 O OE2 . GLU A 1 132 ? 5.572   8.134   18.108  1.00 43.06  ? 135 GLU A OE2 1 
ATOM   1095 N N   . ALA A 1 133 ? 3.650   2.153   17.083  1.00 32.49  ? 136 ALA A N   1 
ATOM   1096 C CA  . ALA A 1 133 ? 3.160   0.883   17.553  1.00 32.85  ? 136 ALA A CA  1 
ATOM   1097 C C   . ALA A 1 133 ? 4.135   -0.291  17.405  1.00 33.83  ? 136 ALA A C   1 
ATOM   1098 O O   . ALA A 1 133 ? 4.297   -1.063  18.373  1.00 35.47  ? 136 ALA A O   1 
ATOM   1099 C CB  . ALA A 1 133 ? 1.784   0.555   16.944  1.00 31.98  ? 136 ALA A CB  1 
ATOM   1100 N N   . LEU A 1 134 ? 4.742   -0.462  16.231  1.00 33.78  ? 137 LEU A N   1 
ATOM   1101 C CA  . LEU A 1 134 ? 5.482   -1.699  15.948  1.00 34.11  ? 137 LEU A CA  1 
ATOM   1102 C C   . LEU A 1 134 ? 6.962   -1.618  16.382  1.00 36.27  ? 137 LEU A C   1 
ATOM   1103 O O   . LEU A 1 134 ? 7.472   -0.522  16.636  1.00 36.92  ? 137 LEU A O   1 
ATOM   1104 C CB  . LEU A 1 134 ? 5.335   -2.131  14.472  1.00 34.31  ? 137 LEU A CB  1 
ATOM   1105 C CG  . LEU A 1 134 ? 3.926   -2.232  13.852  1.00 33.25  ? 137 LEU A CG  1 
ATOM   1106 C CD1 . LEU A 1 134 ? 4.003   -2.280  12.355  1.00 32.19  ? 137 LEU A CD1 1 
ATOM   1107 C CD2 . LEU A 1 134 ? 3.168   -3.455  14.320  1.00 30.60  ? 137 LEU A CD2 1 
HETATM 1108 O O   . HOH B 2 .   ? 0.034   3.846   17.015  1.00 31.22  ? 2   HOH A O   1 
HETATM 1109 O O   . HOH B 2 .   ? 6.966   7.127   4.622   1.00 37.27  ? 140 HOH A O   1 
HETATM 1110 O O   . HOH B 2 .   ? 4.414   9.832   8.682   1.00 21.81  ? 141 HOH A O   1 
HETATM 1111 O O   . HOH B 2 .   ? 2.457   9.410   19.006  1.00 29.25  ? 142 HOH A O   1 
HETATM 1112 O O   . HOH B 2 .   ? 2.514   7.137   -12.019 0.50 11.97  ? 143 HOH A O   1 
HETATM 1113 O O   . HOH B 2 .   ? -4.958  1.123   -14.922 1.00 43.10  ? 144 HOH A O   1 
HETATM 1114 O O   . HOH B 2 .   ? -6.724  1.135   -13.272 1.00 43.97  ? 145 HOH A O   1 
HETATM 1115 O O   . HOH B 2 .   ? 8.883   0.808   3.689   1.00 35.41  ? 146 HOH A O   1 
HETATM 1116 O O   . HOH B 2 .   ? 9.208   -6.158  7.798   1.00 35.47  ? 147 HOH A O   1 
HETATM 1117 O O   . HOH B 2 .   ? -15.062 -0.087  3.090   1.00 40.31  ? 148 HOH A O   1 
HETATM 1118 O O   . HOH B 2 .   ? 0.095   -2.677  18.223  1.00 28.67  ? 149 HOH A O   1 
HETATM 1119 O O   . HOH B 2 .   ? 2.958   -8.242  20.006  1.00 32.12  ? 150 HOH A O   1 
HETATM 1120 O O   . HOH B 2 .   ? -7.596  4.469   22.103  1.00 32.18  ? 151 HOH A O   1 
HETATM 1121 O O   . HOH B 2 .   ? -11.849 -4.894  9.898   1.00 37.14  ? 152 HOH A O   1 
HETATM 1122 O O   . HOH B 2 .   ? -10.542 -6.255  7.726   1.00 26.65  ? 153 HOH A O   1 
HETATM 1123 O O   . HOH B 2 .   ? -7.514  -6.227  8.693   1.00 19.38  ? 154 HOH A O   1 
HETATM 1124 O O   . HOH B 2 .   ? -12.132 -6.719  5.665   1.00 28.94  ? 155 HOH A O   1 
HETATM 1125 O O   . HOH B 2 .   ? -7.037  -6.078  18.157  1.00 29.12  ? 156 HOH A O   1 
HETATM 1126 O O   . HOH B 2 .   ? -9.035  -4.436  17.748  1.00 45.11  ? 157 HOH A O   1 
HETATM 1127 O O   . HOH B 2 .   ? -9.010  4.719   19.599  1.00 37.91  ? 158 HOH A O   1 
HETATM 1128 O O   . HOH B 2 .   ? -11.371 1.300   -8.172  1.00 23.83  ? 159 HOH A O   1 
HETATM 1129 O O   . HOH B 2 .   ? -13.981 2.432   -2.868  1.00 19.75  ? 160 HOH A O   1 
HETATM 1130 O O   . HOH B 2 .   ? -7.631  1.600   -15.358 1.00 114.89 ? 161 HOH A O   1 
HETATM 1131 O O   . HOH B 2 .   ? -11.138 -7.014  -8.270  1.00 36.58  ? 162 HOH A O   1 
HETATM 1132 O O   . HOH B 2 .   ? -11.055 -11.155 3.385   1.00 49.51  ? 163 HOH A O   1 
HETATM 1133 O O   . HOH B 2 .   ? -10.178 -12.922 -1.024  1.00 40.83  ? 164 HOH A O   1 
HETATM 1134 O O   . HOH B 2 .   ? 7.715   -3.880  -9.680  0.50 15.80  ? 165 HOH A O   1 
HETATM 1135 O O   . HOH B 2 .   ? 9.376   -10.079 -7.782  1.00 41.80  ? 166 HOH A O   1 
HETATM 1136 O O   . HOH B 2 .   ? 1.609   4.614   -14.009 1.00 32.58  ? 167 HOH A O   1 
HETATM 1137 O O   . HOH B 2 .   ? -2.966  -7.000  12.484  1.00 29.79  ? 168 HOH A O   1 
HETATM 1138 O O   . HOH B 2 .   ? -14.744 -5.966  -1.961  1.00 31.23  ? 169 HOH A O   1 
HETATM 1139 O O   . HOH B 2 .   ? -7.736  -5.555  1.012   1.00 19.58  ? 170 HOH A O   1 
HETATM 1140 O O   . HOH B 2 .   ? -17.265 3.157   -7.960  1.00 58.43  ? 171 HOH A O   1 
HETATM 1141 O O   . HOH B 2 .   ? -10.916 -6.703  11.966  1.00 29.44  ? 172 HOH A O   1 
HETATM 1142 O O   . HOH B 2 .   ? -1.137  -8.612  11.580  1.00 42.97  ? 173 HOH A O   1 
HETATM 1143 O O   . HOH B 2 .   ? -3.532  -12.826 5.282   1.00 42.24  ? 174 HOH A O   1 
HETATM 1144 O O   . HOH B 2 .   ? 0.883   -12.644 3.320   1.00 40.27  ? 175 HOH A O   1 
HETATM 1145 O O   . HOH B 2 .   ? 1.735   -16.254 0.990   1.00 41.92  ? 176 HOH A O   1 
HETATM 1146 O O   . HOH B 2 .   ? 2.400   -13.911 4.584   1.00 33.87  ? 177 HOH A O   1 
HETATM 1147 O O   . HOH B 2 .   ? -0.771  -12.178 6.027   1.00 34.65  ? 178 HOH A O   1 
HETATM 1148 O O   . HOH B 2 .   ? -13.583 -4.479  4.478   1.00 26.48  ? 179 HOH A O   1 
HETATM 1149 O O   . HOH B 2 .   ? -8.189  -13.223 1.180   1.00 30.95  ? 180 HOH A O   1 
HETATM 1150 O O   . HOH B 2 .   ? 7.228   -11.814 0.320   1.00 29.79  ? 181 HOH A O   1 
HETATM 1151 O O   . HOH B 2 .   ? 21.916  -3.348  -8.324  1.00 40.76  ? 182 HOH A O   1 
HETATM 1152 O O   . HOH B 2 .   ? 5.080   7.479   3.768   1.00 32.91  ? 183 HOH A O   1 
HETATM 1153 O O   . HOH B 2 .   ? 3.900   8.996   1.733   1.00 36.19  ? 184 HOH A O   1 
HETATM 1154 O O   . HOH B 2 .   ? -17.983 1.411   -9.704  1.00 46.40  ? 185 HOH A O   1 
HETATM 1155 O O   . HOH B 2 .   ? -14.423 3.905   -7.907  1.00 35.50  ? 186 HOH A O   1 
HETATM 1156 O O   . HOH B 2 .   ? -7.437  4.595   -12.987 1.00 30.08  ? 187 HOH A O   1 
HETATM 1157 O O   . HOH B 2 .   ? -1.813  0.549   22.062  1.00 35.86  ? 188 HOH A O   1 
HETATM 1158 O O   . HOH B 2 .   ? -2.661  -11.505 8.570   1.00 56.76  ? 189 HOH A O   1 
HETATM 1159 O O   . HOH B 2 .   ? -4.700  -0.711  22.263  1.00 36.07  ? 190 HOH A O   1 
HETATM 1160 O O   . HOH B 2 .   ? 9.469   -5.937  0.666   1.00 31.31  ? 191 HOH A O   1 
HETATM 1161 O O   . HOH B 2 .   ? 0.366   -17.666 -0.897  1.00 41.54  ? 192 HOH A O   1 
HETATM 1162 O O   . HOH B 2 .   ? 15.581  -4.940  -9.795  1.00 36.47  ? 193 HOH A O   1 
HETATM 1163 O O   . HOH B 2 .   ? 0.013   -14.649 6.036   1.00 33.78  ? 194 HOH A O   1 
HETATM 1164 O O   . HOH B 2 .   ? 5.421   -6.354  11.055  1.00 32.10  ? 195 HOH A O   1 
HETATM 1165 O O   . HOH B 2 .   ? 0.964   2.958   19.762  1.00 38.17  ? 196 HOH A O   1 
HETATM 1166 O O   . HOH B 2 .   ? 6.636   1.323   18.894  1.00 50.73  ? 197 HOH A O   1 
HETATM 1167 O O   . HOH B 2 .   ? -1.069  -1.957  20.465  1.00 43.21  ? 198 HOH A O   1 
HETATM 1168 O O   . HOH B 2 .   ? 2.458   -8.426  22.260  1.00 36.67  ? 199 HOH A O   1 
# 
loop_
_pdbx_poly_seq_scheme.asym_id 
_pdbx_poly_seq_scheme.entity_id 
_pdbx_poly_seq_scheme.seq_id 
_pdbx_poly_seq_scheme.mon_id 
_pdbx_poly_seq_scheme.ndb_seq_num 
_pdbx_poly_seq_scheme.pdb_seq_num 
_pdbx_poly_seq_scheme.auth_seq_num 
_pdbx_poly_seq_scheme.pdb_mon_id 
_pdbx_poly_seq_scheme.auth_mon_id 
_pdbx_poly_seq_scheme.pdb_strand_id 
_pdbx_poly_seq_scheme.pdb_ins_code 
_pdbx_poly_seq_scheme.hetero 
A 1 1   GLY 1   4   ?   ?   ?   A . n 
A 1 2   SER 2   5   5   SER SER A . n 
A 1 3   LEU 3   6   6   LEU LEU A . n 
A 1 4   VAL 4   7   7   VAL VAL A . n 
A 1 5   LEU 5   8   8   LEU LEU A . n 
A 1 6   TYR 6   9   9   TYR TYR A . n 
A 1 7   GLY 7   10  10  GLY GLY A . n 
A 1 8   ALA 8   11  11  ALA ALA A . n 
A 1 9   PRO 9   12  12  PRO PRO A . n 
A 1 10  TYR 10  13  13  TYR TYR A . n 
A 1 11  GLU 11  14  14  GLU GLU A . n 
A 1 12  ARG 12  15  15  ARG ARG A . n 
A 1 13  ALA 13  16  16  ALA ALA A . n 
A 1 14  VAL 14  17  17  VAL VAL A . n 
A 1 15  GLU 15  18  18  GLU GLU A . n 
A 1 16  VAL 16  19  19  VAL VAL A . n 
A 1 17  LEU 17  20  20  LEU LEU A . n 
A 1 18  GLU 18  21  21  GLU GLU A . n 
A 1 19  GLU 19  22  22  GLU GLU A . n 
A 1 20  THR 20  23  23  THR THR A . n 
A 1 21  LEU 21  24  24  LEU LEU A . n 
A 1 22  ARG 22  25  25  ARG ARG A . n 
A 1 23  GLU 23  26  26  GLU GLU A . n 
A 1 24  THR 24  27  27  THR THR A . n 
A 1 25  GLY 25  28  28  GLY GLY A . n 
A 1 26  ALA 26  29  29  ALA ALA A . n 
A 1 27  ARG 27  30  30  ARG ARG A . n 
A 1 28  TYR 28  31  31  TYR TYR A . n 
A 1 29  ALA 29  32  32  ALA ALA A . n 
A 1 30  LEU 30  33  33  LEU LEU A . n 
A 1 31  LEU 31  34  34  LEU LEU A . n 
A 1 32  ILE 32  35  35  ILE ILE A . n 
A 1 33  ASP 33  36  36  ASP ASP A . n 
A 1 34  ARG 34  37  37  ARG ARG A . n 
A 1 35  LYS 35  38  38  LYS LYS A . n 
A 1 36  GLY 36  39  39  GLY GLY A . n 
A 1 37  PHE 37  40  40  PHE PHE A . n 
A 1 38  VAL 38  41  41  VAL VAL A . n 
A 1 39  LEU 39  42  42  LEU LEU A . n 
A 1 40  ALA 40  43  43  ALA ALA A . n 
A 1 41  HIS 41  44  44  HIS HIS A . n 
A 1 42  LYS 42  45  45  LYS LYS A . n 
A 1 43  GLU 43  46  46  GLU GLU A . n 
A 1 44  ALA 44  47  47  ALA ALA A . n 
A 1 45  LEU 45  48  48  LEU LEU A . n 
A 1 46  TRP 46  49  49  TRP TRP A . n 
A 1 47  ALA 47  50  50  ALA ALA A . n 
A 1 48  PRO 48  51  51  PRO PRO A . n 
A 1 49  LYS 49  52  52  LYS LYS A . n 
A 1 50  PRO 50  53  53  PRO PRO A . n 
A 1 51  PRO 51  54  54  PRO PRO A . n 
A 1 52  PRO 52  55  55  PRO PRO A . n 
A 1 53  LEU 53  56  56  LEU LEU A . n 
A 1 54  ASP 54  57  57  ASP ASP A . n 
A 1 55  THR 55  58  58  THR THR A . n 
A 1 56  LEU 56  59  59  LEU LEU A . n 
A 1 57  ALA 57  60  60  ALA ALA A . n 
A 1 58  THR 58  61  61  THR THR A . n 
A 1 59  LEU 59  62  62  LEU LEU A . n 
A 1 60  VAL 60  63  63  VAL VAL A . n 
A 1 61  ALA 61  64  64  ALA ALA A . n 
A 1 62  SER 62  65  65  SER SER A . n 
A 1 63  ASN 63  66  66  ASN ASN A . n 
A 1 64  ALA 64  67  67  ALA ALA A . n 
A 1 65  ALA 65  68  68  ALA ALA A . n 
A 1 66  ALA 66  69  69  ALA ALA A . n 
A 1 67  THR 67  70  70  THR THR A . n 
A 1 68  GLN 68  71  71  GLN GLN A . n 
A 1 69  ALA 69  72  72  ALA ALA A . n 
A 1 70  LEU 70  73  73  LEU LEU A . n 
A 1 71  ALA 71  74  74  ALA ALA A . n 
A 1 72  LYS 72  75  75  LYS LYS A . n 
A 1 73  LEU 73  76  76  LEU LEU A . n 
A 1 74  LEU 74  77  77  LEU LEU A . n 
A 1 75  GLY 75  78  78  GLY GLY A . n 
A 1 76  GLU 76  79  79  GLU GLU A . n 
A 1 77  ALA 77  80  80  ALA ALA A . n 
A 1 78  ARG 78  81  81  ARG ARG A . n 
A 1 79  PHE 79  82  82  PHE PHE A . n 
A 1 80  GLN 80  83  83  GLN GLN A . n 
A 1 81  GLU 81  84  84  GLU GLU A . n 
A 1 82  GLU 82  85  85  GLU GLU A . n 
A 1 83  VAL 83  86  86  VAL VAL A . n 
A 1 84  HIS 84  87  87  HIS HIS A . n 
A 1 85  GLN 85  88  88  GLN GLN A . n 
A 1 86  GLY 86  89  89  GLY GLY A . n 
A 1 87  GLU 87  90  90  GLU GLU A . n 
A 1 88  ARG 88  91  91  ARG ARG A . n 
A 1 89  MET 89  92  92  MET MET A . n 
A 1 90  GLY 90  93  93  GLY GLY A . n 
A 1 91  LEU 91  94  94  LEU LEU A . n 
A 1 92  TYR 92  95  95  TYR TYR A . n 
A 1 93  VAL 93  96  96  VAL VAL A . n 
A 1 94  ASP 94  97  97  ASP ASP A . n 
A 1 95  GLU 95  98  98  GLU GLU A . n 
A 1 96  ALA 96  99  99  ALA ALA A . n 
A 1 97  GLY 97  100 100 GLY GLY A . n 
A 1 98  GLU 98  101 101 GLU GLU A . n 
A 1 99  HIS 99  102 102 HIS HIS A . n 
A 1 100 ALA 100 103 103 ALA ALA A . n 
A 1 101 LEU 101 104 104 LEU LEU A . n 
A 1 102 LEU 102 105 105 LEU LEU A . n 
A 1 103 VAL 103 106 106 VAL VAL A . n 
A 1 104 LEU 104 107 107 LEU LEU A . n 
A 1 105 VAL 105 108 108 VAL VAL A . n 
A 1 106 PHE 106 109 109 PHE PHE A . n 
A 1 107 ASP 107 110 110 ASP ASP A . n 
A 1 108 GLU 108 111 111 GLU GLU A . n 
A 1 109 THR 109 112 112 THR THR A . n 
A 1 110 ALA 110 113 113 ALA ALA A . n 
A 1 111 PRO 111 114 114 PRO PRO A . n 
A 1 112 LEU 112 115 115 LEU LEU A . n 
A 1 113 GLY 113 116 116 GLY GLY A . n 
A 1 114 LYS 114 117 117 LYS LYS A . n 
A 1 115 VAL 115 118 118 VAL VAL A . n 
A 1 116 LYS 116 119 119 LYS LYS A . n 
A 1 117 LEU 117 120 120 LEU LEU A . n 
A 1 118 HIS 118 121 121 HIS HIS A . n 
A 1 119 GLY 119 122 122 GLY GLY A . n 
A 1 120 LYS 120 123 123 LYS LYS A . n 
A 1 121 ARG 121 124 124 ARG ARG A . n 
A 1 122 ALA 122 125 125 ALA ALA A . n 
A 1 123 ALA 123 126 126 ALA ALA A . n 
A 1 124 GLU 124 127 127 GLU GLU A . n 
A 1 125 ALA 125 128 128 ALA ALA A . n 
A 1 126 LEU 126 129 129 LEU LEU A . n 
A 1 127 ALA 127 130 130 ALA ALA A . n 
A 1 128 ARG 128 131 131 ARG ARG A . n 
A 1 129 ILE 129 132 132 ILE ILE A . n 
A 1 130 ALA 130 133 133 ALA ALA A . n 
A 1 131 GLU 131 134 134 GLU GLU A . n 
A 1 132 GLU 132 135 135 GLU GLU A . n 
A 1 133 ALA 133 136 136 ALA ALA A . n 
A 1 134 LEU 134 137 137 LEU LEU A . n 
A 1 135 ALA 135 138 ?   ?   ?   A . n 
A 1 136 ASN 136 139 ?   ?   ?   A . n 
# 
loop_
_pdbx_nonpoly_scheme.asym_id 
_pdbx_nonpoly_scheme.entity_id 
_pdbx_nonpoly_scheme.mon_id 
_pdbx_nonpoly_scheme.ndb_seq_num 
_pdbx_nonpoly_scheme.pdb_seq_num 
_pdbx_nonpoly_scheme.auth_seq_num 
_pdbx_nonpoly_scheme.pdb_mon_id 
_pdbx_nonpoly_scheme.auth_mon_id 
_pdbx_nonpoly_scheme.pdb_strand_id 
_pdbx_nonpoly_scheme.pdb_ins_code 
B 2 HOH 1  2   2  HOH HOH A . 
B 2 HOH 2  140 4  HOH HOH A . 
B 2 HOH 3  141 7  HOH HOH A . 
B 2 HOH 4  142 10 HOH HOH A . 
B 2 HOH 5  143 12 HOH HOH A . 
B 2 HOH 6  144 13 HOH HOH A . 
B 2 HOH 7  145 14 HOH HOH A . 
B 2 HOH 8  146 19 HOH HOH A . 
B 2 HOH 9  147 20 HOH HOH A . 
B 2 HOH 10 148 21 HOH HOH A . 
B 2 HOH 11 149 22 HOH HOH A . 
B 2 HOH 12 150 23 HOH HOH A . 
B 2 HOH 13 151 24 HOH HOH A . 
B 2 HOH 14 152 25 HOH HOH A . 
B 2 HOH 15 153 27 HOH HOH A . 
B 2 HOH 16 154 28 HOH HOH A . 
B 2 HOH 17 155 29 HOH HOH A . 
B 2 HOH 18 156 30 HOH HOH A . 
B 2 HOH 19 157 31 HOH HOH A . 
B 2 HOH 20 158 32 HOH HOH A . 
B 2 HOH 21 159 33 HOH HOH A . 
B 2 HOH 22 160 35 HOH HOH A . 
B 2 HOH 23 161 37 HOH HOH A . 
B 2 HOH 24 162 38 HOH HOH A . 
B 2 HOH 25 163 39 HOH HOH A . 
B 2 HOH 26 164 40 HOH HOH A . 
B 2 HOH 27 165 41 HOH HOH A . 
B 2 HOH 28 166 42 HOH HOH A . 
B 2 HOH 29 167 43 HOH HOH A . 
B 2 HOH 30 168 44 HOH HOH A . 
B 2 HOH 31 169 45 HOH HOH A . 
B 2 HOH 32 170 46 HOH HOH A . 
B 2 HOH 33 171 47 HOH HOH A . 
B 2 HOH 34 172 48 HOH HOH A . 
B 2 HOH 35 173 49 HOH HOH A . 
B 2 HOH 36 174 51 HOH HOH A . 
B 2 HOH 37 175 52 HOH HOH A . 
B 2 HOH 38 176 53 HOH HOH A . 
B 2 HOH 39 177 54 HOH HOH A . 
B 2 HOH 40 178 55 HOH HOH A . 
B 2 HOH 41 179 56 HOH HOH A . 
B 2 HOH 42 180 57 HOH HOH A . 
B 2 HOH 43 181 58 HOH HOH A . 
B 2 HOH 44 182 59 HOH HOH A . 
B 2 HOH 45 183 60 HOH HOH A . 
B 2 HOH 46 184 62 HOH HOH A . 
B 2 HOH 47 185 64 HOH HOH A . 
B 2 HOH 48 186 65 HOH HOH A . 
B 2 HOH 49 187 66 HOH HOH A . 
B 2 HOH 50 188 67 HOH HOH A . 
B 2 HOH 51 189 69 HOH HOH A . 
B 2 HOH 52 190 70 HOH HOH A . 
B 2 HOH 53 191 71 HOH HOH A . 
B 2 HOH 54 192 72 HOH HOH A . 
B 2 HOH 55 193 73 HOH HOH A . 
B 2 HOH 56 194 74 HOH HOH A . 
B 2 HOH 57 195 75 HOH HOH A . 
B 2 HOH 58 196 79 HOH HOH A . 
B 2 HOH 59 197 80 HOH HOH A . 
B 2 HOH 60 198 81 HOH HOH A . 
B 2 HOH 61 199 82 HOH HOH A . 
# 
_pdbx_struct_assembly.id                   1 
_pdbx_struct_assembly.details              author_and_software_defined_assembly 
_pdbx_struct_assembly.method_details       PISA 
_pdbx_struct_assembly.oligomeric_details   dimeric 
_pdbx_struct_assembly.oligomeric_count     2 
# 
_pdbx_struct_assembly_gen.assembly_id       1 
_pdbx_struct_assembly_gen.oper_expression   1,2 
_pdbx_struct_assembly_gen.asym_id_list      A,B 
# 
loop_
_pdbx_struct_assembly_prop.biol_id 
_pdbx_struct_assembly_prop.type 
_pdbx_struct_assembly_prop.value 
_pdbx_struct_assembly_prop.details 
1 'ABSA (A^2)' 2660  ? 
1 MORE         -19   ? 
1 'SSA (A^2)'  13050 ? 
# 
loop_
_pdbx_struct_oper_list.id 
_pdbx_struct_oper_list.type 
_pdbx_struct_oper_list.name 
_pdbx_struct_oper_list.symmetry_operation 
_pdbx_struct_oper_list.matrix[1][1] 
_pdbx_struct_oper_list.matrix[1][2] 
_pdbx_struct_oper_list.matrix[1][3] 
_pdbx_struct_oper_list.vector[1] 
_pdbx_struct_oper_list.matrix[2][1] 
_pdbx_struct_oper_list.matrix[2][2] 
_pdbx_struct_oper_list.matrix[2][3] 
_pdbx_struct_oper_list.vector[2] 
_pdbx_struct_oper_list.matrix[3][1] 
_pdbx_struct_oper_list.matrix[3][2] 
_pdbx_struct_oper_list.matrix[3][3] 
_pdbx_struct_oper_list.vector[3] 
1 'identity operation'         1_555  x,y,z          1.0000000000  0.0000000000  0.0000000000 0.0000000000  0.0000000000  1.0000000000 0.0000000000  0.0000000000 0.0000000000 0.0000000000  1.0000000000  0.0000000000   
2 'crystal symmetry operation' 12_564 x,x-y+1,-z-1/6 -0.5905995844 -0.7948936006 0.1390550061 10.9094322609 -0.7948936006 0.5433688196 -0.2699897955 1.7579684075 0.1390550061 -0.2699897955 -0.9527692352 -22.0698869458 
# 
loop_
_pdbx_audit_revision_history.ordinal 
_pdbx_audit_revision_history.data_content_type 
_pdbx_audit_revision_history.major_revision 
_pdbx_audit_revision_history.minor_revision 
_pdbx_audit_revision_history.revision_date 
1 'Structure model' 1 0 2011-08-31 
2 'Structure model' 1 1 2011-11-02 
3 'Structure model' 1 2 2023-09-13 
# 
_pdbx_audit_revision_details.ordinal             1 
_pdbx_audit_revision_details.revision_ordinal    1 
_pdbx_audit_revision_details.data_content_type   'Structure model' 
_pdbx_audit_revision_details.provider            repository 
_pdbx_audit_revision_details.type                'Initial release' 
_pdbx_audit_revision_details.description         ? 
_pdbx_audit_revision_details.details             ? 
# 
loop_
_pdbx_audit_revision_group.ordinal 
_pdbx_audit_revision_group.revision_ordinal 
_pdbx_audit_revision_group.data_content_type 
_pdbx_audit_revision_group.group 
1 2 'Structure model' 'Database references'    
2 3 'Structure model' 'Data collection'        
3 3 'Structure model' 'Database references'    
4 3 'Structure model' 'Refinement description' 
# 
loop_
_pdbx_audit_revision_category.ordinal 
_pdbx_audit_revision_category.revision_ordinal 
_pdbx_audit_revision_category.data_content_type 
_pdbx_audit_revision_category.category 
1 3 'Structure model' chem_comp_atom                
2 3 'Structure model' chem_comp_bond                
3 3 'Structure model' database_2                    
4 3 'Structure model' pdbx_initial_refinement_model 
5 3 'Structure model' struct_ref_seq_dif            
# 
loop_
_pdbx_audit_revision_item.ordinal 
_pdbx_audit_revision_item.revision_ordinal 
_pdbx_audit_revision_item.data_content_type 
_pdbx_audit_revision_item.item 
1 3 'Structure model' '_database_2.pdbx_DOI'                
2 3 'Structure model' '_database_2.pdbx_database_accession' 
3 3 'Structure model' '_struct_ref_seq_dif.details'         
# 
loop_
_software.name 
_software.classification 
_software.version 
_software.citation_id 
_software.pdbx_ordinal 
PRO    'data collection' DC       ? 1 
MOLREP phasing           .        ? 2 
REFMAC refinement        5.5.0110 ? 3 
XDS    'data reduction'  .        ? 4 
XSCALE 'data scaling'    .        ? 5 
# 
loop_
_pdbx_validate_close_contact.id 
_pdbx_validate_close_contact.PDB_model_num 
_pdbx_validate_close_contact.auth_atom_id_1 
_pdbx_validate_close_contact.auth_asym_id_1 
_pdbx_validate_close_contact.auth_comp_id_1 
_pdbx_validate_close_contact.auth_seq_id_1 
_pdbx_validate_close_contact.PDB_ins_code_1 
_pdbx_validate_close_contact.label_alt_id_1 
_pdbx_validate_close_contact.auth_atom_id_2 
_pdbx_validate_close_contact.auth_asym_id_2 
_pdbx_validate_close_contact.auth_comp_id_2 
_pdbx_validate_close_contact.auth_seq_id_2 
_pdbx_validate_close_contact.PDB_ins_code_2 
_pdbx_validate_close_contact.label_alt_id_2 
_pdbx_validate_close_contact.dist 
1 1 OE1 A GLU 98  ? A O A HOH 140 ? ? 1.76 
2 1 O   A HOH 140 ? ? O A HOH 183 ? ? 2.10 
# 
loop_
_pdbx_validate_torsion.id 
_pdbx_validate_torsion.PDB_model_num 
_pdbx_validate_torsion.auth_comp_id 
_pdbx_validate_torsion.auth_asym_id 
_pdbx_validate_torsion.auth_seq_id 
_pdbx_validate_torsion.PDB_ins_code 
_pdbx_validate_torsion.label_alt_id 
_pdbx_validate_torsion.phi 
_pdbx_validate_torsion.psi 
1 1 ARG A 91  ? B -145.85 21.90   
2 1 ALA A 99  ? ? -116.61 76.92   
3 1 ASP A 110 ? ? -117.19 -168.96 
# 
loop_
_pdbx_unobs_or_zero_occ_atoms.id 
_pdbx_unobs_or_zero_occ_atoms.PDB_model_num 
_pdbx_unobs_or_zero_occ_atoms.polymer_flag 
_pdbx_unobs_or_zero_occ_atoms.occupancy_flag 
_pdbx_unobs_or_zero_occ_atoms.auth_asym_id 
_pdbx_unobs_or_zero_occ_atoms.auth_comp_id 
_pdbx_unobs_or_zero_occ_atoms.auth_seq_id 
_pdbx_unobs_or_zero_occ_atoms.PDB_ins_code 
_pdbx_unobs_or_zero_occ_atoms.auth_atom_id 
_pdbx_unobs_or_zero_occ_atoms.label_alt_id 
_pdbx_unobs_or_zero_occ_atoms.label_asym_id 
_pdbx_unobs_or_zero_occ_atoms.label_comp_id 
_pdbx_unobs_or_zero_occ_atoms.label_seq_id 
_pdbx_unobs_or_zero_occ_atoms.label_atom_id 
1 1 Y 1 A GLN 71 ? CG  ? A GLN 68 CG  
2 1 Y 1 A GLN 71 ? CD  ? A GLN 68 CD  
3 1 Y 1 A GLN 71 ? OE1 ? A GLN 68 OE1 
4 1 Y 1 A GLN 71 ? NE2 ? A GLN 68 NE2 
# 
loop_
_pdbx_unobs_or_zero_occ_residues.id 
_pdbx_unobs_or_zero_occ_residues.PDB_model_num 
_pdbx_unobs_or_zero_occ_residues.polymer_flag 
_pdbx_unobs_or_zero_occ_residues.occupancy_flag 
_pdbx_unobs_or_zero_occ_residues.auth_asym_id 
_pdbx_unobs_or_zero_occ_residues.auth_comp_id 
_pdbx_unobs_or_zero_occ_residues.auth_seq_id 
_pdbx_unobs_or_zero_occ_residues.PDB_ins_code 
_pdbx_unobs_or_zero_occ_residues.label_asym_id 
_pdbx_unobs_or_zero_occ_residues.label_comp_id 
_pdbx_unobs_or_zero_occ_residues.label_seq_id 
1 1 Y 1 A GLY 4   ? A GLY 1   
2 1 Y 1 A ALA 138 ? A ALA 135 
3 1 Y 1 A ASN 139 ? A ASN 136 
# 
loop_
_chem_comp_atom.comp_id 
_chem_comp_atom.atom_id 
_chem_comp_atom.type_symbol 
_chem_comp_atom.pdbx_aromatic_flag 
_chem_comp_atom.pdbx_stereo_config 
_chem_comp_atom.pdbx_ordinal 
ALA N    N N N 1   
ALA CA   C N S 2   
ALA C    C N N 3   
ALA O    O N N 4   
ALA CB   C N N 5   
ALA OXT  O N N 6   
ALA H    H N N 7   
ALA H2   H N N 8   
ALA HA   H N N 9   
ALA HB1  H N N 10  
ALA HB2  H N N 11  
ALA HB3  H N N 12  
ALA HXT  H N N 13  
ARG N    N N N 14  
ARG CA   C N S 15  
ARG C    C N N 16  
ARG O    O N N 17  
ARG CB   C N N 18  
ARG CG   C N N 19  
ARG CD   C N N 20  
ARG NE   N N N 21  
ARG CZ   C N N 22  
ARG NH1  N N N 23  
ARG NH2  N N N 24  
ARG OXT  O N N 25  
ARG H    H N N 26  
ARG H2   H N N 27  
ARG HA   H N N 28  
ARG HB2  H N N 29  
ARG HB3  H N N 30  
ARG HG2  H N N 31  
ARG HG3  H N N 32  
ARG HD2  H N N 33  
ARG HD3  H N N 34  
ARG HE   H N N 35  
ARG HH11 H N N 36  
ARG HH12 H N N 37  
ARG HH21 H N N 38  
ARG HH22 H N N 39  
ARG HXT  H N N 40  
ASN N    N N N 41  
ASN CA   C N S 42  
ASN C    C N N 43  
ASN O    O N N 44  
ASN CB   C N N 45  
ASN CG   C N N 46  
ASN OD1  O N N 47  
ASN ND2  N N N 48  
ASN OXT  O N N 49  
ASN H    H N N 50  
ASN H2   H N N 51  
ASN HA   H N N 52  
ASN HB2  H N N 53  
ASN HB3  H N N 54  
ASN HD21 H N N 55  
ASN HD22 H N N 56  
ASN HXT  H N N 57  
ASP N    N N N 58  
ASP CA   C N S 59  
ASP C    C N N 60  
ASP O    O N N 61  
ASP CB   C N N 62  
ASP CG   C N N 63  
ASP OD1  O N N 64  
ASP OD2  O N N 65  
ASP OXT  O N N 66  
ASP H    H N N 67  
ASP H2   H N N 68  
ASP HA   H N N 69  
ASP HB2  H N N 70  
ASP HB3  H N N 71  
ASP HD2  H N N 72  
ASP HXT  H N N 73  
GLN N    N N N 74  
GLN CA   C N S 75  
GLN C    C N N 76  
GLN O    O N N 77  
GLN CB   C N N 78  
GLN CG   C N N 79  
GLN CD   C N N 80  
GLN OE1  O N N 81  
GLN NE2  N N N 82  
GLN OXT  O N N 83  
GLN H    H N N 84  
GLN H2   H N N 85  
GLN HA   H N N 86  
GLN HB2  H N N 87  
GLN HB3  H N N 88  
GLN HG2  H N N 89  
GLN HG3  H N N 90  
GLN HE21 H N N 91  
GLN HE22 H N N 92  
GLN HXT  H N N 93  
GLU N    N N N 94  
GLU CA   C N S 95  
GLU C    C N N 96  
GLU O    O N N 97  
GLU CB   C N N 98  
GLU CG   C N N 99  
GLU CD   C N N 100 
GLU OE1  O N N 101 
GLU OE2  O N N 102 
GLU OXT  O N N 103 
GLU H    H N N 104 
GLU H2   H N N 105 
GLU HA   H N N 106 
GLU HB2  H N N 107 
GLU HB3  H N N 108 
GLU HG2  H N N 109 
GLU HG3  H N N 110 
GLU HE2  H N N 111 
GLU HXT  H N N 112 
GLY N    N N N 113 
GLY CA   C N N 114 
GLY C    C N N 115 
GLY O    O N N 116 
GLY OXT  O N N 117 
GLY H    H N N 118 
GLY H2   H N N 119 
GLY HA2  H N N 120 
GLY HA3  H N N 121 
GLY HXT  H N N 122 
HIS N    N N N 123 
HIS CA   C N S 124 
HIS C    C N N 125 
HIS O    O N N 126 
HIS CB   C N N 127 
HIS CG   C Y N 128 
HIS ND1  N Y N 129 
HIS CD2  C Y N 130 
HIS CE1  C Y N 131 
HIS NE2  N Y N 132 
HIS OXT  O N N 133 
HIS H    H N N 134 
HIS H2   H N N 135 
HIS HA   H N N 136 
HIS HB2  H N N 137 
HIS HB3  H N N 138 
HIS HD1  H N N 139 
HIS HD2  H N N 140 
HIS HE1  H N N 141 
HIS HE2  H N N 142 
HIS HXT  H N N 143 
HOH O    O N N 144 
HOH H1   H N N 145 
HOH H2   H N N 146 
ILE N    N N N 147 
ILE CA   C N S 148 
ILE C    C N N 149 
ILE O    O N N 150 
ILE CB   C N S 151 
ILE CG1  C N N 152 
ILE CG2  C N N 153 
ILE CD1  C N N 154 
ILE OXT  O N N 155 
ILE H    H N N 156 
ILE H2   H N N 157 
ILE HA   H N N 158 
ILE HB   H N N 159 
ILE HG12 H N N 160 
ILE HG13 H N N 161 
ILE HG21 H N N 162 
ILE HG22 H N N 163 
ILE HG23 H N N 164 
ILE HD11 H N N 165 
ILE HD12 H N N 166 
ILE HD13 H N N 167 
ILE HXT  H N N 168 
LEU N    N N N 169 
LEU CA   C N S 170 
LEU C    C N N 171 
LEU O    O N N 172 
LEU CB   C N N 173 
LEU CG   C N N 174 
LEU CD1  C N N 175 
LEU CD2  C N N 176 
LEU OXT  O N N 177 
LEU H    H N N 178 
LEU H2   H N N 179 
LEU HA   H N N 180 
LEU HB2  H N N 181 
LEU HB3  H N N 182 
LEU HG   H N N 183 
LEU HD11 H N N 184 
LEU HD12 H N N 185 
LEU HD13 H N N 186 
LEU HD21 H N N 187 
LEU HD22 H N N 188 
LEU HD23 H N N 189 
LEU HXT  H N N 190 
LYS N    N N N 191 
LYS CA   C N S 192 
LYS C    C N N 193 
LYS O    O N N 194 
LYS CB   C N N 195 
LYS CG   C N N 196 
LYS CD   C N N 197 
LYS CE   C N N 198 
LYS NZ   N N N 199 
LYS OXT  O N N 200 
LYS H    H N N 201 
LYS H2   H N N 202 
LYS HA   H N N 203 
LYS HB2  H N N 204 
LYS HB3  H N N 205 
LYS HG2  H N N 206 
LYS HG3  H N N 207 
LYS HD2  H N N 208 
LYS HD3  H N N 209 
LYS HE2  H N N 210 
LYS HE3  H N N 211 
LYS HZ1  H N N 212 
LYS HZ2  H N N 213 
LYS HZ3  H N N 214 
LYS HXT  H N N 215 
MET N    N N N 216 
MET CA   C N S 217 
MET C    C N N 218 
MET O    O N N 219 
MET CB   C N N 220 
MET CG   C N N 221 
MET SD   S N N 222 
MET CE   C N N 223 
MET OXT  O N N 224 
MET H    H N N 225 
MET H2   H N N 226 
MET HA   H N N 227 
MET HB2  H N N 228 
MET HB3  H N N 229 
MET HG2  H N N 230 
MET HG3  H N N 231 
MET HE1  H N N 232 
MET HE2  H N N 233 
MET HE3  H N N 234 
MET HXT  H N N 235 
PHE N    N N N 236 
PHE CA   C N S 237 
PHE C    C N N 238 
PHE O    O N N 239 
PHE CB   C N N 240 
PHE CG   C Y N 241 
PHE CD1  C Y N 242 
PHE CD2  C Y N 243 
PHE CE1  C Y N 244 
PHE CE2  C Y N 245 
PHE CZ   C Y N 246 
PHE OXT  O N N 247 
PHE H    H N N 248 
PHE H2   H N N 249 
PHE HA   H N N 250 
PHE HB2  H N N 251 
PHE HB3  H N N 252 
PHE HD1  H N N 253 
PHE HD2  H N N 254 
PHE HE1  H N N 255 
PHE HE2  H N N 256 
PHE HZ   H N N 257 
PHE HXT  H N N 258 
PRO N    N N N 259 
PRO CA   C N S 260 
PRO C    C N N 261 
PRO O    O N N 262 
PRO CB   C N N 263 
PRO CG   C N N 264 
PRO CD   C N N 265 
PRO OXT  O N N 266 
PRO H    H N N 267 
PRO HA   H N N 268 
PRO HB2  H N N 269 
PRO HB3  H N N 270 
PRO HG2  H N N 271 
PRO HG3  H N N 272 
PRO HD2  H N N 273 
PRO HD3  H N N 274 
PRO HXT  H N N 275 
SER N    N N N 276 
SER CA   C N S 277 
SER C    C N N 278 
SER O    O N N 279 
SER CB   C N N 280 
SER OG   O N N 281 
SER OXT  O N N 282 
SER H    H N N 283 
SER H2   H N N 284 
SER HA   H N N 285 
SER HB2  H N N 286 
SER HB3  H N N 287 
SER HG   H N N 288 
SER HXT  H N N 289 
THR N    N N N 290 
THR CA   C N S 291 
THR C    C N N 292 
THR O    O N N 293 
THR CB   C N R 294 
THR OG1  O N N 295 
THR CG2  C N N 296 
THR OXT  O N N 297 
THR H    H N N 298 
THR H2   H N N 299 
THR HA   H N N 300 
THR HB   H N N 301 
THR HG1  H N N 302 
THR HG21 H N N 303 
THR HG22 H N N 304 
THR HG23 H N N 305 
THR HXT  H N N 306 
TRP N    N N N 307 
TRP CA   C N S 308 
TRP C    C N N 309 
TRP O    O N N 310 
TRP CB   C N N 311 
TRP CG   C Y N 312 
TRP CD1  C Y N 313 
TRP CD2  C Y N 314 
TRP NE1  N Y N 315 
TRP CE2  C Y N 316 
TRP CE3  C Y N 317 
TRP CZ2  C Y N 318 
TRP CZ3  C Y N 319 
TRP CH2  C Y N 320 
TRP OXT  O N N 321 
TRP H    H N N 322 
TRP H2   H N N 323 
TRP HA   H N N 324 
TRP HB2  H N N 325 
TRP HB3  H N N 326 
TRP HD1  H N N 327 
TRP HE1  H N N 328 
TRP HE3  H N N 329 
TRP HZ2  H N N 330 
TRP HZ3  H N N 331 
TRP HH2  H N N 332 
TRP HXT  H N N 333 
TYR N    N N N 334 
TYR CA   C N S 335 
TYR C    C N N 336 
TYR O    O N N 337 
TYR CB   C N N 338 
TYR CG   C Y N 339 
TYR CD1  C Y N 340 
TYR CD2  C Y N 341 
TYR CE1  C Y N 342 
TYR CE2  C Y N 343 
TYR CZ   C Y N 344 
TYR OH   O N N 345 
TYR OXT  O N N 346 
TYR H    H N N 347 
TYR H2   H N N 348 
TYR HA   H N N 349 
TYR HB2  H N N 350 
TYR HB3  H N N 351 
TYR HD1  H N N 352 
TYR HD2  H N N 353 
TYR HE1  H N N 354 
TYR HE2  H N N 355 
TYR HH   H N N 356 
TYR HXT  H N N 357 
VAL N    N N N 358 
VAL CA   C N S 359 
VAL C    C N N 360 
VAL O    O N N 361 
VAL CB   C N N 362 
VAL CG1  C N N 363 
VAL CG2  C N N 364 
VAL OXT  O N N 365 
VAL H    H N N 366 
VAL H2   H N N 367 
VAL HA   H N N 368 
VAL HB   H N N 369 
VAL HG11 H N N 370 
VAL HG12 H N N 371 
VAL HG13 H N N 372 
VAL HG21 H N N 373 
VAL HG22 H N N 374 
VAL HG23 H N N 375 
VAL HXT  H N N 376 
# 
loop_
_chem_comp_bond.comp_id 
_chem_comp_bond.atom_id_1 
_chem_comp_bond.atom_id_2 
_chem_comp_bond.value_order 
_chem_comp_bond.pdbx_aromatic_flag 
_chem_comp_bond.pdbx_stereo_config 
_chem_comp_bond.pdbx_ordinal 
ALA N   CA   sing N N 1   
ALA N   H    sing N N 2   
ALA N   H2   sing N N 3   
ALA CA  C    sing N N 4   
ALA CA  CB   sing N N 5   
ALA CA  HA   sing N N 6   
ALA C   O    doub N N 7   
ALA C   OXT  sing N N 8   
ALA CB  HB1  sing N N 9   
ALA CB  HB2  sing N N 10  
ALA CB  HB3  sing N N 11  
ALA OXT HXT  sing N N 12  
ARG N   CA   sing N N 13  
ARG N   H    sing N N 14  
ARG N   H2   sing N N 15  
ARG CA  C    sing N N 16  
ARG CA  CB   sing N N 17  
ARG CA  HA   sing N N 18  
ARG C   O    doub N N 19  
ARG C   OXT  sing N N 20  
ARG CB  CG   sing N N 21  
ARG CB  HB2  sing N N 22  
ARG CB  HB3  sing N N 23  
ARG CG  CD   sing N N 24  
ARG CG  HG2  sing N N 25  
ARG CG  HG3  sing N N 26  
ARG CD  NE   sing N N 27  
ARG CD  HD2  sing N N 28  
ARG CD  HD3  sing N N 29  
ARG NE  CZ   sing N N 30  
ARG NE  HE   sing N N 31  
ARG CZ  NH1  sing N N 32  
ARG CZ  NH2  doub N N 33  
ARG NH1 HH11 sing N N 34  
ARG NH1 HH12 sing N N 35  
ARG NH2 HH21 sing N N 36  
ARG NH2 HH22 sing N N 37  
ARG OXT HXT  sing N N 38  
ASN N   CA   sing N N 39  
ASN N   H    sing N N 40  
ASN N   H2   sing N N 41  
ASN CA  C    sing N N 42  
ASN CA  CB   sing N N 43  
ASN CA  HA   sing N N 44  
ASN C   O    doub N N 45  
ASN C   OXT  sing N N 46  
ASN CB  CG   sing N N 47  
ASN CB  HB2  sing N N 48  
ASN CB  HB3  sing N N 49  
ASN CG  OD1  doub N N 50  
ASN CG  ND2  sing N N 51  
ASN ND2 HD21 sing N N 52  
ASN ND2 HD22 sing N N 53  
ASN OXT HXT  sing N N 54  
ASP N   CA   sing N N 55  
ASP N   H    sing N N 56  
ASP N   H2   sing N N 57  
ASP CA  C    sing N N 58  
ASP CA  CB   sing N N 59  
ASP CA  HA   sing N N 60  
ASP C   O    doub N N 61  
ASP C   OXT  sing N N 62  
ASP CB  CG   sing N N 63  
ASP CB  HB2  sing N N 64  
ASP CB  HB3  sing N N 65  
ASP CG  OD1  doub N N 66  
ASP CG  OD2  sing N N 67  
ASP OD2 HD2  sing N N 68  
ASP OXT HXT  sing N N 69  
GLN N   CA   sing N N 70  
GLN N   H    sing N N 71  
GLN N   H2   sing N N 72  
GLN CA  C    sing N N 73  
GLN CA  CB   sing N N 74  
GLN CA  HA   sing N N 75  
GLN C   O    doub N N 76  
GLN C   OXT  sing N N 77  
GLN CB  CG   sing N N 78  
GLN CB  HB2  sing N N 79  
GLN CB  HB3  sing N N 80  
GLN CG  CD   sing N N 81  
GLN CG  HG2  sing N N 82  
GLN CG  HG3  sing N N 83  
GLN CD  OE1  doub N N 84  
GLN CD  NE2  sing N N 85  
GLN NE2 HE21 sing N N 86  
GLN NE2 HE22 sing N N 87  
GLN OXT HXT  sing N N 88  
GLU N   CA   sing N N 89  
GLU N   H    sing N N 90  
GLU N   H2   sing N N 91  
GLU CA  C    sing N N 92  
GLU CA  CB   sing N N 93  
GLU CA  HA   sing N N 94  
GLU C   O    doub N N 95  
GLU C   OXT  sing N N 96  
GLU CB  CG   sing N N 97  
GLU CB  HB2  sing N N 98  
GLU CB  HB3  sing N N 99  
GLU CG  CD   sing N N 100 
GLU CG  HG2  sing N N 101 
GLU CG  HG3  sing N N 102 
GLU CD  OE1  doub N N 103 
GLU CD  OE2  sing N N 104 
GLU OE2 HE2  sing N N 105 
GLU OXT HXT  sing N N 106 
GLY N   CA   sing N N 107 
GLY N   H    sing N N 108 
GLY N   H2   sing N N 109 
GLY CA  C    sing N N 110 
GLY CA  HA2  sing N N 111 
GLY CA  HA3  sing N N 112 
GLY C   O    doub N N 113 
GLY C   OXT  sing N N 114 
GLY OXT HXT  sing N N 115 
HIS N   CA   sing N N 116 
HIS N   H    sing N N 117 
HIS N   H2   sing N N 118 
HIS CA  C    sing N N 119 
HIS CA  CB   sing N N 120 
HIS CA  HA   sing N N 121 
HIS C   O    doub N N 122 
HIS C   OXT  sing N N 123 
HIS CB  CG   sing N N 124 
HIS CB  HB2  sing N N 125 
HIS CB  HB3  sing N N 126 
HIS CG  ND1  sing Y N 127 
HIS CG  CD2  doub Y N 128 
HIS ND1 CE1  doub Y N 129 
HIS ND1 HD1  sing N N 130 
HIS CD2 NE2  sing Y N 131 
HIS CD2 HD2  sing N N 132 
HIS CE1 NE2  sing Y N 133 
HIS CE1 HE1  sing N N 134 
HIS NE2 HE2  sing N N 135 
HIS OXT HXT  sing N N 136 
HOH O   H1   sing N N 137 
HOH O   H2   sing N N 138 
ILE N   CA   sing N N 139 
ILE N   H    sing N N 140 
ILE N   H2   sing N N 141 
ILE CA  C    sing N N 142 
ILE CA  CB   sing N N 143 
ILE CA  HA   sing N N 144 
ILE C   O    doub N N 145 
ILE C   OXT  sing N N 146 
ILE CB  CG1  sing N N 147 
ILE CB  CG2  sing N N 148 
ILE CB  HB   sing N N 149 
ILE CG1 CD1  sing N N 150 
ILE CG1 HG12 sing N N 151 
ILE CG1 HG13 sing N N 152 
ILE CG2 HG21 sing N N 153 
ILE CG2 HG22 sing N N 154 
ILE CG2 HG23 sing N N 155 
ILE CD1 HD11 sing N N 156 
ILE CD1 HD12 sing N N 157 
ILE CD1 HD13 sing N N 158 
ILE OXT HXT  sing N N 159 
LEU N   CA   sing N N 160 
LEU N   H    sing N N 161 
LEU N   H2   sing N N 162 
LEU CA  C    sing N N 163 
LEU CA  CB   sing N N 164 
LEU CA  HA   sing N N 165 
LEU C   O    doub N N 166 
LEU C   OXT  sing N N 167 
LEU CB  CG   sing N N 168 
LEU CB  HB2  sing N N 169 
LEU CB  HB3  sing N N 170 
LEU CG  CD1  sing N N 171 
LEU CG  CD2  sing N N 172 
LEU CG  HG   sing N N 173 
LEU CD1 HD11 sing N N 174 
LEU CD1 HD12 sing N N 175 
LEU CD1 HD13 sing N N 176 
LEU CD2 HD21 sing N N 177 
LEU CD2 HD22 sing N N 178 
LEU CD2 HD23 sing N N 179 
LEU OXT HXT  sing N N 180 
LYS N   CA   sing N N 181 
LYS N   H    sing N N 182 
LYS N   H2   sing N N 183 
LYS CA  C    sing N N 184 
LYS CA  CB   sing N N 185 
LYS CA  HA   sing N N 186 
LYS C   O    doub N N 187 
LYS C   OXT  sing N N 188 
LYS CB  CG   sing N N 189 
LYS CB  HB2  sing N N 190 
LYS CB  HB3  sing N N 191 
LYS CG  CD   sing N N 192 
LYS CG  HG2  sing N N 193 
LYS CG  HG3  sing N N 194 
LYS CD  CE   sing N N 195 
LYS CD  HD2  sing N N 196 
LYS CD  HD3  sing N N 197 
LYS CE  NZ   sing N N 198 
LYS CE  HE2  sing N N 199 
LYS CE  HE3  sing N N 200 
LYS NZ  HZ1  sing N N 201 
LYS NZ  HZ2  sing N N 202 
LYS NZ  HZ3  sing N N 203 
LYS OXT HXT  sing N N 204 
MET N   CA   sing N N 205 
MET N   H    sing N N 206 
MET N   H2   sing N N 207 
MET CA  C    sing N N 208 
MET CA  CB   sing N N 209 
MET CA  HA   sing N N 210 
MET C   O    doub N N 211 
MET C   OXT  sing N N 212 
MET CB  CG   sing N N 213 
MET CB  HB2  sing N N 214 
MET CB  HB3  sing N N 215 
MET CG  SD   sing N N 216 
MET CG  HG2  sing N N 217 
MET CG  HG3  sing N N 218 
MET SD  CE   sing N N 219 
MET CE  HE1  sing N N 220 
MET CE  HE2  sing N N 221 
MET CE  HE3  sing N N 222 
MET OXT HXT  sing N N 223 
PHE N   CA   sing N N 224 
PHE N   H    sing N N 225 
PHE N   H2   sing N N 226 
PHE CA  C    sing N N 227 
PHE CA  CB   sing N N 228 
PHE CA  HA   sing N N 229 
PHE C   O    doub N N 230 
PHE C   OXT  sing N N 231 
PHE CB  CG   sing N N 232 
PHE CB  HB2  sing N N 233 
PHE CB  HB3  sing N N 234 
PHE CG  CD1  doub Y N 235 
PHE CG  CD2  sing Y N 236 
PHE CD1 CE1  sing Y N 237 
PHE CD1 HD1  sing N N 238 
PHE CD2 CE2  doub Y N 239 
PHE CD2 HD2  sing N N 240 
PHE CE1 CZ   doub Y N 241 
PHE CE1 HE1  sing N N 242 
PHE CE2 CZ   sing Y N 243 
PHE CE2 HE2  sing N N 244 
PHE CZ  HZ   sing N N 245 
PHE OXT HXT  sing N N 246 
PRO N   CA   sing N N 247 
PRO N   CD   sing N N 248 
PRO N   H    sing N N 249 
PRO CA  C    sing N N 250 
PRO CA  CB   sing N N 251 
PRO CA  HA   sing N N 252 
PRO C   O    doub N N 253 
PRO C   OXT  sing N N 254 
PRO CB  CG   sing N N 255 
PRO CB  HB2  sing N N 256 
PRO CB  HB3  sing N N 257 
PRO CG  CD   sing N N 258 
PRO CG  HG2  sing N N 259 
PRO CG  HG3  sing N N 260 
PRO CD  HD2  sing N N 261 
PRO CD  HD3  sing N N 262 
PRO OXT HXT  sing N N 263 
SER N   CA   sing N N 264 
SER N   H    sing N N 265 
SER N   H2   sing N N 266 
SER CA  C    sing N N 267 
SER CA  CB   sing N N 268 
SER CA  HA   sing N N 269 
SER C   O    doub N N 270 
SER C   OXT  sing N N 271 
SER CB  OG   sing N N 272 
SER CB  HB2  sing N N 273 
SER CB  HB3  sing N N 274 
SER OG  HG   sing N N 275 
SER OXT HXT  sing N N 276 
THR N   CA   sing N N 277 
THR N   H    sing N N 278 
THR N   H2   sing N N 279 
THR CA  C    sing N N 280 
THR CA  CB   sing N N 281 
THR CA  HA   sing N N 282 
THR C   O    doub N N 283 
THR C   OXT  sing N N 284 
THR CB  OG1  sing N N 285 
THR CB  CG2  sing N N 286 
THR CB  HB   sing N N 287 
THR OG1 HG1  sing N N 288 
THR CG2 HG21 sing N N 289 
THR CG2 HG22 sing N N 290 
THR CG2 HG23 sing N N 291 
THR OXT HXT  sing N N 292 
TRP N   CA   sing N N 293 
TRP N   H    sing N N 294 
TRP N   H2   sing N N 295 
TRP CA  C    sing N N 296 
TRP CA  CB   sing N N 297 
TRP CA  HA   sing N N 298 
TRP C   O    doub N N 299 
TRP C   OXT  sing N N 300 
TRP CB  CG   sing N N 301 
TRP CB  HB2  sing N N 302 
TRP CB  HB3  sing N N 303 
TRP CG  CD1  doub Y N 304 
TRP CG  CD2  sing Y N 305 
TRP CD1 NE1  sing Y N 306 
TRP CD1 HD1  sing N N 307 
TRP CD2 CE2  doub Y N 308 
TRP CD2 CE3  sing Y N 309 
TRP NE1 CE2  sing Y N 310 
TRP NE1 HE1  sing N N 311 
TRP CE2 CZ2  sing Y N 312 
TRP CE3 CZ3  doub Y N 313 
TRP CE3 HE3  sing N N 314 
TRP CZ2 CH2  doub Y N 315 
TRP CZ2 HZ2  sing N N 316 
TRP CZ3 CH2  sing Y N 317 
TRP CZ3 HZ3  sing N N 318 
TRP CH2 HH2  sing N N 319 
TRP OXT HXT  sing N N 320 
TYR N   CA   sing N N 321 
TYR N   H    sing N N 322 
TYR N   H2   sing N N 323 
TYR CA  C    sing N N 324 
TYR CA  CB   sing N N 325 
TYR CA  HA   sing N N 326 
TYR C   O    doub N N 327 
TYR C   OXT  sing N N 328 
TYR CB  CG   sing N N 329 
TYR CB  HB2  sing N N 330 
TYR CB  HB3  sing N N 331 
TYR CG  CD1  doub Y N 332 
TYR CG  CD2  sing Y N 333 
TYR CD1 CE1  sing Y N 334 
TYR CD1 HD1  sing N N 335 
TYR CD2 CE2  doub Y N 336 
TYR CD2 HD2  sing N N 337 
TYR CE1 CZ   doub Y N 338 
TYR CE1 HE1  sing N N 339 
TYR CE2 CZ   sing Y N 340 
TYR CE2 HE2  sing N N 341 
TYR CZ  OH   sing N N 342 
TYR OH  HH   sing N N 343 
TYR OXT HXT  sing N N 344 
VAL N   CA   sing N N 345 
VAL N   H    sing N N 346 
VAL N   H2   sing N N 347 
VAL CA  C    sing N N 348 
VAL CA  CB   sing N N 349 
VAL CA  HA   sing N N 350 
VAL C   O    doub N N 351 
VAL C   OXT  sing N N 352 
VAL CB  CG1  sing N N 353 
VAL CB  CG2  sing N N 354 
VAL CB  HB   sing N N 355 
VAL CG1 HG11 sing N N 356 
VAL CG1 HG12 sing N N 357 
VAL CG1 HG13 sing N N 358 
VAL CG2 HG21 sing N N 359 
VAL CG2 HG22 sing N N 360 
VAL CG2 HG23 sing N N 361 
VAL OXT HXT  sing N N 362 
# 
_pdbx_entity_nonpoly.entity_id   2 
_pdbx_entity_nonpoly.name        water 
_pdbx_entity_nonpoly.comp_id     HOH 
# 
_pdbx_initial_refinement_model.id               1 
_pdbx_initial_refinement_model.entity_id_list   ? 
_pdbx_initial_refinement_model.type             'experimental model' 
_pdbx_initial_refinement_model.source_name      PDB 
_pdbx_initial_refinement_model.accession_code   1J3W 
_pdbx_initial_refinement_model.details          ? 
# 
